data_5R4H
# 
_entry.id   5R4H 
# 
_audit_conform.dict_name       mmcif_pdbx.dic 
_audit_conform.dict_version    5.387 
_audit_conform.dict_location   http://mmcif.pdb.org/dictionaries/ascii/mmcif_pdbx.dic 
# 
loop_
_database_2.database_id 
_database_2.database_code 
_database_2.pdbx_database_accession 
_database_2.pdbx_DOI 
PDB   5R4H         pdb_00005r4h 10.2210/pdb5r4h/pdb 
WWPDB D_1001402758 ?            ?                   
# 
loop_
_pdbx_audit_revision_history.ordinal 
_pdbx_audit_revision_history.data_content_type 
_pdbx_audit_revision_history.major_revision 
_pdbx_audit_revision_history.minor_revision 
_pdbx_audit_revision_history.revision_date 
1 'Structure model' 1 0 2020-04-01 
2 'Structure model' 1 1 2024-03-06 
# 
_pdbx_audit_revision_details.ordinal             1 
_pdbx_audit_revision_details.revision_ordinal    1 
_pdbx_audit_revision_details.data_content_type   'Structure model' 
_pdbx_audit_revision_details.provider            repository 
_pdbx_audit_revision_details.type                'Initial release' 
_pdbx_audit_revision_details.description         ? 
_pdbx_audit_revision_details.details             ? 
# 
loop_
_pdbx_audit_revision_group.ordinal 
_pdbx_audit_revision_group.revision_ordinal 
_pdbx_audit_revision_group.data_content_type 
_pdbx_audit_revision_group.group 
1 2 'Structure model' 'Data collection'     
2 2 'Structure model' 'Database references' 
# 
loop_
_pdbx_audit_revision_category.ordinal 
_pdbx_audit_revision_category.revision_ordinal 
_pdbx_audit_revision_category.data_content_type 
_pdbx_audit_revision_category.category 
1 2 'Structure model' chem_comp_atom 
2 2 'Structure model' chem_comp_bond 
3 2 'Structure model' database_2     
# 
loop_
_pdbx_audit_revision_item.ordinal 
_pdbx_audit_revision_item.revision_ordinal 
_pdbx_audit_revision_item.data_content_type 
_pdbx_audit_revision_item.item 
1 2 'Structure model' '_database_2.pdbx_DOI'                
2 2 'Structure model' '_database_2.pdbx_database_accession' 
# 
_pdbx_database_status.entry_id                        5R4H 
_pdbx_database_status.status_code                     REL 
_pdbx_database_status.status_code_sf                  REL 
_pdbx_database_status.status_code_mr                  ? 
_pdbx_database_status.status_code_cs                  ? 
_pdbx_database_status.recvd_initial_deposition_date   2020-02-24 
_pdbx_database_status.deposit_site                    RCSB 
_pdbx_database_status.process_site                    RCSB 
_pdbx_database_status.SG_entry                        ? 
_pdbx_database_status.pdb_format_compatible           Y 
_pdbx_database_status.methods_development_category    ? 
_pdbx_database_status.status_code_nmr_data            ? 
# 
loop_
_audit_author.name 
_audit_author.pdbx_ordinal 
_audit_author.identifier_ORCID 
'Talon, R.'        1  ? 
'Krojer, T.'       2  ? 
'Fairhead, M.'     3  ? 
'Sethi, R.'        4  ? 
'Bradley, A.R.'    5  ? 
'Aimon, A.'        6  ? 
'Collins, P.'      7  ? 
'Brandao-Neto, J.' 8  ? 
'Douangamath, A.'  9  ? 
'Wright, N.'       10 ? 
'MacLean, E.'      11 ? 
'Renjie, Z.'       12 ? 
'Dias, A.'         13 ? 
'Brennan, P.E.'    14 ? 
'Bountra, C.'      15 ? 
'Arrowsmith, C.H.' 16 ? 
'Edwards, A.'      17 ? 
'von Delft, F.'    18 ? 
# 
_citation.id                        primary 
_citation.title                     'PanDDA analysis group deposition' 
_citation.journal_abbrev            'To Be Published' 
_citation.journal_volume            ? 
_citation.page_first                ? 
_citation.page_last                 ? 
_citation.year                      ? 
_citation.journal_id_ASTM           ? 
_citation.country                   ? 
_citation.journal_id_ISSN           ? 
_citation.journal_id_CSD            0353 
_citation.book_publisher            ? 
_citation.pdbx_database_id_PubMed   ? 
_citation.pdbx_database_id_DOI      ? 
# 
loop_
_citation_author.citation_id 
_citation_author.name 
_citation_author.identifier_ORCID 
_citation_author.ordinal 
primary 'Talon, R.'        ? 1  
primary 'Krojer, T.'       ? 2  
primary 'Fairhead, M.'     ? 3  
primary 'Sethi, R.'        ? 4  
primary 'Bradley, A.R.'    ? 5  
primary 'Aimon, A.'        ? 6  
primary 'Collins, P.'      ? 7  
primary 'Brandao-Neto, J.' ? 8  
primary 'Douangamath, A.'  ? 9  
primary 'Wright, N.'       ? 10 
primary 'MacLean, E.'      ? 11 
primary 'Renjie, Z.'       ? 12 
primary 'Dias, A.'         ? 13 
primary 'Brennan, P.E.'    ? 14 
primary 'Bountra, C.'      ? 15 
primary 'Arrowsmith, C.H.' ? 16 
primary 'Edwards, A.'      ? 17 
primary 'von Delft, F.'    ? 18 
# 
loop_
_entity.id 
_entity.type 
_entity.src_method 
_entity.pdbx_description 
_entity.formula_weight 
_entity.pdbx_number_of_molecules 
_entity.pdbx_ec 
_entity.pdbx_mutation 
_entity.pdbx_fragment 
_entity.details 
1 polymer     man 'Nucleosome-remodeling factor subunit BPTF'              14455.415 1   ? ? ? ? 
2 non-polymer syn 'DIMETHYL SULFOXIDE'                                     78.133    1   ? ? ? ? 
3 non-polymer syn 2-AMINO-2-HYDROXYMETHYL-PROPANE-1,3-DIOL                 122.143   1   ? ? ? ? 
4 non-polymer syn '~{N}-[2-(5-fluoranyl-1~{H}-indol-3-yl)ethyl]ethanamide' 220.243   1   ? ? ? ? 
5 water       nat water                                                    18.015    155 ? ? ? ? 
# 
_entity_name_com.entity_id   1 
_entity_name_com.name        
'Bromodomain and PHD finger-containing transcription factor,Fetal Alz-50 clone 1 protein,Fetal Alzheimer antigen' 
# 
_entity_poly.entity_id                      1 
_entity_poly.type                           'polypeptide(L)' 
_entity_poly.nstd_linkage                   no 
_entity_poly.nstd_monomer                   no 
_entity_poly.pdbx_seq_one_letter_code       
;SMSTEDAMTVLTPLTEKDYEGLKRVLRSLQAHKMAWPFLEPVDPNDAPDYYGVIKEPMDLATMEERVQRRYYEKLTEFVA
DMTKIFDNCRYYNPSDSPFYQCAEVLESFFVQKLKGFKASRSH
;
_entity_poly.pdbx_seq_one_letter_code_can   
;SMSTEDAMTVLTPLTEKDYEGLKRVLRSLQAHKMAWPFLEPVDPNDAPDYYGVIKEPMDLATMEERVQRRYYEKLTEFVA
DMTKIFDNCRYYNPSDSPFYQCAEVLESFFVQKLKGFKASRSH
;
_entity_poly.pdbx_strand_id                 A 
_entity_poly.pdbx_target_identifier         ? 
# 
loop_
_pdbx_entity_nonpoly.entity_id 
_pdbx_entity_nonpoly.name 
_pdbx_entity_nonpoly.comp_id 
2 'DIMETHYL SULFOXIDE'                                     DMS 
3 2-AMINO-2-HYDROXYMETHYL-PROPANE-1,3-DIOL                 TRS 
4 '~{N}-[2-(5-fluoranyl-1~{H}-indol-3-yl)ethyl]ethanamide' HWH 
5 water                                                    HOH 
# 
loop_
_entity_poly_seq.entity_id 
_entity_poly_seq.num 
_entity_poly_seq.mon_id 
_entity_poly_seq.hetero 
1 1   SER n 
1 2   MET n 
1 3   SER n 
1 4   THR n 
1 5   GLU n 
1 6   ASP n 
1 7   ALA n 
1 8   MET n 
1 9   THR n 
1 10  VAL n 
1 11  LEU n 
1 12  THR n 
1 13  PRO n 
1 14  LEU n 
1 15  THR n 
1 16  GLU n 
1 17  LYS n 
1 18  ASP n 
1 19  TYR n 
1 20  GLU n 
1 21  GLY n 
1 22  LEU n 
1 23  LYS n 
1 24  ARG n 
1 25  VAL n 
1 26  LEU n 
1 27  ARG n 
1 28  SER n 
1 29  LEU n 
1 30  GLN n 
1 31  ALA n 
1 32  HIS n 
1 33  LYS n 
1 34  MET n 
1 35  ALA n 
1 36  TRP n 
1 37  PRO n 
1 38  PHE n 
1 39  LEU n 
1 40  GLU n 
1 41  PRO n 
1 42  VAL n 
1 43  ASP n 
1 44  PRO n 
1 45  ASN n 
1 46  ASP n 
1 47  ALA n 
1 48  PRO n 
1 49  ASP n 
1 50  TYR n 
1 51  TYR n 
1 52  GLY n 
1 53  VAL n 
1 54  ILE n 
1 55  LYS n 
1 56  GLU n 
1 57  PRO n 
1 58  MET n 
1 59  ASP n 
1 60  LEU n 
1 61  ALA n 
1 62  THR n 
1 63  MET n 
1 64  GLU n 
1 65  GLU n 
1 66  ARG n 
1 67  VAL n 
1 68  GLN n 
1 69  ARG n 
1 70  ARG n 
1 71  TYR n 
1 72  TYR n 
1 73  GLU n 
1 74  LYS n 
1 75  LEU n 
1 76  THR n 
1 77  GLU n 
1 78  PHE n 
1 79  VAL n 
1 80  ALA n 
1 81  ASP n 
1 82  MET n 
1 83  THR n 
1 84  LYS n 
1 85  ILE n 
1 86  PHE n 
1 87  ASP n 
1 88  ASN n 
1 89  CYS n 
1 90  ARG n 
1 91  TYR n 
1 92  TYR n 
1 93  ASN n 
1 94  PRO n 
1 95  SER n 
1 96  ASP n 
1 97  SER n 
1 98  PRO n 
1 99  PHE n 
1 100 TYR n 
1 101 GLN n 
1 102 CYS n 
1 103 ALA n 
1 104 GLU n 
1 105 VAL n 
1 106 LEU n 
1 107 GLU n 
1 108 SER n 
1 109 PHE n 
1 110 PHE n 
1 111 VAL n 
1 112 GLN n 
1 113 LYS n 
1 114 LEU n 
1 115 LYS n 
1 116 GLY n 
1 117 PHE n 
1 118 LYS n 
1 119 ALA n 
1 120 SER n 
1 121 ARG n 
1 122 SER n 
1 123 HIS n 
# 
_entity_src_gen.entity_id                          1 
_entity_src_gen.pdbx_src_id                        1 
_entity_src_gen.pdbx_alt_source_flag               sample 
_entity_src_gen.pdbx_seq_type                      'Biological sequence' 
_entity_src_gen.pdbx_beg_seq_num                   1 
_entity_src_gen.pdbx_end_seq_num                   123 
_entity_src_gen.gene_src_common_name               Human 
_entity_src_gen.gene_src_genus                     ? 
_entity_src_gen.pdbx_gene_src_gene                 'BPTF, FAC1, FALZ' 
_entity_src_gen.gene_src_species                   ? 
_entity_src_gen.gene_src_strain                    ? 
_entity_src_gen.gene_src_tissue                    ? 
_entity_src_gen.gene_src_tissue_fraction           ? 
_entity_src_gen.gene_src_details                   ? 
_entity_src_gen.pdbx_gene_src_fragment             ? 
_entity_src_gen.pdbx_gene_src_scientific_name      'Homo sapiens' 
_entity_src_gen.pdbx_gene_src_ncbi_taxonomy_id     9606 
_entity_src_gen.pdbx_gene_src_variant              ? 
_entity_src_gen.pdbx_gene_src_cell_line            ? 
_entity_src_gen.pdbx_gene_src_atcc                 ? 
_entity_src_gen.pdbx_gene_src_organ                ? 
_entity_src_gen.pdbx_gene_src_organelle            ? 
_entity_src_gen.pdbx_gene_src_cell                 ? 
_entity_src_gen.pdbx_gene_src_cellular_location    ? 
_entity_src_gen.host_org_common_name               ? 
_entity_src_gen.pdbx_host_org_scientific_name      'Escherichia coli' 
_entity_src_gen.pdbx_host_org_ncbi_taxonomy_id     562 
_entity_src_gen.host_org_genus                     ? 
_entity_src_gen.pdbx_host_org_gene                 ? 
_entity_src_gen.pdbx_host_org_organ                ? 
_entity_src_gen.host_org_species                   ? 
_entity_src_gen.pdbx_host_org_tissue               ? 
_entity_src_gen.pdbx_host_org_tissue_fraction      ? 
_entity_src_gen.pdbx_host_org_strain               ? 
_entity_src_gen.pdbx_host_org_variant              ? 
_entity_src_gen.pdbx_host_org_cell_line            ? 
_entity_src_gen.pdbx_host_org_atcc                 ? 
_entity_src_gen.pdbx_host_org_culture_collection   ? 
_entity_src_gen.pdbx_host_org_cell                 ? 
_entity_src_gen.pdbx_host_org_organelle            ? 
_entity_src_gen.pdbx_host_org_cellular_location    ? 
_entity_src_gen.pdbx_host_org_vector_type          ? 
_entity_src_gen.pdbx_host_org_vector               ? 
_entity_src_gen.host_org_details                   ? 
_entity_src_gen.expression_system_id               ? 
_entity_src_gen.plasmid_name                       ? 
_entity_src_gen.plasmid_details                    ? 
_entity_src_gen.pdbx_description                   ? 
# 
loop_
_chem_comp.id 
_chem_comp.type 
_chem_comp.mon_nstd_flag 
_chem_comp.name 
_chem_comp.pdbx_synonyms 
_chem_comp.formula 
_chem_comp.formula_weight 
ALA 'L-peptide linking' y ALANINE                                                  ?             'C3 H7 N O2'     89.093  
ARG 'L-peptide linking' y ARGININE                                                 ?             'C6 H15 N4 O2 1' 175.209 
ASN 'L-peptide linking' y ASPARAGINE                                               ?             'C4 H8 N2 O3'    132.118 
ASP 'L-peptide linking' y 'ASPARTIC ACID'                                          ?             'C4 H7 N O4'     133.103 
CYS 'L-peptide linking' y CYSTEINE                                                 ?             'C3 H7 N O2 S'   121.158 
DMS non-polymer         . 'DIMETHYL SULFOXIDE'                                     ?             'C2 H6 O S'      78.133  
GLN 'L-peptide linking' y GLUTAMINE                                                ?             'C5 H10 N2 O3'   146.144 
GLU 'L-peptide linking' y 'GLUTAMIC ACID'                                          ?             'C5 H9 N O4'     147.129 
GLY 'peptide linking'   y GLYCINE                                                  ?             'C2 H5 N O2'     75.067  
HIS 'L-peptide linking' y HISTIDINE                                                ?             'C6 H10 N3 O2 1' 156.162 
HOH non-polymer         . WATER                                                    ?             'H2 O'           18.015  
HWH non-polymer         . '~{N}-[2-(5-fluoranyl-1~{H}-indol-3-yl)ethyl]ethanamide' ?             'C12 H13 F N2 O' 220.243 
ILE 'L-peptide linking' y ISOLEUCINE                                               ?             'C6 H13 N O2'    131.173 
LEU 'L-peptide linking' y LEUCINE                                                  ?             'C6 H13 N O2'    131.173 
LYS 'L-peptide linking' y LYSINE                                                   ?             'C6 H15 N2 O2 1' 147.195 
MET 'L-peptide linking' y METHIONINE                                               ?             'C5 H11 N O2 S'  149.211 
PHE 'L-peptide linking' y PHENYLALANINE                                            ?             'C9 H11 N O2'    165.189 
PRO 'L-peptide linking' y PROLINE                                                  ?             'C5 H9 N O2'     115.130 
SER 'L-peptide linking' y SERINE                                                   ?             'C3 H7 N O3'     105.093 
THR 'L-peptide linking' y THREONINE                                                ?             'C4 H9 N O3'     119.119 
TRP 'L-peptide linking' y TRYPTOPHAN                                               ?             'C11 H12 N2 O2'  204.225 
TRS non-polymer         . 2-AMINO-2-HYDROXYMETHYL-PROPANE-1,3-DIOL                 'TRIS BUFFER' 'C4 H12 N O3 1'  122.143 
TYR 'L-peptide linking' y TYROSINE                                                 ?             'C9 H11 N O3'    181.189 
VAL 'L-peptide linking' y VALINE                                                   ?             'C5 H11 N O2'    117.146 
# 
loop_
_pdbx_poly_seq_scheme.asym_id 
_pdbx_poly_seq_scheme.entity_id 
_pdbx_poly_seq_scheme.seq_id 
_pdbx_poly_seq_scheme.mon_id 
_pdbx_poly_seq_scheme.ndb_seq_num 
_pdbx_poly_seq_scheme.pdb_seq_num 
_pdbx_poly_seq_scheme.auth_seq_num 
_pdbx_poly_seq_scheme.pdb_mon_id 
_pdbx_poly_seq_scheme.auth_mon_id 
_pdbx_poly_seq_scheme.pdb_strand_id 
_pdbx_poly_seq_scheme.pdb_ins_code 
_pdbx_poly_seq_scheme.hetero 
A 1 1   SER 1   2789 ?    ?   ?   A . n 
A 1 2   MET 2   2790 ?    ?   ?   A . n 
A 1 3   SER 3   2791 ?    ?   ?   A . n 
A 1 4   THR 4   2792 ?    ?   ?   A . n 
A 1 5   GLU 5   2793 2793 GLU GLU A . n 
A 1 6   ASP 6   2794 2794 ASP ASP A . n 
A 1 7   ALA 7   2795 2795 ALA ALA A . n 
A 1 8   MET 8   2796 2796 MET MET A . n 
A 1 9   THR 9   2797 2797 THR THR A . n 
A 1 10  VAL 10  2798 2798 VAL VAL A . n 
A 1 11  LEU 11  2799 2799 LEU LEU A . n 
A 1 12  THR 12  2800 2800 THR THR A . n 
A 1 13  PRO 13  2801 2801 PRO PRO A . n 
A 1 14  LEU 14  2802 2802 LEU LEU A . n 
A 1 15  THR 15  2803 2803 THR THR A . n 
A 1 16  GLU 16  2804 2804 GLU GLU A . n 
A 1 17  LYS 17  2805 2805 LYS LYS A . n 
A 1 18  ASP 18  2806 2806 ASP ASP A . n 
A 1 19  TYR 19  2807 2807 TYR TYR A . n 
A 1 20  GLU 20  2808 2808 GLU GLU A . n 
A 1 21  GLY 21  2809 2809 GLY GLY A . n 
A 1 22  LEU 22  2810 2810 LEU LEU A . n 
A 1 23  LYS 23  2811 2811 LYS LYS A . n 
A 1 24  ARG 24  2812 2812 ARG ARG A . n 
A 1 25  VAL 25  2813 2813 VAL VAL A . n 
A 1 26  LEU 26  2814 2814 LEU LEU A . n 
A 1 27  ARG 27  2815 2815 ARG ARG A . n 
A 1 28  SER 28  2816 2816 SER SER A . n 
A 1 29  LEU 29  2817 2817 LEU LEU A . n 
A 1 30  GLN 30  2818 2818 GLN GLN A . n 
A 1 31  ALA 31  2819 2819 ALA ALA A . n 
A 1 32  HIS 32  2820 2820 HIS HIS A . n 
A 1 33  LYS 33  2821 2821 LYS LYS A . n 
A 1 34  MET 34  2822 2822 MET MET A . n 
A 1 35  ALA 35  2823 2823 ALA ALA A . n 
A 1 36  TRP 36  2824 2824 TRP TRP A . n 
A 1 37  PRO 37  2825 2825 PRO PRO A . n 
A 1 38  PHE 38  2826 2826 PHE PHE A . n 
A 1 39  LEU 39  2827 2827 LEU LEU A . n 
A 1 40  GLU 40  2828 2828 GLU GLU A . n 
A 1 41  PRO 41  2829 2829 PRO PRO A . n 
A 1 42  VAL 42  2830 2830 VAL VAL A . n 
A 1 43  ASP 43  2831 2831 ASP ASP A . n 
A 1 44  PRO 44  2832 2832 PRO PRO A . n 
A 1 45  ASN 45  2833 2833 ASN ASN A . n 
A 1 46  ASP 46  2834 2834 ASP ASP A . n 
A 1 47  ALA 47  2835 2835 ALA ALA A . n 
A 1 48  PRO 48  2836 2836 PRO PRO A . n 
A 1 49  ASP 49  2837 2837 ASP ASP A . n 
A 1 50  TYR 50  2838 2838 TYR TYR A . n 
A 1 51  TYR 51  2839 2839 TYR TYR A . n 
A 1 52  GLY 52  2840 2840 GLY GLY A . n 
A 1 53  VAL 53  2841 2841 VAL VAL A . n 
A 1 54  ILE 54  2842 2842 ILE ILE A . n 
A 1 55  LYS 55  2843 2843 LYS LYS A . n 
A 1 56  GLU 56  2844 2844 GLU GLU A . n 
A 1 57  PRO 57  2845 2845 PRO PRO A . n 
A 1 58  MET 58  2846 2846 MET MET A . n 
A 1 59  ASP 59  2847 2847 ASP ASP A . n 
A 1 60  LEU 60  2848 2848 LEU LEU A . n 
A 1 61  ALA 61  2849 2849 ALA ALA A . n 
A 1 62  THR 62  2850 2850 THR THR A . n 
A 1 63  MET 63  2851 2851 MET MET A . n 
A 1 64  GLU 64  2852 2852 GLU GLU A . n 
A 1 65  GLU 65  2853 2853 GLU GLU A . n 
A 1 66  ARG 66  2854 2854 ARG ARG A . n 
A 1 67  VAL 67  2855 2855 VAL VAL A . n 
A 1 68  GLN 68  2856 2856 GLN GLN A . n 
A 1 69  ARG 69  2857 2857 ARG ARG A . n 
A 1 70  ARG 70  2858 2858 ARG ARG A . n 
A 1 71  TYR 71  2859 2859 TYR TYR A . n 
A 1 72  TYR 72  2860 2860 TYR TYR A . n 
A 1 73  GLU 73  2861 2861 GLU GLU A . n 
A 1 74  LYS 74  2862 2862 LYS LYS A . n 
A 1 75  LEU 75  2863 2863 LEU LEU A . n 
A 1 76  THR 76  2864 2864 THR THR A . n 
A 1 77  GLU 77  2865 2865 GLU GLU A . n 
A 1 78  PHE 78  2866 2866 PHE PHE A . n 
A 1 79  VAL 79  2867 2867 VAL VAL A . n 
A 1 80  ALA 80  2868 2868 ALA ALA A . n 
A 1 81  ASP 81  2869 2869 ASP ASP A . n 
A 1 82  MET 82  2870 2870 MET MET A . n 
A 1 83  THR 83  2871 2871 THR THR A . n 
A 1 84  LYS 84  2872 2872 LYS LYS A . n 
A 1 85  ILE 85  2873 2873 ILE ILE A . n 
A 1 86  PHE 86  2874 2874 PHE PHE A . n 
A 1 87  ASP 87  2875 2875 ASP ASP A . n 
A 1 88  ASN 88  2876 2876 ASN ASN A . n 
A 1 89  CYS 89  2877 2877 CYS CYS A . n 
A 1 90  ARG 90  2878 2878 ARG ARG A . n 
A 1 91  TYR 91  2879 2879 TYR TYR A . n 
A 1 92  TYR 92  2880 2880 TYR TYR A . n 
A 1 93  ASN 93  2881 2881 ASN ASN A . n 
A 1 94  PRO 94  2882 2882 PRO PRO A . n 
A 1 95  SER 95  2883 2883 SER SER A . n 
A 1 96  ASP 96  2884 2884 ASP ASP A . n 
A 1 97  SER 97  2885 2885 SER SER A . n 
A 1 98  PRO 98  2886 2886 PRO PRO A . n 
A 1 99  PHE 99  2887 2887 PHE PHE A . n 
A 1 100 TYR 100 2888 2888 TYR TYR A . n 
A 1 101 GLN 101 2889 2889 GLN GLN A . n 
A 1 102 CYS 102 2890 2890 CYS CYS A . n 
A 1 103 ALA 103 2891 2891 ALA ALA A . n 
A 1 104 GLU 104 2892 2892 GLU GLU A . n 
A 1 105 VAL 105 2893 2893 VAL VAL A . n 
A 1 106 LEU 106 2894 2894 LEU LEU A . n 
A 1 107 GLU 107 2895 2895 GLU GLU A . n 
A 1 108 SER 108 2896 2896 SER SER A . n 
A 1 109 PHE 109 2897 2897 PHE PHE A . n 
A 1 110 PHE 110 2898 2898 PHE PHE A . n 
A 1 111 VAL 111 2899 2899 VAL VAL A . n 
A 1 112 GLN 112 2900 2900 GLN GLN A . n 
A 1 113 LYS 113 2901 2901 LYS LYS A . n 
A 1 114 LEU 114 2902 2902 LEU LEU A . n 
A 1 115 LYS 115 2903 2903 LYS LYS A . n 
A 1 116 GLY 116 2904 2904 GLY GLY A . n 
A 1 117 PHE 117 2905 2905 PHE PHE A . n 
A 1 118 LYS 118 2906 2906 LYS LYS A . n 
A 1 119 ALA 119 2907 2907 ALA ALA A . n 
A 1 120 SER 120 2908 2908 SER SER A . n 
A 1 121 ARG 121 2909 2909 ARG ARG A . n 
A 1 122 SER 122 2910 2910 SER SER A . n 
A 1 123 HIS 123 2911 2911 HIS HIS A . n 
# 
loop_
_pdbx_nonpoly_scheme.asym_id 
_pdbx_nonpoly_scheme.entity_id 
_pdbx_nonpoly_scheme.mon_id 
_pdbx_nonpoly_scheme.ndb_seq_num 
_pdbx_nonpoly_scheme.pdb_seq_num 
_pdbx_nonpoly_scheme.auth_seq_num 
_pdbx_nonpoly_scheme.pdb_mon_id 
_pdbx_nonpoly_scheme.auth_mon_id 
_pdbx_nonpoly_scheme.pdb_strand_id 
_pdbx_nonpoly_scheme.pdb_ins_code 
B 2 DMS 1   3001 2   DMS DMS A . 
C 3 TRS 1   3002 1   TRS TRS A . 
D 4 HWH 1   3003 1   HWH LIG A . 
E 5 HOH 1   3101 40  HOH HOH A . 
E 5 HOH 2   3102 147 HOH HOH A . 
E 5 HOH 3   3103 101 HOH HOH A . 
E 5 HOH 4   3104 29  HOH HOH A . 
E 5 HOH 5   3105 34  HOH HOH A . 
E 5 HOH 6   3106 33  HOH HOH A . 
E 5 HOH 7   3107 23  HOH HOH A . 
E 5 HOH 8   3108 153 HOH HOH A . 
E 5 HOH 9   3109 21  HOH HOH A . 
E 5 HOH 10  3110 1   HOH HOH A . 
E 5 HOH 11  3111 37  HOH HOH A . 
E 5 HOH 12  3112 98  HOH HOH A . 
E 5 HOH 13  3113 152 HOH HOH A . 
E 5 HOH 14  3114 103 HOH HOH A . 
E 5 HOH 15  3115 170 HOH HOH A . 
E 5 HOH 16  3116 44  HOH HOH A . 
E 5 HOH 17  3117 77  HOH HOH A . 
E 5 HOH 18  3118 20  HOH HOH A . 
E 5 HOH 19  3119 91  HOH HOH A . 
E 5 HOH 20  3120 53  HOH HOH A . 
E 5 HOH 21  3121 144 HOH HOH A . 
E 5 HOH 22  3122 163 HOH HOH A . 
E 5 HOH 23  3123 71  HOH HOH A . 
E 5 HOH 24  3124 141 HOH HOH A . 
E 5 HOH 25  3125 160 HOH HOH A . 
E 5 HOH 26  3126 128 HOH HOH A . 
E 5 HOH 27  3127 116 HOH HOH A . 
E 5 HOH 28  3128 157 HOH HOH A . 
E 5 HOH 29  3129 106 HOH HOH A . 
E 5 HOH 30  3130 8   HOH HOH A . 
E 5 HOH 31  3131 172 HOH HOH A . 
E 5 HOH 32  3132 38  HOH HOH A . 
E 5 HOH 33  3133 61  HOH HOH A . 
E 5 HOH 34  3134 78  HOH HOH A . 
E 5 HOH 35  3135 162 HOH HOH A . 
E 5 HOH 36  3136 80  HOH HOH A . 
E 5 HOH 37  3137 12  HOH HOH A . 
E 5 HOH 38  3138 19  HOH HOH A . 
E 5 HOH 39  3139 25  HOH HOH A . 
E 5 HOH 40  3140 4   HOH HOH A . 
E 5 HOH 41  3141 111 HOH HOH A . 
E 5 HOH 42  3142 59  HOH HOH A . 
E 5 HOH 43  3143 151 HOH HOH A . 
E 5 HOH 44  3144 92  HOH HOH A . 
E 5 HOH 45  3145 145 HOH HOH A . 
E 5 HOH 46  3146 104 HOH HOH A . 
E 5 HOH 47  3147 36  HOH HOH A . 
E 5 HOH 48  3148 54  HOH HOH A . 
E 5 HOH 49  3149 46  HOH HOH A . 
E 5 HOH 50  3150 52  HOH HOH A . 
E 5 HOH 51  3151 64  HOH HOH A . 
E 5 HOH 52  3152 65  HOH HOH A . 
E 5 HOH 53  3153 135 HOH HOH A . 
E 5 HOH 54  3154 117 HOH HOH A . 
E 5 HOH 55  3155 69  HOH HOH A . 
E 5 HOH 56  3156 26  HOH HOH A . 
E 5 HOH 57  3157 82  HOH HOH A . 
E 5 HOH 58  3158 18  HOH HOH A . 
E 5 HOH 59  3159 9   HOH HOH A . 
E 5 HOH 60  3160 118 HOH HOH A . 
E 5 HOH 61  3161 68  HOH HOH A . 
E 5 HOH 62  3162 62  HOH HOH A . 
E 5 HOH 63  3163 150 HOH HOH A . 
E 5 HOH 64  3164 16  HOH HOH A . 
E 5 HOH 65  3165 50  HOH HOH A . 
E 5 HOH 66  3166 94  HOH HOH A . 
E 5 HOH 67  3167 39  HOH HOH A . 
E 5 HOH 68  3168 47  HOH HOH A . 
E 5 HOH 69  3169 131 HOH HOH A . 
E 5 HOH 70  3170 113 HOH HOH A . 
E 5 HOH 71  3171 95  HOH HOH A . 
E 5 HOH 72  3172 146 HOH HOH A . 
E 5 HOH 73  3173 13  HOH HOH A . 
E 5 HOH 74  3174 45  HOH HOH A . 
E 5 HOH 75  3175 11  HOH HOH A . 
E 5 HOH 76  3176 122 HOH HOH A . 
E 5 HOH 77  3177 166 HOH HOH A . 
E 5 HOH 78  3178 79  HOH HOH A . 
E 5 HOH 79  3179 48  HOH HOH A . 
E 5 HOH 80  3180 17  HOH HOH A . 
E 5 HOH 81  3181 96  HOH HOH A . 
E 5 HOH 82  3182 22  HOH HOH A . 
E 5 HOH 83  3183 124 HOH HOH A . 
E 5 HOH 84  3184 31  HOH HOH A . 
E 5 HOH 85  3185 14  HOH HOH A . 
E 5 HOH 86  3186 125 HOH HOH A . 
E 5 HOH 87  3187 60  HOH HOH A . 
E 5 HOH 88  3188 24  HOH HOH A . 
E 5 HOH 89  3189 72  HOH HOH A . 
E 5 HOH 90  3190 149 HOH HOH A . 
E 5 HOH 91  3191 126 HOH HOH A . 
E 5 HOH 92  3192 3   HOH HOH A . 
E 5 HOH 93  3193 66  HOH HOH A . 
E 5 HOH 94  3194 5   HOH HOH A . 
E 5 HOH 95  3195 6   HOH HOH A . 
E 5 HOH 96  3196 27  HOH HOH A . 
E 5 HOH 97  3197 32  HOH HOH A . 
E 5 HOH 98  3198 51  HOH HOH A . 
E 5 HOH 99  3199 42  HOH HOH A . 
E 5 HOH 100 3200 112 HOH HOH A . 
E 5 HOH 101 3201 134 HOH HOH A . 
E 5 HOH 102 3202 142 HOH HOH A . 
E 5 HOH 103 3203 83  HOH HOH A . 
E 5 HOH 104 3204 102 HOH HOH A . 
E 5 HOH 105 3205 15  HOH HOH A . 
E 5 HOH 106 3206 81  HOH HOH A . 
E 5 HOH 107 3207 90  HOH HOH A . 
E 5 HOH 108 3208 155 HOH HOH A . 
E 5 HOH 109 3209 89  HOH HOH A . 
E 5 HOH 110 3210 133 HOH HOH A . 
E 5 HOH 111 3211 2   HOH HOH A . 
E 5 HOH 112 3212 120 HOH HOH A . 
E 5 HOH 113 3213 63  HOH HOH A . 
E 5 HOH 114 3214 7   HOH HOH A . 
E 5 HOH 115 3215 115 HOH HOH A . 
E 5 HOH 116 3216 108 HOH HOH A . 
E 5 HOH 117 3217 35  HOH HOH A . 
E 5 HOH 118 3218 73  HOH HOH A . 
E 5 HOH 119 3219 148 HOH HOH A . 
E 5 HOH 120 3220 49  HOH HOH A . 
E 5 HOH 121 3221 109 HOH HOH A . 
E 5 HOH 122 3222 171 HOH HOH A . 
E 5 HOH 123 3223 161 HOH HOH A . 
E 5 HOH 124 3224 130 HOH HOH A . 
E 5 HOH 125 3225 43  HOH HOH A . 
E 5 HOH 126 3226 67  HOH HOH A . 
E 5 HOH 127 3227 30  HOH HOH A . 
E 5 HOH 128 3228 76  HOH HOH A . 
E 5 HOH 129 3229 114 HOH HOH A . 
E 5 HOH 130 3230 87  HOH HOH A . 
E 5 HOH 131 3231 165 HOH HOH A . 
E 5 HOH 132 3232 70  HOH HOH A . 
E 5 HOH 133 3233 168 HOH HOH A . 
E 5 HOH 134 3234 86  HOH HOH A . 
E 5 HOH 135 3235 129 HOH HOH A . 
E 5 HOH 136 3236 10  HOH HOH A . 
E 5 HOH 137 3237 107 HOH HOH A . 
E 5 HOH 138 3238 57  HOH HOH A . 
E 5 HOH 139 3239 84  HOH HOH A . 
E 5 HOH 140 3240 88  HOH HOH A . 
E 5 HOH 141 3241 100 HOH HOH A . 
E 5 HOH 142 3242 97  HOH HOH A . 
E 5 HOH 143 3243 138 HOH HOH A . 
E 5 HOH 144 3244 136 HOH HOH A . 
E 5 HOH 145 3245 132 HOH HOH A . 
E 5 HOH 146 3246 28  HOH HOH A . 
E 5 HOH 147 3247 167 HOH HOH A . 
E 5 HOH 148 3248 156 HOH HOH A . 
E 5 HOH 149 3249 56  HOH HOH A . 
E 5 HOH 150 3250 75  HOH HOH A . 
E 5 HOH 151 3251 169 HOH HOH A . 
E 5 HOH 152 3252 85  HOH HOH A . 
E 5 HOH 153 3253 58  HOH HOH A . 
E 5 HOH 154 3254 139 HOH HOH A . 
E 5 HOH 155 3255 140 HOH HOH A . 
# 
loop_
_pdbx_unobs_or_zero_occ_atoms.id 
_pdbx_unobs_or_zero_occ_atoms.PDB_model_num 
_pdbx_unobs_or_zero_occ_atoms.polymer_flag 
_pdbx_unobs_or_zero_occ_atoms.occupancy_flag 
_pdbx_unobs_or_zero_occ_atoms.auth_asym_id 
_pdbx_unobs_or_zero_occ_atoms.auth_comp_id 
_pdbx_unobs_or_zero_occ_atoms.auth_seq_id 
_pdbx_unobs_or_zero_occ_atoms.PDB_ins_code 
_pdbx_unobs_or_zero_occ_atoms.auth_atom_id 
_pdbx_unobs_or_zero_occ_atoms.label_alt_id 
_pdbx_unobs_or_zero_occ_atoms.label_asym_id 
_pdbx_unobs_or_zero_occ_atoms.label_comp_id 
_pdbx_unobs_or_zero_occ_atoms.label_seq_id 
_pdbx_unobs_or_zero_occ_atoms.label_atom_id 
1 1 Y 1 A LYS 2843 ? CD ? A LYS 55 CD 
2 1 Y 1 A LYS 2843 ? CE ? A LYS 55 CE 
3 1 Y 1 A LYS 2843 ? NZ ? A LYS 55 NZ 
# 
loop_
_software.pdbx_ordinal 
_software.name 
_software.version 
_software.date 
_software.type 
_software.contact_author 
_software.contact_author_email 
_software.classification 
_software.location 
_software.language 
_software.citation_id 
1 REFMAC      5.8.0158 ?               program 'Garib N. Murshudov' garib@ysbl.york.ac.uk    refinement        
http://www.ccp4.ac.uk/dist/html/refmac5.html        Fortran_77 ? 
2 Aimless     0.5.31   12/12/16        program 'Phil Evans'         ?                        'data scaling'    
http://www.mrc-lmb.cam.ac.uk/harry/pre/aimless.html ?          ? 
3 PDB_EXTRACT 3.23     'SEP. 23, 2016' package PDB                  deposit@deposit.rcsb.org 'data extraction' 
http://sw-tools.pdb.org/apps/PDB_EXTRACT/           C++        ? 
4 XDS         .        ?               program ?                    ?                        'data reduction'  ? ?          ? 
5 REFMAC      .        ?               program ?                    ?                        phasing           ? ?          ? 
# 
_cell.entry_id           5R4H 
_cell.length_a           112.423 
_cell.length_b           27.440 
_cell.length_c           38.354 
_cell.angle_alpha        90.000 
_cell.angle_beta         96.330 
_cell.angle_gamma        90.000 
_cell.Z_PDB              4 
_cell.pdbx_unique_axis   ? 
# 
_symmetry.entry_id                         5R4H 
_symmetry.Int_Tables_number                5 
_symmetry.space_group_name_H-M             'C 1 2 1' 
_symmetry.pdbx_full_space_group_name_H-M   ? 
_symmetry.cell_setting                     ? 
# 
_exptl.crystals_number   1 
_exptl.entry_id          5R4H 
_exptl.method            'X-RAY DIFFRACTION' 
# 
_exptl_crystal.id                    1 
_exptl_crystal.pdbx_mosaicity        0.210 
_exptl_crystal.pdbx_mosaicity_esd    ? 
_exptl_crystal.density_Matthews      2.03 
_exptl_crystal.density_diffrn        ? 
_exptl_crystal.density_meas          ? 
_exptl_crystal.density_meas_temp     ? 
_exptl_crystal.density_percent_sol   39.52 
_exptl_crystal.size_max              ? 
_exptl_crystal.size_mid              ? 
_exptl_crystal.size_min              ? 
_exptl_crystal.size_rad              ? 
_exptl_crystal.description           ? 
# 
_exptl_crystal_grow.crystal_id      1 
_exptl_crystal_grow.method          'VAPOR DIFFUSION, SITTING DROP' 
_exptl_crystal_grow.pH              8.5 
_exptl_crystal_grow.temp            293 
_exptl_crystal_grow.pdbx_details    '30% PEG4000, 0.1M Tris pH 8.5, 0.2M MgCl2' 
_exptl_crystal_grow.temp_details    ? 
_exptl_crystal_grow.pdbx_pH_range   ? 
# 
_diffrn.id                     1 
_diffrn.ambient_temp           100 
_diffrn.crystal_id             1 
_diffrn.ambient_temp_details   ? 
# 
_diffrn_detector.detector               PIXEL 
_diffrn_detector.type                   'DECTRIS PILATUS 6M' 
_diffrn_detector.pdbx_collection_date   2017-03-08 
_diffrn_detector.diffrn_id              1 
_diffrn_detector.details                ? 
# 
_diffrn_radiation.diffrn_id                        1 
_diffrn_radiation.wavelength_id                    1 
_diffrn_radiation.pdbx_diffrn_protocol             'SINGLE WAVELENGTH' 
_diffrn_radiation.pdbx_monochromatic_or_laue_m_l   ? 
_diffrn_radiation.monochromator                    ? 
_diffrn_radiation.pdbx_scattering_type             x-ray 
# 
_diffrn_radiation_wavelength.id           1 
_diffrn_radiation_wavelength.wavelength   0.92819 
_diffrn_radiation_wavelength.wt           1.0 
# 
_diffrn_source.diffrn_id                   1 
_diffrn_source.source                      SYNCHROTRON 
_diffrn_source.type                        'DIAMOND BEAMLINE I04-1' 
_diffrn_source.pdbx_wavelength_list        0.92819 
_diffrn_source.pdbx_synchrotron_site       Diamond 
_diffrn_source.pdbx_synchrotron_beamline   I04-1 
_diffrn_source.pdbx_wavelength             ? 
# 
_reflns.entry_id                     5R4H 
_reflns.pdbx_diffrn_id               1 
_reflns.pdbx_ordinal                 1 
_reflns.observed_criterion_sigma_I   ? 
_reflns.observed_criterion_sigma_F   ? 
_reflns.d_resolution_low             38.120 
_reflns.d_resolution_high            1.180 
_reflns.number_obs                   36487 
_reflns.number_all                   ? 
_reflns.percent_possible_obs         93.300 
_reflns.pdbx_Rmerge_I_obs            0.024 
_reflns.pdbx_Rsym_value              ? 
_reflns.pdbx_netI_over_sigmaI        19.000 
_reflns.B_iso_Wilson_estimate        ? 
_reflns.pdbx_redundancy              2.800 
_reflns.pdbx_Rrim_I_all              0.029 
_reflns.pdbx_Rpim_I_all              0.016 
_reflns.pdbx_CC_half                 0.999 
_reflns.pdbx_netI_over_av_sigmaI     ? 
_reflns.pdbx_number_measured_all     101202 
_reflns.pdbx_scaling_rejects         0 
_reflns.pdbx_chi_squared             ? 
_reflns.Rmerge_F_all                 ? 
_reflns.Rmerge_F_obs                 ? 
_reflns.observed_criterion_F_max     ? 
_reflns.observed_criterion_F_min     ? 
_reflns.observed_criterion_I_max     ? 
_reflns.observed_criterion_I_min     ? 
_reflns.pdbx_d_res_high_opt          ? 
_reflns.pdbx_d_res_low_opt           ? 
_reflns.details                      ? 
# 
loop_
_reflns_shell.pdbx_diffrn_id 
_reflns_shell.pdbx_ordinal 
_reflns_shell.d_res_high 
_reflns_shell.d_res_low 
_reflns_shell.number_measured_obs 
_reflns_shell.number_measured_all 
_reflns_shell.number_unique_obs 
_reflns_shell.pdbx_rejects 
_reflns_shell.Rmerge_I_obs 
_reflns_shell.meanI_over_sigI_obs 
_reflns_shell.pdbx_Rsym_value 
_reflns_shell.pdbx_chi_squared 
_reflns_shell.pdbx_redundancy 
_reflns_shell.percent_possible_obs 
_reflns_shell.pdbx_netI_over_sigmaI_obs 
_reflns_shell.number_possible 
_reflns_shell.number_unique_all 
_reflns_shell.Rmerge_F_all 
_reflns_shell.Rmerge_F_obs 
_reflns_shell.Rmerge_I_all 
_reflns_shell.meanI_over_sigI_all 
_reflns_shell.percent_possible_all 
_reflns_shell.pdbx_Rrim_I_all 
_reflns_shell.pdbx_Rpim_I_all 
_reflns_shell.pdbx_CC_half 
1 1 1.180 1.240  ? 7770 ? ? 0.235 ? ? ? 1.800 ? 2.300  ? 4281 ? ? ? ? 76.000 0.317 0.211 0.892 
1 2 3.720 38.120 ? 4041 ? ? 0.016 ? ? ? 3.100 ? 57.400 ? 1298 ? ? ? ? 98.000 0.020 0.011 0.999 
# 
_refine.entry_id                                 5R4H 
_refine.pdbx_refine_id                           'X-RAY DIFFRACTION' 
_refine.ls_d_res_high                            1.1800 
_refine.ls_d_res_low                             55.8800 
_refine.pdbx_ls_sigma_F                          0.000 
_refine.pdbx_data_cutoff_high_absF               ? 
_refine.pdbx_data_cutoff_low_absF                ? 
_refine.ls_percent_reflns_obs                    93.1400 
_refine.ls_number_reflns_obs                     34682 
_refine.ls_number_reflns_all                     ? 
_refine.pdbx_ls_cross_valid_method               THROUGHOUT 
_refine.ls_matrix_type                           ? 
_refine.pdbx_R_Free_selection_details            RANDOM 
_refine.details                                  
'HYDROGENS HAVE BEEN ADDED IN THE RIDING POSITIONS U VALUES      : REFINED INDIVIDUALLY' 
_refine.ls_R_factor_all                          ? 
_refine.ls_R_factor_obs                          0.1900 
_refine.ls_R_factor_R_work                       0.1892 
_refine.ls_wR_factor_R_work                      ? 
_refine.ls_R_factor_R_free                       0.2050 
_refine.ls_wR_factor_R_free                      ? 
_refine.ls_percent_reflns_R_free                 4.9000 
_refine.ls_number_reflns_R_free                  1805 
_refine.ls_number_reflns_R_work                  ? 
_refine.ls_R_factor_R_free_error                 ? 
_refine.B_iso_mean                               17.0030 
_refine.solvent_model_param_bsol                 ? 
_refine.solvent_model_param_ksol                 ? 
_refine.pdbx_isotropic_thermal_model             ? 
_refine.aniso_B[1][1]                            0.1700 
_refine.aniso_B[2][2]                            -0.3300 
_refine.aniso_B[3][3]                            0.2500 
_refine.aniso_B[1][2]                            -0.0000 
_refine.aniso_B[1][3]                            -0.4200 
_refine.aniso_B[2][3]                            -0.0000 
_refine.correlation_coeff_Fo_to_Fc               0.9650 
_refine.correlation_coeff_Fo_to_Fc_free          0.9600 
_refine.overall_SU_R_Cruickshank_DPI             ? 
_refine.pdbx_overall_SU_R_free_Cruickshank_DPI   ? 
_refine.pdbx_overall_SU_R_Blow_DPI               ? 
_refine.pdbx_overall_SU_R_free_Blow_DPI          ? 
_refine.overall_SU_R_free                        ? 
_refine.pdbx_overall_ESU_R                       0.0530 
_refine.pdbx_overall_ESU_R_Free                  0.0530 
_refine.overall_SU_ML                            0.0340 
_refine.overall_SU_B                             0.7450 
_refine.solvent_model_details                    MASK 
_refine.pdbx_solvent_vdw_probe_radii             1.2000 
_refine.pdbx_solvent_ion_probe_radii             0.8000 
_refine.pdbx_solvent_shrinkage_radii             0.8000 
_refine.ls_number_parameters                     ? 
_refine.ls_number_restraints                     ? 
_refine.pdbx_starting_model                      3UV2 
_refine.pdbx_method_to_determine_struct          'FOURIER SYNTHESIS' 
_refine.pdbx_stereochemistry_target_values       'MAXIMUM LIKELIHOOD' 
_refine.pdbx_stereochem_target_val_spec_case     ? 
_refine.overall_FOM_work_R_set                   ? 
_refine.B_iso_max                                83.750 
_refine.B_iso_min                                6.850 
_refine.pdbx_overall_phase_error                 ? 
_refine.occupancy_max                            ? 
_refine.occupancy_min                            ? 
_refine.pdbx_diffrn_id                           1 
_refine.pdbx_TLS_residual_ADP_flag               ? 
_refine.pdbx_ls_sigma_I                          ? 
_refine.pdbx_data_cutoff_high_rms_absF           ? 
_refine.ls_R_factor_R_free_error_details         ? 
# 
_refine_hist.cycle_id                         final 
_refine_hist.pdbx_refine_id                   'X-RAY DIFFRACTION' 
_refine_hist.d_res_high                       1.1800 
_refine_hist.d_res_low                        55.8800 
_refine_hist.pdbx_number_atoms_ligand         28 
_refine_hist.number_atoms_solvent             155 
_refine_hist.number_atoms_total               1166 
_refine_hist.pdbx_number_residues_total       119 
_refine_hist.pdbx_B_iso_mean_ligand           39.51 
_refine_hist.pdbx_B_iso_mean_solvent          28.64 
_refine_hist.pdbx_number_atoms_protein        983 
_refine_hist.pdbx_number_atoms_nucleic_acid   0 
# 
loop_
_refine_ls_restr.pdbx_refine_id 
_refine_ls_restr.type 
_refine_ls_restr.number 
_refine_ls_restr.dev_ideal 
_refine_ls_restr.dev_ideal_target 
_refine_ls_restr.weight 
_refine_ls_restr.pdbx_restraint_function 
'X-RAY DIFFRACTION' r_bond_refined_d       1643 0.011  0.019  ? ? 
'X-RAY DIFFRACTION' r_bond_other_d         1271 0.002  0.020  ? ? 
'X-RAY DIFFRACTION' r_angle_refined_deg    1945 1.384  1.978  ? ? 
'X-RAY DIFFRACTION' r_angle_other_deg      2984 0.945  2.973  ? ? 
'X-RAY DIFFRACTION' r_dihedral_angle_1_deg 187  4.371  5.000  ? ? 
'X-RAY DIFFRACTION' r_dihedral_angle_2_deg 72   33.717 24.167 ? ? 
'X-RAY DIFFRACTION' r_dihedral_angle_3_deg 256  13.686 15.000 ? ? 
'X-RAY DIFFRACTION' r_dihedral_angle_4_deg 10   17.189 15.000 ? ? 
'X-RAY DIFFRACTION' r_chiral_restr         191  0.085  0.200  ? ? 
'X-RAY DIFFRACTION' r_gen_planes_refined   1721 0.007  0.021  ? ? 
'X-RAY DIFFRACTION' r_gen_planes_other     305  0.002  0.020  ? ? 
'X-RAY DIFFRACTION' r_mcbond_it            770  0.874  1.534  ? ? 
'X-RAY DIFFRACTION' r_mcbond_other         760  0.877  1.518  ? ? 
'X-RAY DIFFRACTION' r_mcangle_it           877  1.548  2.275  ? ? 
# 
_refine_ls_shell.d_res_high                       1.1750 
_refine_ls_shell.d_res_low                        1.2060 
_refine_ls_shell.pdbx_total_number_of_bins_used   20 
_refine_ls_shell.percent_reflns_obs               66.8900 
_refine_ls_shell.number_reflns_R_work             1803 
_refine_ls_shell.R_factor_all                     ? 
_refine_ls_shell.R_factor_R_work                  0.2710 
_refine_ls_shell.R_factor_R_free                  0.2670 
_refine_ls_shell.percent_reflns_R_free            ? 
_refine_ls_shell.number_reflns_R_free             104 
_refine_ls_shell.R_factor_R_free_error            ? 
_refine_ls_shell.number_reflns_all                1907 
_refine_ls_shell.number_reflns_obs                ? 
_refine_ls_shell.pdbx_refine_id                   'X-RAY DIFFRACTION' 
_refine_ls_shell.R_factor_obs                     ? 
# 
_struct.entry_id                  5R4H 
_struct.title                     
;PanDDA analysis group deposition -- CRYSTAL STRUCTURE OF THE BROMODOMAIN OF HUMAN NUCLEOSOME-REMODELING FACTOR SUBUNIT BPTF in complex with FMOPL000287a
;
_struct.pdbx_model_details        ? 
_struct.pdbx_CASP_flag            ? 
_struct.pdbx_model_type_details   ? 
# 
_struct_keywords.entry_id        5R4H 
_struct_keywords.text            
;PanDDA, SGC - Diamond I04-1 fragment screening, XChemExplorer, BROMODOMAIN, BPTF, FALZ, FAC1, BROMODOMAIN AND PHD FINGER-CONTAINING TRANSCRIPTION FACTOR, FETAL ALZ-50 CLONE 1 PROTEIN, TRANSCRIPTION
;
_struct_keywords.pdbx_keywords   TRANSCRIPTION 
# 
loop_
_struct_asym.id 
_struct_asym.pdbx_blank_PDB_chainid_flag 
_struct_asym.pdbx_modified 
_struct_asym.entity_id 
_struct_asym.details 
A N N 1 ? 
B N N 2 ? 
C N N 3 ? 
D N N 4 ? 
E N N 5 ? 
# 
_struct_ref.id                         1 
_struct_ref.db_name                    UNP 
_struct_ref.db_code                    BPTF_HUMAN 
_struct_ref.pdbx_db_accession          Q12830 
_struct_ref.pdbx_db_isoform            ? 
_struct_ref.entity_id                  1 
_struct_ref.pdbx_seq_one_letter_code   
;STEDAMTVLTPLTEKDYEGLKRVLRSLQAHKMAWPFLEPVDPNDAPDYYGVIKEPMDLATMEERVQRRYYEKLTEFVADM
TKIFDNCRYYNPSDSPFYQCAEVLESFFVQKLKGFKASRSH
;
_struct_ref.pdbx_align_begin           2917 
# 
_struct_ref_seq.align_id                      1 
_struct_ref_seq.ref_id                        1 
_struct_ref_seq.pdbx_PDB_id_code              5R4H 
_struct_ref_seq.pdbx_strand_id                A 
_struct_ref_seq.seq_align_beg                 3 
_struct_ref_seq.pdbx_seq_align_beg_ins_code   ? 
_struct_ref_seq.seq_align_end                 123 
_struct_ref_seq.pdbx_seq_align_end_ins_code   ? 
_struct_ref_seq.pdbx_db_accession             Q12830 
_struct_ref_seq.db_align_beg                  2917 
_struct_ref_seq.pdbx_db_align_beg_ins_code    ? 
_struct_ref_seq.db_align_end                  3037 
_struct_ref_seq.pdbx_db_align_end_ins_code    ? 
_struct_ref_seq.pdbx_auth_seq_align_beg       2791 
_struct_ref_seq.pdbx_auth_seq_align_end       2911 
# 
loop_
_struct_ref_seq_dif.align_id 
_struct_ref_seq_dif.pdbx_pdb_id_code 
_struct_ref_seq_dif.mon_id 
_struct_ref_seq_dif.pdbx_pdb_strand_id 
_struct_ref_seq_dif.seq_num 
_struct_ref_seq_dif.pdbx_pdb_ins_code 
_struct_ref_seq_dif.pdbx_seq_db_name 
_struct_ref_seq_dif.pdbx_seq_db_accession_code 
_struct_ref_seq_dif.db_mon_id 
_struct_ref_seq_dif.pdbx_seq_db_seq_num 
_struct_ref_seq_dif.details 
_struct_ref_seq_dif.pdbx_auth_seq_num 
_struct_ref_seq_dif.pdbx_ordinal 
1 5R4H SER A 1 ? UNP Q12830 ? ? 'expression tag' 2789 1 
1 5R4H MET A 2 ? UNP Q12830 ? ? 'expression tag' 2790 2 
# 
_pdbx_struct_assembly.id                   1 
_pdbx_struct_assembly.details              author_and_software_defined_assembly 
_pdbx_struct_assembly.method_details       PISA 
_pdbx_struct_assembly.oligomeric_details   monomeric 
_pdbx_struct_assembly.oligomeric_count     1 
# 
_pdbx_struct_assembly_gen.assembly_id       1 
_pdbx_struct_assembly_gen.oper_expression   1 
_pdbx_struct_assembly_gen.asym_id_list      A,B,C,D,E 
# 
_pdbx_struct_oper_list.id                   1 
_pdbx_struct_oper_list.type                 'identity operation' 
_pdbx_struct_oper_list.name                 1_555 
_pdbx_struct_oper_list.symmetry_operation   x,y,z 
_pdbx_struct_oper_list.matrix[1][1]         1.0000000000 
_pdbx_struct_oper_list.matrix[1][2]         0.0000000000 
_pdbx_struct_oper_list.matrix[1][3]         0.0000000000 
_pdbx_struct_oper_list.vector[1]            0.0000000000 
_pdbx_struct_oper_list.matrix[2][1]         0.0000000000 
_pdbx_struct_oper_list.matrix[2][2]         1.0000000000 
_pdbx_struct_oper_list.matrix[2][3]         0.0000000000 
_pdbx_struct_oper_list.vector[2]            0.0000000000 
_pdbx_struct_oper_list.matrix[3][1]         0.0000000000 
_pdbx_struct_oper_list.matrix[3][2]         0.0000000000 
_pdbx_struct_oper_list.matrix[3][3]         1.0000000000 
_pdbx_struct_oper_list.vector[3]            0.0000000000 
# 
loop_
_struct_conf.conf_type_id 
_struct_conf.id 
_struct_conf.pdbx_PDB_helix_id 
_struct_conf.beg_label_comp_id 
_struct_conf.beg_label_asym_id 
_struct_conf.beg_label_seq_id 
_struct_conf.pdbx_beg_PDB_ins_code 
_struct_conf.end_label_comp_id 
_struct_conf.end_label_asym_id 
_struct_conf.end_label_seq_id 
_struct_conf.pdbx_end_PDB_ins_code 
_struct_conf.beg_auth_comp_id 
_struct_conf.beg_auth_asym_id 
_struct_conf.beg_auth_seq_id 
_struct_conf.end_auth_comp_id 
_struct_conf.end_auth_asym_id 
_struct_conf.end_auth_seq_id 
_struct_conf.pdbx_PDB_helix_class 
_struct_conf.details 
_struct_conf.pdbx_PDB_helix_length 
HELX_P HELX_P1 AA1 ASP A 6  ? THR A 12  ? ASP A 2794 THR A 2800 1 ? 7  
HELX_P HELX_P2 AA2 THR A 15 ? ALA A 31  ? THR A 2803 ALA A 2819 1 ? 17 
HELX_P HELX_P3 AA3 ALA A 35 ? LEU A 39  ? ALA A 2823 LEU A 2827 5 ? 5  
HELX_P HELX_P4 AA4 ASP A 49 ? ILE A 54  ? ASP A 2837 ILE A 2842 1 ? 6  
HELX_P HELX_P5 AA5 ASP A 59 ? ARG A 69  ? ASP A 2847 ARG A 2857 1 ? 11 
HELX_P HELX_P6 AA6 LYS A 74 ? ASN A 93  ? LYS A 2862 ASN A 2881 1 ? 20 
HELX_P HELX_P7 AA7 SER A 97 ? HIS A 123 ? SER A 2885 HIS A 2911 1 ? 27 
# 
_struct_conf_type.id          HELX_P 
_struct_conf_type.criteria    ? 
_struct_conf_type.reference   ? 
# 
loop_
_struct_site.id 
_struct_site.pdbx_evidence_code 
_struct_site.pdbx_auth_asym_id 
_struct_site.pdbx_auth_comp_id 
_struct_site.pdbx_auth_seq_id 
_struct_site.pdbx_auth_ins_code 
_struct_site.pdbx_num_residues 
_struct_site.details 
AC1 Software A DMS 3001 ? 5  'binding site for residue DMS A 3001' 
AC2 Software A TRS 3002 ? 10 'binding site for residue TRS A 3002' 
AC3 Software A HWH 3003 ? 5  'binding site for residue HWH A 3003' 
# 
loop_
_struct_site_gen.id 
_struct_site_gen.site_id 
_struct_site_gen.pdbx_num_res 
_struct_site_gen.label_comp_id 
_struct_site_gen.label_asym_id 
_struct_site_gen.label_seq_id 
_struct_site_gen.pdbx_auth_ins_code 
_struct_site_gen.auth_comp_id 
_struct_site_gen.auth_asym_id 
_struct_site_gen.auth_seq_id 
_struct_site_gen.label_atom_id 
_struct_site_gen.label_alt_id 
_struct_site_gen.symmetry 
_struct_site_gen.details 
1  AC1 5  GLN A 30  ? GLN A 2818 . ? 1_555 ? 
2  AC1 5  ALA A 31  ? ALA A 2819 . ? 1_555 ? 
3  AC1 5  HIS A 32  ? HIS A 2820 . ? 1_555 ? 
4  AC1 5  TRP A 36  ? TRP A 2824 . ? 1_555 ? 
5  AC1 5  HOH E .   ? HOH A 3169 . ? 1_555 ? 
6  AC2 10 LYS A 23  ? LYS A 2811 . ? 4_455 ? 
7  AC2 10 ARG A 27  ? ARG A 2815 . ? 4_455 ? 
8  AC2 10 SER A 28  ? SER A 2816 . ? 1_555 ? 
9  AC2 10 GLN A 68  ? GLN A 2856 . ? 4_455 ? 
10 AC2 10 PHE A 109 ? PHE A 2897 . ? 1_555 ? 
11 AC2 10 LYS A 113 ? LYS A 2901 . ? 1_555 ? 
12 AC2 10 HOH E .   ? HOH A 3101 . ? 1_555 ? 
13 AC2 10 HOH E .   ? HOH A 3105 . ? 4_455 ? 
14 AC2 10 HOH E .   ? HOH A 3191 . ? 1_555 ? 
15 AC2 10 HOH E .   ? HOH A 3213 . ? 1_555 ? 
16 AC3 5  PRO A 37  ? PRO A 2825 . ? 1_555 ? 
17 AC3 5  ASN A 93  ? ASN A 2881 . ? 1_555 ? 
18 AC3 5  PHE A 99  ? PHE A 2887 . ? 1_555 ? 
19 AC3 5  HOH E .   ? HOH A 3109 . ? 1_555 ? 
20 AC3 5  HOH E .   ? HOH A 3177 . ? 1_555 ? 
# 
_pdbx_validate_close_contact.id               1 
_pdbx_validate_close_contact.PDB_model_num    1 
_pdbx_validate_close_contact.auth_atom_id_1   O2 
_pdbx_validate_close_contact.auth_asym_id_1   A 
_pdbx_validate_close_contact.auth_comp_id_1   TRS 
_pdbx_validate_close_contact.auth_seq_id_1    3002 
_pdbx_validate_close_contact.PDB_ins_code_1   ? 
_pdbx_validate_close_contact.label_alt_id_1   ? 
_pdbx_validate_close_contact.auth_atom_id_2   O 
_pdbx_validate_close_contact.auth_asym_id_2   A 
_pdbx_validate_close_contact.auth_comp_id_2   HOH 
_pdbx_validate_close_contact.auth_seq_id_2    3101 
_pdbx_validate_close_contact.PDB_ins_code_2   ? 
_pdbx_validate_close_contact.label_alt_id_2   ? 
_pdbx_validate_close_contact.dist             2.13 
# 
_pdbx_validate_rmsd_angle.id                         1 
_pdbx_validate_rmsd_angle.PDB_model_num              1 
_pdbx_validate_rmsd_angle.auth_atom_id_1             NE 
_pdbx_validate_rmsd_angle.auth_asym_id_1             A 
_pdbx_validate_rmsd_angle.auth_comp_id_1             ARG 
_pdbx_validate_rmsd_angle.auth_seq_id_1              2857 
_pdbx_validate_rmsd_angle.PDB_ins_code_1             ? 
_pdbx_validate_rmsd_angle.label_alt_id_1             ? 
_pdbx_validate_rmsd_angle.auth_atom_id_2             CZ 
_pdbx_validate_rmsd_angle.auth_asym_id_2             A 
_pdbx_validate_rmsd_angle.auth_comp_id_2             ARG 
_pdbx_validate_rmsd_angle.auth_seq_id_2              2857 
_pdbx_validate_rmsd_angle.PDB_ins_code_2             ? 
_pdbx_validate_rmsd_angle.label_alt_id_2             ? 
_pdbx_validate_rmsd_angle.auth_atom_id_3             NH2 
_pdbx_validate_rmsd_angle.auth_asym_id_3             A 
_pdbx_validate_rmsd_angle.auth_comp_id_3             ARG 
_pdbx_validate_rmsd_angle.auth_seq_id_3              2857 
_pdbx_validate_rmsd_angle.PDB_ins_code_3             ? 
_pdbx_validate_rmsd_angle.label_alt_id_3             ? 
_pdbx_validate_rmsd_angle.angle_value                116.58 
_pdbx_validate_rmsd_angle.angle_target_value         120.30 
_pdbx_validate_rmsd_angle.angle_deviation            -3.72 
_pdbx_validate_rmsd_angle.angle_standard_deviation   0.50 
_pdbx_validate_rmsd_angle.linker_flag                N 
# 
_phasing.method   MR 
# 
_pdbx_entry_details.entry_id                 5R4H 
_pdbx_entry_details.has_ligand_of_interest   Y 
_pdbx_entry_details.compound_details         ? 
_pdbx_entry_details.source_details           ? 
_pdbx_entry_details.nonpolymer_details       ? 
_pdbx_entry_details.sequence_details         ? 
# 
loop_
_pdbx_unobs_or_zero_occ_residues.id 
_pdbx_unobs_or_zero_occ_residues.PDB_model_num 
_pdbx_unobs_or_zero_occ_residues.polymer_flag 
_pdbx_unobs_or_zero_occ_residues.occupancy_flag 
_pdbx_unobs_or_zero_occ_residues.auth_asym_id 
_pdbx_unobs_or_zero_occ_residues.auth_comp_id 
_pdbx_unobs_or_zero_occ_residues.auth_seq_id 
_pdbx_unobs_or_zero_occ_residues.PDB_ins_code 
_pdbx_unobs_or_zero_occ_residues.label_asym_id 
_pdbx_unobs_or_zero_occ_residues.label_comp_id 
_pdbx_unobs_or_zero_occ_residues.label_seq_id 
1 1 Y 1 A SER 2789 ? A SER 1 
2 1 Y 1 A MET 2790 ? A MET 2 
3 1 Y 1 A SER 2791 ? A SER 3 
4 1 Y 1 A THR 2792 ? A THR 4 
# 
loop_
_chem_comp_atom.comp_id 
_chem_comp_atom.atom_id 
_chem_comp_atom.type_symbol 
_chem_comp_atom.pdbx_aromatic_flag 
_chem_comp_atom.pdbx_stereo_config 
_chem_comp_atom.pdbx_ordinal 
ALA N    N N N 1   
ALA CA   C N S 2   
ALA C    C N N 3   
ALA O    O N N 4   
ALA CB   C N N 5   
ALA OXT  O N N 6   
ALA H    H N N 7   
ALA H2   H N N 8   
ALA HA   H N N 9   
ALA HB1  H N N 10  
ALA HB2  H N N 11  
ALA HB3  H N N 12  
ALA HXT  H N N 13  
ARG N    N N N 14  
ARG CA   C N S 15  
ARG C    C N N 16  
ARG O    O N N 17  
ARG CB   C N N 18  
ARG CG   C N N 19  
ARG CD   C N N 20  
ARG NE   N N N 21  
ARG CZ   C N N 22  
ARG NH1  N N N 23  
ARG NH2  N N N 24  
ARG OXT  O N N 25  
ARG H    H N N 26  
ARG H2   H N N 27  
ARG HA   H N N 28  
ARG HB2  H N N 29  
ARG HB3  H N N 30  
ARG HG2  H N N 31  
ARG HG3  H N N 32  
ARG HD2  H N N 33  
ARG HD3  H N N 34  
ARG HE   H N N 35  
ARG HH11 H N N 36  
ARG HH12 H N N 37  
ARG HH21 H N N 38  
ARG HH22 H N N 39  
ARG HXT  H N N 40  
ASN N    N N N 41  
ASN CA   C N S 42  
ASN C    C N N 43  
ASN O    O N N 44  
ASN CB   C N N 45  
ASN CG   C N N 46  
ASN OD1  O N N 47  
ASN ND2  N N N 48  
ASN OXT  O N N 49  
ASN H    H N N 50  
ASN H2   H N N 51  
ASN HA   H N N 52  
ASN HB2  H N N 53  
ASN HB3  H N N 54  
ASN HD21 H N N 55  
ASN HD22 H N N 56  
ASN HXT  H N N 57  
ASP N    N N N 58  
ASP CA   C N S 59  
ASP C    C N N 60  
ASP O    O N N 61  
ASP CB   C N N 62  
ASP CG   C N N 63  
ASP OD1  O N N 64  
ASP OD2  O N N 65  
ASP OXT  O N N 66  
ASP H    H N N 67  
ASP H2   H N N 68  
ASP HA   H N N 69  
ASP HB2  H N N 70  
ASP HB3  H N N 71  
ASP HD2  H N N 72  
ASP HXT  H N N 73  
CYS N    N N N 74  
CYS CA   C N R 75  
CYS C    C N N 76  
CYS O    O N N 77  
CYS CB   C N N 78  
CYS SG   S N N 79  
CYS OXT  O N N 80  
CYS H    H N N 81  
CYS H2   H N N 82  
CYS HA   H N N 83  
CYS HB2  H N N 84  
CYS HB3  H N N 85  
CYS HG   H N N 86  
CYS HXT  H N N 87  
DMS S    S N N 88  
DMS O    O N N 89  
DMS C1   C N N 90  
DMS C2   C N N 91  
DMS H11  H N N 92  
DMS H12  H N N 93  
DMS H13  H N N 94  
DMS H21  H N N 95  
DMS H22  H N N 96  
DMS H23  H N N 97  
GLN N    N N N 98  
GLN CA   C N S 99  
GLN C    C N N 100 
GLN O    O N N 101 
GLN CB   C N N 102 
GLN CG   C N N 103 
GLN CD   C N N 104 
GLN OE1  O N N 105 
GLN NE2  N N N 106 
GLN OXT  O N N 107 
GLN H    H N N 108 
GLN H2   H N N 109 
GLN HA   H N N 110 
GLN HB2  H N N 111 
GLN HB3  H N N 112 
GLN HG2  H N N 113 
GLN HG3  H N N 114 
GLN HE21 H N N 115 
GLN HE22 H N N 116 
GLN HXT  H N N 117 
GLU N    N N N 118 
GLU CA   C N S 119 
GLU C    C N N 120 
GLU O    O N N 121 
GLU CB   C N N 122 
GLU CG   C N N 123 
GLU CD   C N N 124 
GLU OE1  O N N 125 
GLU OE2  O N N 126 
GLU OXT  O N N 127 
GLU H    H N N 128 
GLU H2   H N N 129 
GLU HA   H N N 130 
GLU HB2  H N N 131 
GLU HB3  H N N 132 
GLU HG2  H N N 133 
GLU HG3  H N N 134 
GLU HE2  H N N 135 
GLU HXT  H N N 136 
GLY N    N N N 137 
GLY CA   C N N 138 
GLY C    C N N 139 
GLY O    O N N 140 
GLY OXT  O N N 141 
GLY H    H N N 142 
GLY H2   H N N 143 
GLY HA2  H N N 144 
GLY HA3  H N N 145 
GLY HXT  H N N 146 
HIS N    N N N 147 
HIS CA   C N S 148 
HIS C    C N N 149 
HIS O    O N N 150 
HIS CB   C N N 151 
HIS CG   C Y N 152 
HIS ND1  N Y N 153 
HIS CD2  C Y N 154 
HIS CE1  C Y N 155 
HIS NE2  N Y N 156 
HIS OXT  O N N 157 
HIS H    H N N 158 
HIS H2   H N N 159 
HIS HA   H N N 160 
HIS HB2  H N N 161 
HIS HB3  H N N 162 
HIS HD1  H N N 163 
HIS HD2  H N N 164 
HIS HE1  H N N 165 
HIS HE2  H N N 166 
HIS HXT  H N N 167 
HOH O    O N N 168 
HOH H1   H N N 169 
HOH H2   H N N 170 
HWH N1   N N N 171 
HWH C4   C N N 172 
HWH C5   C Y N 173 
HWH C6   C Y N 174 
HWH C7   C Y N 175 
HWH C8   C Y N 176 
HWH C10  C Y N 177 
HWH C1   C N N 178 
HWH C11  C Y N 179 
HWH C12  C Y N 180 
HWH C2   C N N 181 
HWH C3   C N N 182 
HWH C9   C Y N 183 
HWH F1   F N N 184 
HWH N2   N Y N 185 
HWH O1   O N N 186 
HWH H1   H N N 187 
HWH H2   H N N 188 
HWH H3   H N N 189 
HWH H4   H N N 190 
HWH H5   H N N 191 
HWH H6   H N N 192 
HWH H7   H N N 193 
HWH H8   H N N 194 
HWH H9   H N N 195 
HWH H10  H N N 196 
HWH H11  H N N 197 
HWH H12  H N N 198 
HWH H13  H N N 199 
ILE N    N N N 200 
ILE CA   C N S 201 
ILE C    C N N 202 
ILE O    O N N 203 
ILE CB   C N S 204 
ILE CG1  C N N 205 
ILE CG2  C N N 206 
ILE CD1  C N N 207 
ILE OXT  O N N 208 
ILE H    H N N 209 
ILE H2   H N N 210 
ILE HA   H N N 211 
ILE HB   H N N 212 
ILE HG12 H N N 213 
ILE HG13 H N N 214 
ILE HG21 H N N 215 
ILE HG22 H N N 216 
ILE HG23 H N N 217 
ILE HD11 H N N 218 
ILE HD12 H N N 219 
ILE HD13 H N N 220 
ILE HXT  H N N 221 
LEU N    N N N 222 
LEU CA   C N S 223 
LEU C    C N N 224 
LEU O    O N N 225 
LEU CB   C N N 226 
LEU CG   C N N 227 
LEU CD1  C N N 228 
LEU CD2  C N N 229 
LEU OXT  O N N 230 
LEU H    H N N 231 
LEU H2   H N N 232 
LEU HA   H N N 233 
LEU HB2  H N N 234 
LEU HB3  H N N 235 
LEU HG   H N N 236 
LEU HD11 H N N 237 
LEU HD12 H N N 238 
LEU HD13 H N N 239 
LEU HD21 H N N 240 
LEU HD22 H N N 241 
LEU HD23 H N N 242 
LEU HXT  H N N 243 
LYS N    N N N 244 
LYS CA   C N S 245 
LYS C    C N N 246 
LYS O    O N N 247 
LYS CB   C N N 248 
LYS CG   C N N 249 
LYS CD   C N N 250 
LYS CE   C N N 251 
LYS NZ   N N N 252 
LYS OXT  O N N 253 
LYS H    H N N 254 
LYS H2   H N N 255 
LYS HA   H N N 256 
LYS HB2  H N N 257 
LYS HB3  H N N 258 
LYS HG2  H N N 259 
LYS HG3  H N N 260 
LYS HD2  H N N 261 
LYS HD3  H N N 262 
LYS HE2  H N N 263 
LYS HE3  H N N 264 
LYS HZ1  H N N 265 
LYS HZ2  H N N 266 
LYS HZ3  H N N 267 
LYS HXT  H N N 268 
MET N    N N N 269 
MET CA   C N S 270 
MET C    C N N 271 
MET O    O N N 272 
MET CB   C N N 273 
MET CG   C N N 274 
MET SD   S N N 275 
MET CE   C N N 276 
MET OXT  O N N 277 
MET H    H N N 278 
MET H2   H N N 279 
MET HA   H N N 280 
MET HB2  H N N 281 
MET HB3  H N N 282 
MET HG2  H N N 283 
MET HG3  H N N 284 
MET HE1  H N N 285 
MET HE2  H N N 286 
MET HE3  H N N 287 
MET HXT  H N N 288 
PHE N    N N N 289 
PHE CA   C N S 290 
PHE C    C N N 291 
PHE O    O N N 292 
PHE CB   C N N 293 
PHE CG   C Y N 294 
PHE CD1  C Y N 295 
PHE CD2  C Y N 296 
PHE CE1  C Y N 297 
PHE CE2  C Y N 298 
PHE CZ   C Y N 299 
PHE OXT  O N N 300 
PHE H    H N N 301 
PHE H2   H N N 302 
PHE HA   H N N 303 
PHE HB2  H N N 304 
PHE HB3  H N N 305 
PHE HD1  H N N 306 
PHE HD2  H N N 307 
PHE HE1  H N N 308 
PHE HE2  H N N 309 
PHE HZ   H N N 310 
PHE HXT  H N N 311 
PRO N    N N N 312 
PRO CA   C N S 313 
PRO C    C N N 314 
PRO O    O N N 315 
PRO CB   C N N 316 
PRO CG   C N N 317 
PRO CD   C N N 318 
PRO OXT  O N N 319 
PRO H    H N N 320 
PRO HA   H N N 321 
PRO HB2  H N N 322 
PRO HB3  H N N 323 
PRO HG2  H N N 324 
PRO HG3  H N N 325 
PRO HD2  H N N 326 
PRO HD3  H N N 327 
PRO HXT  H N N 328 
SER N    N N N 329 
SER CA   C N S 330 
SER C    C N N 331 
SER O    O N N 332 
SER CB   C N N 333 
SER OG   O N N 334 
SER OXT  O N N 335 
SER H    H N N 336 
SER H2   H N N 337 
SER HA   H N N 338 
SER HB2  H N N 339 
SER HB3  H N N 340 
SER HG   H N N 341 
SER HXT  H N N 342 
THR N    N N N 343 
THR CA   C N S 344 
THR C    C N N 345 
THR O    O N N 346 
THR CB   C N R 347 
THR OG1  O N N 348 
THR CG2  C N N 349 
THR OXT  O N N 350 
THR H    H N N 351 
THR H2   H N N 352 
THR HA   H N N 353 
THR HB   H N N 354 
THR HG1  H N N 355 
THR HG21 H N N 356 
THR HG22 H N N 357 
THR HG23 H N N 358 
THR HXT  H N N 359 
TRP N    N N N 360 
TRP CA   C N S 361 
TRP C    C N N 362 
TRP O    O N N 363 
TRP CB   C N N 364 
TRP CG   C Y N 365 
TRP CD1  C Y N 366 
TRP CD2  C Y N 367 
TRP NE1  N Y N 368 
TRP CE2  C Y N 369 
TRP CE3  C Y N 370 
TRP CZ2  C Y N 371 
TRP CZ3  C Y N 372 
TRP CH2  C Y N 373 
TRP OXT  O N N 374 
TRP H    H N N 375 
TRP H2   H N N 376 
TRP HA   H N N 377 
TRP HB2  H N N 378 
TRP HB3  H N N 379 
TRP HD1  H N N 380 
TRP HE1  H N N 381 
TRP HE3  H N N 382 
TRP HZ2  H N N 383 
TRP HZ3  H N N 384 
TRP HH2  H N N 385 
TRP HXT  H N N 386 
TRS C    C N N 387 
TRS C1   C N N 388 
TRS C2   C N N 389 
TRS C3   C N N 390 
TRS N    N N N 391 
TRS O1   O N N 392 
TRS O2   O N N 393 
TRS O3   O N N 394 
TRS H11  H N N 395 
TRS H12  H N N 396 
TRS H21  H N N 397 
TRS H22  H N N 398 
TRS H31  H N N 399 
TRS H32  H N N 400 
TRS HN1  H N N 401 
TRS HN2  H N N 402 
TRS HN3  H N N 403 
TRS HO1  H N N 404 
TRS HO2  H N N 405 
TRS HO3  H N N 406 
TYR N    N N N 407 
TYR CA   C N S 408 
TYR C    C N N 409 
TYR O    O N N 410 
TYR CB   C N N 411 
TYR CG   C Y N 412 
TYR CD1  C Y N 413 
TYR CD2  C Y N 414 
TYR CE1  C Y N 415 
TYR CE2  C Y N 416 
TYR CZ   C Y N 417 
TYR OH   O N N 418 
TYR OXT  O N N 419 
TYR H    H N N 420 
TYR H2   H N N 421 
TYR HA   H N N 422 
TYR HB2  H N N 423 
TYR HB3  H N N 424 
TYR HD1  H N N 425 
TYR HD2  H N N 426 
TYR HE1  H N N 427 
TYR HE2  H N N 428 
TYR HH   H N N 429 
TYR HXT  H N N 430 
VAL N    N N N 431 
VAL CA   C N S 432 
VAL C    C N N 433 
VAL O    O N N 434 
VAL CB   C N N 435 
VAL CG1  C N N 436 
VAL CG2  C N N 437 
VAL OXT  O N N 438 
VAL H    H N N 439 
VAL H2   H N N 440 
VAL HA   H N N 441 
VAL HB   H N N 442 
VAL HG11 H N N 443 
VAL HG12 H N N 444 
VAL HG13 H N N 445 
VAL HG21 H N N 446 
VAL HG22 H N N 447 
VAL HG23 H N N 448 
VAL HXT  H N N 449 
# 
loop_
_chem_comp_bond.comp_id 
_chem_comp_bond.atom_id_1 
_chem_comp_bond.atom_id_2 
_chem_comp_bond.value_order 
_chem_comp_bond.pdbx_aromatic_flag 
_chem_comp_bond.pdbx_stereo_config 
_chem_comp_bond.pdbx_ordinal 
ALA N   CA   sing N N 1   
ALA N   H    sing N N 2   
ALA N   H2   sing N N 3   
ALA CA  C    sing N N 4   
ALA CA  CB   sing N N 5   
ALA CA  HA   sing N N 6   
ALA C   O    doub N N 7   
ALA C   OXT  sing N N 8   
ALA CB  HB1  sing N N 9   
ALA CB  HB2  sing N N 10  
ALA CB  HB3  sing N N 11  
ALA OXT HXT  sing N N 12  
ARG N   CA   sing N N 13  
ARG N   H    sing N N 14  
ARG N   H2   sing N N 15  
ARG CA  C    sing N N 16  
ARG CA  CB   sing N N 17  
ARG CA  HA   sing N N 18  
ARG C   O    doub N N 19  
ARG C   OXT  sing N N 20  
ARG CB  CG   sing N N 21  
ARG CB  HB2  sing N N 22  
ARG CB  HB3  sing N N 23  
ARG CG  CD   sing N N 24  
ARG CG  HG2  sing N N 25  
ARG CG  HG3  sing N N 26  
ARG CD  NE   sing N N 27  
ARG CD  HD2  sing N N 28  
ARG CD  HD3  sing N N 29  
ARG NE  CZ   sing N N 30  
ARG NE  HE   sing N N 31  
ARG CZ  NH1  sing N N 32  
ARG CZ  NH2  doub N N 33  
ARG NH1 HH11 sing N N 34  
ARG NH1 HH12 sing N N 35  
ARG NH2 HH21 sing N N 36  
ARG NH2 HH22 sing N N 37  
ARG OXT HXT  sing N N 38  
ASN N   CA   sing N N 39  
ASN N   H    sing N N 40  
ASN N   H2   sing N N 41  
ASN CA  C    sing N N 42  
ASN CA  CB   sing N N 43  
ASN CA  HA   sing N N 44  
ASN C   O    doub N N 45  
ASN C   OXT  sing N N 46  
ASN CB  CG   sing N N 47  
ASN CB  HB2  sing N N 48  
ASN CB  HB3  sing N N 49  
ASN CG  OD1  doub N N 50  
ASN CG  ND2  sing N N 51  
ASN ND2 HD21 sing N N 52  
ASN ND2 HD22 sing N N 53  
ASN OXT HXT  sing N N 54  
ASP N   CA   sing N N 55  
ASP N   H    sing N N 56  
ASP N   H2   sing N N 57  
ASP CA  C    sing N N 58  
ASP CA  CB   sing N N 59  
ASP CA  HA   sing N N 60  
ASP C   O    doub N N 61  
ASP C   OXT  sing N N 62  
ASP CB  CG   sing N N 63  
ASP CB  HB2  sing N N 64  
ASP CB  HB3  sing N N 65  
ASP CG  OD1  doub N N 66  
ASP CG  OD2  sing N N 67  
ASP OD2 HD2  sing N N 68  
ASP OXT HXT  sing N N 69  
CYS N   CA   sing N N 70  
CYS N   H    sing N N 71  
CYS N   H2   sing N N 72  
CYS CA  C    sing N N 73  
CYS CA  CB   sing N N 74  
CYS CA  HA   sing N N 75  
CYS C   O    doub N N 76  
CYS C   OXT  sing N N 77  
CYS CB  SG   sing N N 78  
CYS CB  HB2  sing N N 79  
CYS CB  HB3  sing N N 80  
CYS SG  HG   sing N N 81  
CYS OXT HXT  sing N N 82  
DMS S   O    doub N N 83  
DMS S   C1   sing N N 84  
DMS S   C2   sing N N 85  
DMS C1  H11  sing N N 86  
DMS C1  H12  sing N N 87  
DMS C1  H13  sing N N 88  
DMS C2  H21  sing N N 89  
DMS C2  H22  sing N N 90  
DMS C2  H23  sing N N 91  
GLN N   CA   sing N N 92  
GLN N   H    sing N N 93  
GLN N   H2   sing N N 94  
GLN CA  C    sing N N 95  
GLN CA  CB   sing N N 96  
GLN CA  HA   sing N N 97  
GLN C   O    doub N N 98  
GLN C   OXT  sing N N 99  
GLN CB  CG   sing N N 100 
GLN CB  HB2  sing N N 101 
GLN CB  HB3  sing N N 102 
GLN CG  CD   sing N N 103 
GLN CG  HG2  sing N N 104 
GLN CG  HG3  sing N N 105 
GLN CD  OE1  doub N N 106 
GLN CD  NE2  sing N N 107 
GLN NE2 HE21 sing N N 108 
GLN NE2 HE22 sing N N 109 
GLN OXT HXT  sing N N 110 
GLU N   CA   sing N N 111 
GLU N   H    sing N N 112 
GLU N   H2   sing N N 113 
GLU CA  C    sing N N 114 
GLU CA  CB   sing N N 115 
GLU CA  HA   sing N N 116 
GLU C   O    doub N N 117 
GLU C   OXT  sing N N 118 
GLU CB  CG   sing N N 119 
GLU CB  HB2  sing N N 120 
GLU CB  HB3  sing N N 121 
GLU CG  CD   sing N N 122 
GLU CG  HG2  sing N N 123 
GLU CG  HG3  sing N N 124 
GLU CD  OE1  doub N N 125 
GLU CD  OE2  sing N N 126 
GLU OE2 HE2  sing N N 127 
GLU OXT HXT  sing N N 128 
GLY N   CA   sing N N 129 
GLY N   H    sing N N 130 
GLY N   H2   sing N N 131 
GLY CA  C    sing N N 132 
GLY CA  HA2  sing N N 133 
GLY CA  HA3  sing N N 134 
GLY C   O    doub N N 135 
GLY C   OXT  sing N N 136 
GLY OXT HXT  sing N N 137 
HIS N   CA   sing N N 138 
HIS N   H    sing N N 139 
HIS N   H2   sing N N 140 
HIS CA  C    sing N N 141 
HIS CA  CB   sing N N 142 
HIS CA  HA   sing N N 143 
HIS C   O    doub N N 144 
HIS C   OXT  sing N N 145 
HIS CB  CG   sing N N 146 
HIS CB  HB2  sing N N 147 
HIS CB  HB3  sing N N 148 
HIS CG  ND1  sing Y N 149 
HIS CG  CD2  doub Y N 150 
HIS ND1 CE1  doub Y N 151 
HIS ND1 HD1  sing N N 152 
HIS CD2 NE2  sing Y N 153 
HIS CD2 HD2  sing N N 154 
HIS CE1 NE2  sing Y N 155 
HIS CE1 HE1  sing N N 156 
HIS NE2 HE2  sing N N 157 
HIS OXT HXT  sing N N 158 
HOH O   H1   sing N N 159 
HOH O   H2   sing N N 160 
HWH F1  C10  sing N N 161 
HWH C9  C10  doub Y N 162 
HWH C9  C8   sing Y N 163 
HWH C10 C11  sing Y N 164 
HWH C4  C3   sing N N 165 
HWH C4  C5   sing N N 166 
HWH C3  N1   sing N N 167 
HWH C8  C5   sing Y N 168 
HWH C8  C7   doub Y N 169 
HWH C11 C12  doub Y N 170 
HWH C5  C6   doub Y N 171 
HWH N1  C2   sing N N 172 
HWH C7  C12  sing Y N 173 
HWH C7  N2   sing Y N 174 
HWH C2  C1   sing N N 175 
HWH C2  O1   doub N N 176 
HWH C6  N2   sing Y N 177 
HWH N1  H1   sing N N 178 
HWH C4  H2   sing N N 179 
HWH C4  H3   sing N N 180 
HWH C6  H4   sing N N 181 
HWH C1  H5   sing N N 182 
HWH C1  H6   sing N N 183 
HWH C1  H7   sing N N 184 
HWH C11 H8   sing N N 185 
HWH C12 H9   sing N N 186 
HWH C3  H10  sing N N 187 
HWH C3  H11  sing N N 188 
HWH C9  H12  sing N N 189 
HWH N2  H13  sing N N 190 
ILE N   CA   sing N N 191 
ILE N   H    sing N N 192 
ILE N   H2   sing N N 193 
ILE CA  C    sing N N 194 
ILE CA  CB   sing N N 195 
ILE CA  HA   sing N N 196 
ILE C   O    doub N N 197 
ILE C   OXT  sing N N 198 
ILE CB  CG1  sing N N 199 
ILE CB  CG2  sing N N 200 
ILE CB  HB   sing N N 201 
ILE CG1 CD1  sing N N 202 
ILE CG1 HG12 sing N N 203 
ILE CG1 HG13 sing N N 204 
ILE CG2 HG21 sing N N 205 
ILE CG2 HG22 sing N N 206 
ILE CG2 HG23 sing N N 207 
ILE CD1 HD11 sing N N 208 
ILE CD1 HD12 sing N N 209 
ILE CD1 HD13 sing N N 210 
ILE OXT HXT  sing N N 211 
LEU N   CA   sing N N 212 
LEU N   H    sing N N 213 
LEU N   H2   sing N N 214 
LEU CA  C    sing N N 215 
LEU CA  CB   sing N N 216 
LEU CA  HA   sing N N 217 
LEU C   O    doub N N 218 
LEU C   OXT  sing N N 219 
LEU CB  CG   sing N N 220 
LEU CB  HB2  sing N N 221 
LEU CB  HB3  sing N N 222 
LEU CG  CD1  sing N N 223 
LEU CG  CD2  sing N N 224 
LEU CG  HG   sing N N 225 
LEU CD1 HD11 sing N N 226 
LEU CD1 HD12 sing N N 227 
LEU CD1 HD13 sing N N 228 
LEU CD2 HD21 sing N N 229 
LEU CD2 HD22 sing N N 230 
LEU CD2 HD23 sing N N 231 
LEU OXT HXT  sing N N 232 
LYS N   CA   sing N N 233 
LYS N   H    sing N N 234 
LYS N   H2   sing N N 235 
LYS CA  C    sing N N 236 
LYS CA  CB   sing N N 237 
LYS CA  HA   sing N N 238 
LYS C   O    doub N N 239 
LYS C   OXT  sing N N 240 
LYS CB  CG   sing N N 241 
LYS CB  HB2  sing N N 242 
LYS CB  HB3  sing N N 243 
LYS CG  CD   sing N N 244 
LYS CG  HG2  sing N N 245 
LYS CG  HG3  sing N N 246 
LYS CD  CE   sing N N 247 
LYS CD  HD2  sing N N 248 
LYS CD  HD3  sing N N 249 
LYS CE  NZ   sing N N 250 
LYS CE  HE2  sing N N 251 
LYS CE  HE3  sing N N 252 
LYS NZ  HZ1  sing N N 253 
LYS NZ  HZ2  sing N N 254 
LYS NZ  HZ3  sing N N 255 
LYS OXT HXT  sing N N 256 
MET N   CA   sing N N 257 
MET N   H    sing N N 258 
MET N   H2   sing N N 259 
MET CA  C    sing N N 260 
MET CA  CB   sing N N 261 
MET CA  HA   sing N N 262 
MET C   O    doub N N 263 
MET C   OXT  sing N N 264 
MET CB  CG   sing N N 265 
MET CB  HB2  sing N N 266 
MET CB  HB3  sing N N 267 
MET CG  SD   sing N N 268 
MET CG  HG2  sing N N 269 
MET CG  HG3  sing N N 270 
MET SD  CE   sing N N 271 
MET CE  HE1  sing N N 272 
MET CE  HE2  sing N N 273 
MET CE  HE3  sing N N 274 
MET OXT HXT  sing N N 275 
PHE N   CA   sing N N 276 
PHE N   H    sing N N 277 
PHE N   H2   sing N N 278 
PHE CA  C    sing N N 279 
PHE CA  CB   sing N N 280 
PHE CA  HA   sing N N 281 
PHE C   O    doub N N 282 
PHE C   OXT  sing N N 283 
PHE CB  CG   sing N N 284 
PHE CB  HB2  sing N N 285 
PHE CB  HB3  sing N N 286 
PHE CG  CD1  doub Y N 287 
PHE CG  CD2  sing Y N 288 
PHE CD1 CE1  sing Y N 289 
PHE CD1 HD1  sing N N 290 
PHE CD2 CE2  doub Y N 291 
PHE CD2 HD2  sing N N 292 
PHE CE1 CZ   doub Y N 293 
PHE CE1 HE1  sing N N 294 
PHE CE2 CZ   sing Y N 295 
PHE CE2 HE2  sing N N 296 
PHE CZ  HZ   sing N N 297 
PHE OXT HXT  sing N N 298 
PRO N   CA   sing N N 299 
PRO N   CD   sing N N 300 
PRO N   H    sing N N 301 
PRO CA  C    sing N N 302 
PRO CA  CB   sing N N 303 
PRO CA  HA   sing N N 304 
PRO C   O    doub N N 305 
PRO C   OXT  sing N N 306 
PRO CB  CG   sing N N 307 
PRO CB  HB2  sing N N 308 
PRO CB  HB3  sing N N 309 
PRO CG  CD   sing N N 310 
PRO CG  HG2  sing N N 311 
PRO CG  HG3  sing N N 312 
PRO CD  HD2  sing N N 313 
PRO CD  HD3  sing N N 314 
PRO OXT HXT  sing N N 315 
SER N   CA   sing N N 316 
SER N   H    sing N N 317 
SER N   H2   sing N N 318 
SER CA  C    sing N N 319 
SER CA  CB   sing N N 320 
SER CA  HA   sing N N 321 
SER C   O    doub N N 322 
SER C   OXT  sing N N 323 
SER CB  OG   sing N N 324 
SER CB  HB2  sing N N 325 
SER CB  HB3  sing N N 326 
SER OG  HG   sing N N 327 
SER OXT HXT  sing N N 328 
THR N   CA   sing N N 329 
THR N   H    sing N N 330 
THR N   H2   sing N N 331 
THR CA  C    sing N N 332 
THR CA  CB   sing N N 333 
THR CA  HA   sing N N 334 
THR C   O    doub N N 335 
THR C   OXT  sing N N 336 
THR CB  OG1  sing N N 337 
THR CB  CG2  sing N N 338 
THR CB  HB   sing N N 339 
THR OG1 HG1  sing N N 340 
THR CG2 HG21 sing N N 341 
THR CG2 HG22 sing N N 342 
THR CG2 HG23 sing N N 343 
THR OXT HXT  sing N N 344 
TRP N   CA   sing N N 345 
TRP N   H    sing N N 346 
TRP N   H2   sing N N 347 
TRP CA  C    sing N N 348 
TRP CA  CB   sing N N 349 
TRP CA  HA   sing N N 350 
TRP C   O    doub N N 351 
TRP C   OXT  sing N N 352 
TRP CB  CG   sing N N 353 
TRP CB  HB2  sing N N 354 
TRP CB  HB3  sing N N 355 
TRP CG  CD1  doub Y N 356 
TRP CG  CD2  sing Y N 357 
TRP CD1 NE1  sing Y N 358 
TRP CD1 HD1  sing N N 359 
TRP CD2 CE2  doub Y N 360 
TRP CD2 CE3  sing Y N 361 
TRP NE1 CE2  sing Y N 362 
TRP NE1 HE1  sing N N 363 
TRP CE2 CZ2  sing Y N 364 
TRP CE3 CZ3  doub Y N 365 
TRP CE3 HE3  sing N N 366 
TRP CZ2 CH2  doub Y N 367 
TRP CZ2 HZ2  sing N N 368 
TRP CZ3 CH2  sing Y N 369 
TRP CZ3 HZ3  sing N N 370 
TRP CH2 HH2  sing N N 371 
TRP OXT HXT  sing N N 372 
TRS C   C1   sing N N 373 
TRS C   C2   sing N N 374 
TRS C   C3   sing N N 375 
TRS C   N    sing N N 376 
TRS C1  O1   sing N N 377 
TRS C1  H11  sing N N 378 
TRS C1  H12  sing N N 379 
TRS C2  O2   sing N N 380 
TRS C2  H21  sing N N 381 
TRS C2  H22  sing N N 382 
TRS C3  O3   sing N N 383 
TRS C3  H31  sing N N 384 
TRS C3  H32  sing N N 385 
TRS N   HN1  sing N N 386 
TRS N   HN2  sing N N 387 
TRS N   HN3  sing N N 388 
TRS O1  HO1  sing N N 389 
TRS O2  HO2  sing N N 390 
TRS O3  HO3  sing N N 391 
TYR N   CA   sing N N 392 
TYR N   H    sing N N 393 
TYR N   H2   sing N N 394 
TYR CA  C    sing N N 395 
TYR CA  CB   sing N N 396 
TYR CA  HA   sing N N 397 
TYR C   O    doub N N 398 
TYR C   OXT  sing N N 399 
TYR CB  CG   sing N N 400 
TYR CB  HB2  sing N N 401 
TYR CB  HB3  sing N N 402 
TYR CG  CD1  doub Y N 403 
TYR CG  CD2  sing Y N 404 
TYR CD1 CE1  sing Y N 405 
TYR CD1 HD1  sing N N 406 
TYR CD2 CE2  doub Y N 407 
TYR CD2 HD2  sing N N 408 
TYR CE1 CZ   doub Y N 409 
TYR CE1 HE1  sing N N 410 
TYR CE2 CZ   sing Y N 411 
TYR CE2 HE2  sing N N 412 
TYR CZ  OH   sing N N 413 
TYR OH  HH   sing N N 414 
TYR OXT HXT  sing N N 415 
VAL N   CA   sing N N 416 
VAL N   H    sing N N 417 
VAL N   H2   sing N N 418 
VAL CA  C    sing N N 419 
VAL CA  CB   sing N N 420 
VAL CA  HA   sing N N 421 
VAL C   O    doub N N 422 
VAL C   OXT  sing N N 423 
VAL CB  CG1  sing N N 424 
VAL CB  CG2  sing N N 425 
VAL CB  HB   sing N N 426 
VAL CG1 HG11 sing N N 427 
VAL CG1 HG12 sing N N 428 
VAL CG1 HG13 sing N N 429 
VAL CG2 HG21 sing N N 430 
VAL CG2 HG22 sing N N 431 
VAL CG2 HG23 sing N N 432 
VAL OXT HXT  sing N N 433 
# 
_pdbx_deposit_group.group_id            G_1002123 
_pdbx_deposit_group.group_description   
;BROMODOMAIN OF HUMAN NUCLEOSOME-REMODELING FACTOR SUBUNIT BPTF screened against the 3D-Fragment Consortium Library by
X-ray Crystallography at the XChem facility of Diamond Light Source beamline I04-1
;
_pdbx_deposit_group.group_title         
;PanDDA analysis group deposition of the bromodomain of human nucleosome-remodeling factor subunit BPTF fragment
screening
;
_pdbx_deposit_group.group_type          'changed state' 
# 
_pdbx_entity_instance_feature.ordinal        1 
_pdbx_entity_instance_feature.comp_id        HWH 
_pdbx_entity_instance_feature.asym_id        ? 
_pdbx_entity_instance_feature.seq_num        ? 
_pdbx_entity_instance_feature.auth_comp_id   HWH 
_pdbx_entity_instance_feature.auth_asym_id   ? 
_pdbx_entity_instance_feature.auth_seq_num   ? 
_pdbx_entity_instance_feature.feature_type   'SUBJECT OF INVESTIGATION' 
_pdbx_entity_instance_feature.details        ? 
# 
_atom_sites.entry_id                    5R4H 
_atom_sites.fract_transf_matrix[1][1]   0.00447720 
_atom_sites.fract_transf_matrix[1][2]   0.00551069 
_atom_sites.fract_transf_matrix[1][3]   0.00544813 
_atom_sites.fract_transf_matrix[2][1]   0.02687739 
_atom_sites.fract_transf_matrix[2][2]   0.00238068 
_atom_sites.fract_transf_matrix[2][3]   -0.02449552 
_atom_sites.fract_transf_matrix[3][1]   -0.01038065 
_atom_sites.fract_transf_matrix[3][2]   0.02225471 
_atom_sites.fract_transf_matrix[3][3]   -0.00922713 
_atom_sites.fract_transf_vector[1]      -0.130074 
_atom_sites.fract_transf_vector[2]      0.445265 
_atom_sites.fract_transf_vector[3]      0.040701 
# 
loop_
_atom_type.symbol 
C 
F 
N 
O 
S 
# 
loop_
_atom_site.group_PDB 
_atom_site.id 
_atom_site.type_symbol 
_atom_site.label_atom_id 
_atom_site.label_alt_id 
_atom_site.label_comp_id 
_atom_site.label_asym_id 
_atom_site.label_entity_id 
_atom_site.label_seq_id 
_atom_site.pdbx_PDB_ins_code 
_atom_site.Cartn_x 
_atom_site.Cartn_y 
_atom_site.Cartn_z 
_atom_site.occupancy 
_atom_site.B_iso_or_equiv 
_atom_site.pdbx_formal_charge 
_atom_site.auth_seq_id 
_atom_site.auth_comp_id 
_atom_site.auth_asym_id 
_atom_site.auth_atom_id 
_atom_site.pdbx_PDB_model_num 
ATOM   1    N N   . GLU A 1 5   ? 2.350   15.898  -5.096  1.00 30.29 ? 2793 GLU A N   1 
ATOM   2    C CA  . GLU A 1 5   ? 1.468   15.259  -6.115  1.00 28.28 ? 2793 GLU A CA  1 
ATOM   3    C C   . GLU A 1 5   ? 0.932   16.335  -7.060  1.00 28.00 ? 2793 GLU A C   1 
ATOM   4    O O   . GLU A 1 5   ? 0.633   17.454  -6.622  1.00 29.58 ? 2793 GLU A O   1 
ATOM   5    C CB  . GLU A 1 5   ? 0.306   14.537  -5.424  1.00 26.56 ? 2793 GLU A CB  1 
ATOM   6    C CG  . GLU A 1 5   ? 0.742   13.390  -4.515  1.00 25.76 ? 2793 GLU A CG  1 
ATOM   7    C CD  . GLU A 1 5   ? -0.414  12.741  -3.758  1.00 25.64 ? 2793 GLU A CD  1 
ATOM   8    O OE1 . GLU A 1 5   ? -1.364  13.454  -3.372  1.00 25.59 ? 2793 GLU A OE1 1 
ATOM   9    O OE2 . GLU A 1 5   ? -0.380  11.507  -3.532  1.00 22.26 ? 2793 GLU A OE2 1 
ATOM   10   N N   A ASP A 1 6   ? 0.815   16.007  -8.344  0.25 27.19 ? 2794 ASP A N   1 
ATOM   11   N N   B ASP A 1 6   ? 0.808   15.986  -8.342  0.25 28.65 ? 2794 ASP A N   1 
ATOM   12   C CA  A ASP A 1 6   ? 0.312   16.958  -9.332  0.25 26.04 ? 2794 ASP A CA  1 
ATOM   13   C CA  B ASP A 1 6   ? 0.294   16.900  -9.364  0.25 28.35 ? 2794 ASP A CA  1 
ATOM   14   C C   A ASP A 1 6   ? -1.216  16.974  -9.331  0.25 26.79 ? 2794 ASP A C   1 
ATOM   15   C C   B ASP A 1 6   ? -1.225  17.008  -9.278  0.25 28.15 ? 2794 ASP A C   1 
ATOM   16   O O   A ASP A 1 6   ? -1.857  16.131  -8.686  0.25 26.40 ? 2794 ASP A O   1 
ATOM   17   O O   B ASP A 1 6   ? -1.873  16.252  -8.540  0.25 27.81 ? 2794 ASP A O   1 
ATOM   18   C CB  A ASP A 1 6   ? 0.884   16.656  -10.722 0.25 25.11 ? 2794 ASP A CB  1 
ATOM   19   C CB  B ASP A 1 6   ? 0.693   16.419  -10.761 0.25 29.00 ? 2794 ASP A CB  1 
ATOM   20   C CG  A ASP A 1 6   ? 0.259   15.443  -11.373 0.25 24.41 ? 2794 ASP A CG  1 
ATOM   21   C CG  B ASP A 1 6   ? -0.041  15.159  -11.174 0.25 30.05 ? 2794 ASP A CG  1 
ATOM   22   O OD1 A ASP A 1 6   ? -0.826  15.009  -10.931 0.25 22.88 ? 2794 ASP A OD1 1 
ATOM   23   O OD1 B ASP A 1 6   ? -0.165  14.250  -10.336 0.25 31.17 ? 2794 ASP A OD1 1 
ATOM   24   O OD2 A ASP A 1 6   ? 0.854   14.935  -12.350 0.25 24.16 ? 2794 ASP A OD2 1 
ATOM   25   O OD2 B ASP A 1 6   ? -0.493  15.071  -12.335 0.25 31.60 ? 2794 ASP A OD2 1 
ATOM   26   N N   . ALA A 1 7   ? -1.784  17.942  -10.043 1.00 27.14 ? 2795 ALA A N   1 
ATOM   27   C CA  . ALA A 1 7   ? -3.242  18.182  -10.044 1.00 26.42 ? 2795 ALA A CA  1 
ATOM   28   C C   . ALA A 1 7   ? -4.094  17.005  -10.526 1.00 25.26 ? 2795 ALA A C   1 
ATOM   29   O O   . ALA A 1 7   ? -5.181  16.758  -9.978  1.00 24.82 ? 2795 ALA A O   1 
ATOM   30   C CB  . ALA A 1 7   ? -3.569  19.438  -10.840 1.00 26.92 ? 2795 ALA A CB  1 
ATOM   31   N N   . MET A 1 8   ? -3.596  16.252  -11.501 1.00 22.24 ? 2796 MET A N   1 
ATOM   32   C CA  . MET A 1 8   ? -4.324  15.064  -11.940 1.00 20.97 ? 2796 MET A CA  1 
ATOM   33   C C   . MET A 1 8   ? -4.487  14.042  -10.792 1.00 18.96 ? 2796 MET A C   1 
ATOM   34   O O   . MET A 1 8   ? -5.543  13.448  -10.636 1.00 16.67 ? 2796 MET A O   1 
ATOM   35   C CB  . MET A 1 8   ? -3.648  14.390  -13.158 1.00 22.49 ? 2796 MET A CB  1 
ATOM   36   C CG  . MET A 1 8   ? -4.586  13.412  -13.874 1.00 24.72 ? 2796 MET A CG  1 
ATOM   37   S SD  . MET A 1 8   ? -3.884  12.430  -15.216 1.00 28.69 ? 2796 MET A SD  1 
ATOM   38   C CE  . MET A 1 8   ? -5.367  11.820  -16.019 1.00 28.80 ? 2796 MET A CE  1 
ATOM   39   N N   . THR A 1 9   ? -3.436  13.844  -10.003 1.00 19.57 ? 2797 THR A N   1 
ATOM   40   C CA  . THR A 1 9   ? -3.425  12.816  -8.949  1.00 18.79 ? 2797 THR A CA  1 
ATOM   41   C C   . THR A 1 9   ? -4.414  13.203  -7.844  1.00 18.61 ? 2797 THR A C   1 
ATOM   42   O O   . THR A 1 9   ? -5.215  12.366  -7.332  1.00 16.09 ? 2797 THR A O   1 
ATOM   43   C CB  . THR A 1 9   ? -1.962  12.611  -8.428  1.00 18.99 ? 2797 THR A CB  1 
ATOM   44   O OG1 . THR A 1 9   ? -1.161  12.047  -9.486  1.00 21.02 ? 2797 THR A OG1 1 
ATOM   45   C CG2 . THR A 1 9   ? -1.899  11.706  -7.190  1.00 19.69 ? 2797 THR A CG2 1 
ATOM   46   N N   . VAL A 1 10  ? -4.396  14.487  -7.506  1.00 19.41 ? 2798 VAL A N   1 
ATOM   47   C CA  . VAL A 1 10  ? -5.248  14.977  -6.442  1.00 19.78 ? 2798 VAL A CA  1 
ATOM   48   C C   . VAL A 1 10  ? -6.739  15.076  -6.875  1.00 19.55 ? 2798 VAL A C   1 
ATOM   49   O O   . VAL A 1 10  ? -7.617  14.736  -6.079  1.00 21.36 ? 2798 VAL A O   1 
ATOM   50   C CB  . VAL A 1 10  ? -4.689  16.313  -5.896  1.00 20.82 ? 2798 VAL A CB  1 
ATOM   51   C CG1 . VAL A 1 10  ? -5.575  16.863  -4.791  1.00 22.14 ? 2798 VAL A CG1 1 
ATOM   52   C CG2 . VAL A 1 10  ? -3.245  16.132  -5.383  1.00 20.99 ? 2798 VAL A CG2 1 
ATOM   53   N N   . LEU A 1 11  ? -7.013  15.571  -8.087  1.00 21.23 ? 2799 LEU A N   1 
ATOM   54   C CA  . LEU A 1 11  ? -8.370  16.065  -8.451  1.00 20.51 ? 2799 LEU A CA  1 
ATOM   55   C C   . LEU A 1 11  ? -9.127  15.325  -9.561  1.00 21.97 ? 2799 LEU A C   1 
ATOM   56   O O   . LEU A 1 11  ? -10.332 15.511  -9.676  1.00 21.86 ? 2799 LEU A O   1 
ATOM   57   C CB  . LEU A 1 11  ? -8.314  17.565  -8.789  1.00 22.12 ? 2799 LEU A CB  1 
ATOM   58   C CG  . LEU A 1 11  ? -7.803  18.493  -7.676  1.00 22.57 ? 2799 LEU A CG  1 
ATOM   59   C CD1 . LEU A 1 11  ? -7.658  19.927  -8.181  1.00 23.79 ? 2799 LEU A CD1 1 
ATOM   60   C CD2 . LEU A 1 11  ? -8.680  18.443  -6.422  1.00 22.96 ? 2799 LEU A CD2 1 
ATOM   61   N N   . THR A 1 12  ? -8.476  14.452  -10.340 1.00 20.89 ? 2800 THR A N   1 
ATOM   62   C CA  . THR A 1 12  ? -9.152  13.821  -11.472 1.00 19.48 ? 2800 THR A CA  1 
ATOM   63   C C   . THR A 1 12  ? -9.821  12.541  -10.934 1.00 18.75 ? 2800 THR A C   1 
ATOM   64   O O   . THR A 1 12  ? -9.102  11.617  -10.492 1.00 20.05 ? 2800 THR A O   1 
ATOM   65   C CB  . THR A 1 12  ? -8.209  13.519  -12.632 1.00 21.79 ? 2800 THR A CB  1 
ATOM   66   O OG1 . THR A 1 12  ? -7.700  14.769  -13.124 1.00 22.44 ? 2800 THR A OG1 1 
ATOM   67   C CG2 . THR A 1 12  ? -8.943  12.814  -13.766 1.00 22.39 ? 2800 THR A CG2 1 
ATOM   68   N N   . PRO A 1 13  ? -11.171 12.467  -10.937 1.00 17.75 ? 2801 PRO A N   1 
ATOM   69   C CA  . PRO A 1 13  ? -11.861 11.263  -10.465 1.00 17.53 ? 2801 PRO A CA  1 
ATOM   70   C C   . PRO A 1 13  ? -11.311 10.004  -11.084 1.00 17.42 ? 2801 PRO A C   1 
ATOM   71   O O   . PRO A 1 13  ? -10.876 10.004  -12.240 1.00 18.16 ? 2801 PRO A O   1 
ATOM   72   C CB  . PRO A 1 13  ? -13.307 11.488  -10.922 1.00 17.76 ? 2801 PRO A CB  1 
ATOM   73   C CG  . PRO A 1 13  ? -13.457 12.970  -10.906 1.00 17.95 ? 2801 PRO A CG  1 
ATOM   74   C CD  . PRO A 1 13  ? -12.145 13.489  -11.404 1.00 18.23 ? 2801 PRO A CD  1 
ATOM   75   N N   . LEU A 1 14  ? -11.323 8.920   -10.307 1.00 15.39 ? 2802 LEU A N   1 
ATOM   76   C CA  . LEU A 1 14  ? -10.910 7.625   -10.825 1.00 15.24 ? 2802 LEU A CA  1 
ATOM   77   C C   . LEU A 1 14  ? -12.002 7.041   -11.736 1.00 15.55 ? 2802 LEU A C   1 
ATOM   78   O O   . LEU A 1 14  ? -13.131 6.821   -11.287 1.00 19.00 ? 2802 LEU A O   1 
ATOM   79   C CB  . LEU A 1 14  ? -10.595 6.644   -9.677  1.00 14.49 ? 2802 LEU A CB  1 
ATOM   80   C CG  . LEU A 1 14  ? -9.358  7.005   -8.851  1.00 14.21 ? 2802 LEU A CG  1 
ATOM   81   C CD1 . LEU A 1 14  ? -9.337  6.202   -7.538  1.00 14.29 ? 2802 LEU A CD1 1 
ATOM   82   C CD2 . LEU A 1 14  ? -8.072  6.798   -9.627  1.00 14.79 ? 2802 LEU A CD2 1 
ATOM   83   N N   . THR A 1 15  ? -11.646 6.772   -12.984 1.00 15.66 ? 2803 THR A N   1 
ATOM   84   C CA  . THR A 1 15  ? -12.563 6.155   -13.952 1.00 16.24 ? 2803 THR A CA  1 
ATOM   85   C C   . THR A 1 15  ? -12.534 4.641   -13.878 1.00 16.38 ? 2803 THR A C   1 
ATOM   86   O O   . THR A 1 15  ? -11.697 4.073   -13.171 1.00 15.38 ? 2803 THR A O   1 
ATOM   87   C CB  . THR A 1 15  ? -12.149 6.566   -15.368 1.00 17.99 ? 2803 THR A CB  1 
ATOM   88   O OG1 . THR A 1 15  ? -10.861 6.014   -15.666 1.00 17.94 ? 2803 THR A OG1 1 
ATOM   89   C CG2 . THR A 1 15  ? -12.115 8.087   -15.512 1.00 18.92 ? 2803 THR A CG2 1 
ATOM   90   N N   . GLU A 1 16  ? -13.404 3.959   -14.637 1.00 17.80 ? 2804 GLU A N   1 
ATOM   91   C CA  . GLU A 1 16  ? -13.310 2.486   -14.723 1.00 19.07 ? 2804 GLU A CA  1 
ATOM   92   C C   . GLU A 1 16  ? -11.957 1.979   -15.251 1.00 18.24 ? 2804 GLU A C   1 
ATOM   93   O O   . GLU A 1 16  ? -11.428 0.993   -14.717 1.00 17.22 ? 2804 GLU A O   1 
ATOM   94   C CB  . GLU A 1 16  ? -14.525 1.838   -15.427 1.00 22.47 ? 2804 GLU A CB  1 
ATOM   95   C CG  . GLU A 1 16  ? -15.742 1.721   -14.492 1.00 26.89 ? 2804 GLU A CG  1 
ATOM   96   C CD  . GLU A 1 16  ? -15.546 0.764   -13.298 1.00 30.10 ? 2804 GLU A CD  1 
ATOM   97   O OE1 . GLU A 1 16  ? -15.267 -0.431  -13.520 1.00 35.34 ? 2804 GLU A OE1 1 
ATOM   98   O OE2 . GLU A 1 16  ? -15.691 1.195   -12.124 1.00 33.48 ? 2804 GLU A OE2 1 
ATOM   99   N N   . LYS A 1 17  ? -11.410 2.648   -16.269 0.50 18.33 ? 2805 LYS A N   1 
ATOM   100  C CA  . LYS A 1 17  ? -10.082 2.320   -16.794 0.50 18.63 ? 2805 LYS A CA  1 
ATOM   101  C C   . LYS A 1 17  ? -8.993  2.490   -15.732 0.50 17.58 ? 2805 LYS A C   1 
ATOM   102  O O   . LYS A 1 17  ? -8.117  1.639   -15.586 0.50 17.55 ? 2805 LYS A O   1 
ATOM   103  C CB  . LYS A 1 17  ? -9.751  3.187   -18.013 0.50 19.86 ? 2805 LYS A CB  1 
ATOM   104  C CG  . LYS A 1 17  ? -8.375  2.909   -18.596 0.50 20.71 ? 2805 LYS A CG  1 
ATOM   105  C CD  . LYS A 1 17  ? -7.983  3.900   -19.686 0.50 21.48 ? 2805 LYS A CD  1 
ATOM   106  C CE  . LYS A 1 17  ? -8.985  3.907   -20.832 0.50 21.94 ? 2805 LYS A CE  1 
ATOM   107  N NZ  . LYS A 1 17  ? -8.493  4.672   -22.015 0.50 22.58 ? 2805 LYS A NZ  1 
ATOM   108  N N   . ASP A 1 18  ? -9.060  3.592   -14.986 1.00 16.71 ? 2806 ASP A N   1 
ATOM   109  C CA  . ASP A 1 18  ? -8.140  3.830   -13.855 1.00 15.52 ? 2806 ASP A CA  1 
ATOM   110  C C   . ASP A 1 18  ? -8.229  2.658   -12.851 1.00 13.92 ? 2806 ASP A C   1 
ATOM   111  O O   . ASP A 1 18  ? -7.192  2.200   -12.368 1.00 13.78 ? 2806 ASP A O   1 
ATOM   112  C CB  . ASP A 1 18  ? -8.474  5.128   -13.096 1.00 15.37 ? 2806 ASP A CB  1 
ATOM   113  C CG  . ASP A 1 18  ? -8.128  6.411   -13.859 1.00 16.62 ? 2806 ASP A CG  1 
ATOM   114  O OD1 . ASP A 1 18  ? -7.170  6.411   -14.650 1.00 17.58 ? 2806 ASP A OD1 1 
ATOM   115  O OD2 . ASP A 1 18  ? -8.814  7.427   -13.612 1.00 16.82 ? 2806 ASP A OD2 1 
ATOM   116  N N   . TYR A 1 19  ? -9.445  2.182   -12.558 1.00 14.21 ? 2807 TYR A N   1 
ATOM   117  C CA  . TYR A 1 19  ? -9.611  1.054   -11.619 1.00 13.80 ? 2807 TYR A CA  1 
ATOM   118  C C   . TYR A 1 19  ? -8.984  -0.262  -12.094 1.00 14.99 ? 2807 TYR A C   1 
ATOM   119  O O   . TYR A 1 19  ? -8.429  -1.010  -11.283 1.00 15.47 ? 2807 TYR A O   1 
ATOM   120  C CB  . TYR A 1 19  ? -11.098 0.858   -11.202 1.00 13.17 ? 2807 TYR A CB  1 
ATOM   121  C CG  . TYR A 1 19  ? -11.399 1.456   -9.853  1.00 12.84 ? 2807 TYR A CG  1 
ATOM   122  C CD1 . TYR A 1 19  ? -11.851 2.762   -9.730  1.00 12.41 ? 2807 TYR A CD1 1 
ATOM   123  C CD2 . TYR A 1 19  ? -11.177 0.740   -8.688  1.00 13.38 ? 2807 TYR A CD2 1 
ATOM   124  C CE1 . TYR A 1 19  ? -12.089 3.343   -8.482  1.00 12.68 ? 2807 TYR A CE1 1 
ATOM   125  C CE2 . TYR A 1 19  ? -11.411 1.290   -7.444  1.00 13.27 ? 2807 TYR A CE2 1 
ATOM   126  C CZ  . TYR A 1 19  ? -11.862 2.581   -7.317  1.00 12.22 ? 2807 TYR A CZ  1 
ATOM   127  O OH  . TYR A 1 19  ? -12.097 3.045   -6.042  1.00 13.05 ? 2807 TYR A OH  1 
ATOM   128  N N   . GLU A 1 20  ? -9.014  -0.522  -13.400 1.00 15.49 ? 2808 GLU A N   1 
ATOM   129  C CA  . GLU A 1 20  ? -8.281  -1.683  -13.930 1.00 18.07 ? 2808 GLU A CA  1 
ATOM   130  C C   . GLU A 1 20  ? -6.771  -1.583  -13.678 1.00 17.09 ? 2808 GLU A C   1 
ATOM   131  O O   . GLU A 1 20  ? -6.139  -2.593  -13.304 1.00 16.88 ? 2808 GLU A O   1 
ATOM   132  C CB  . GLU A 1 20  ? -8.651  -1.961  -15.390 1.00 20.70 ? 2808 GLU A CB  1 
ATOM   133  C CG  . GLU A 1 20  ? -10.074 -2.520  -15.554 1.00 23.82 ? 2808 GLU A CG  1 
ATOM   134  C CD  . GLU A 1 20  ? -10.394 -3.728  -14.661 1.00 26.30 ? 2808 GLU A CD  1 
ATOM   135  O OE1 . GLU A 1 20  ? -9.687  -4.769  -14.721 1.00 31.80 ? 2808 GLU A OE1 1 
ATOM   136  O OE2 . GLU A 1 20  ? -11.365 -3.632  -13.870 1.00 31.11 ? 2808 GLU A OE2 1 
ATOM   137  N N   . GLY A 1 21  ? -6.199  -0.381  -13.815 1.00 15.58 ? 2809 GLY A N   1 
ATOM   138  C CA  . GLY A 1 21  ? -4.801  -0.135  -13.478 1.00 15.00 ? 2809 GLY A CA  1 
ATOM   139  C C   . GLY A 1 21  ? -4.503  -0.296  -11.995 1.00 14.62 ? 2809 GLY A C   1 
ATOM   140  O O   . GLY A 1 21  ? -3.447  -0.856  -11.625 1.00 15.56 ? 2809 GLY A O   1 
ATOM   141  N N   . LEU A 1 22  ? -5.383  0.196   -11.118 1.00 13.84 ? 2810 LEU A N   1 
ATOM   142  C CA  . LEU A 1 22  ? -5.169  0.042   -9.663  1.00 13.52 ? 2810 LEU A CA  1 
ATOM   143  C C   . LEU A 1 22  ? -5.188  -1.437  -9.264  1.00 12.58 ? 2810 LEU A C   1 
ATOM   144  O O   . LEU A 1 22  ? -4.390  -1.855  -8.429  1.00 12.65 ? 2810 LEU A O   1 
ATOM   145  C CB  . LEU A 1 22  ? -6.244  0.766   -8.847  1.00 15.17 ? 2810 LEU A CB  1 
ATOM   146  C CG  . LEU A 1 22  ? -6.227  2.288   -8.900  1.00 17.11 ? 2810 LEU A CG  1 
ATOM   147  C CD1 . LEU A 1 22  ? -7.295  2.835   -7.956  1.00 17.38 ? 2810 LEU A CD1 1 
ATOM   148  C CD2 . LEU A 1 22  ? -4.860  2.864   -8.584  1.00 17.82 ? 2810 LEU A CD2 1 
ATOM   149  N N   . LYS A 1 23  ? -6.102  -2.211  -9.867  1.00 13.26 ? 2811 LYS A N   1 
ATOM   150  C CA  . LYS A 1 23  ? -6.138  -3.667  -9.613  1.00 13.63 ? 2811 LYS A CA  1 
ATOM   151  C C   . LYS A 1 23  ? -4.816  -4.347  -9.958  1.00 13.04 ? 2811 LYS A C   1 
ATOM   152  O O   . LYS A 1 23  ? -4.328  -5.178  -9.195  1.00 13.30 ? 2811 LYS A O   1 
ATOM   153  C CB  . LYS A 1 23  ? -7.279  -4.347  -10.362 1.00 15.10 ? 2811 LYS A CB  1 
ATOM   154  C CG  . LYS A 1 23  ? -8.639  -4.024  -9.795  1.00 17.26 ? 2811 LYS A CG  1 
ATOM   155  C CD  . LYS A 1 23  ? -9.702  -4.662  -10.653 1.00 21.44 ? 2811 LYS A CD  1 
ATOM   156  C CE  . LYS A 1 23  ? -11.043 -4.033  -10.371 1.00 23.96 ? 2811 LYS A CE  1 
ATOM   157  N NZ  . LYS A 1 23  ? -12.040 -4.543  -11.333 1.00 26.96 ? 2811 LYS A NZ  1 
ATOM   158  N N   . ARG A 1 24  ? -4.245  -3.982  -11.093 1.00 13.27 ? 2812 ARG A N   1 
ATOM   159  C CA  . ARG A 1 24  ? -2.962  -4.536  -11.531 1.00 14.51 ? 2812 ARG A CA  1 
ATOM   160  C C   . ARG A 1 24  ? -1.821  -4.126  -10.600 1.00 13.48 ? 2812 ARG A C   1 
ATOM   161  O O   . ARG A 1 24  ? -0.975  -4.980  -10.263 1.00 13.22 ? 2812 ARG A O   1 
ATOM   162  C CB  . ARG A 1 24  ? -2.679  -4.131  -12.974 1.00 16.64 ? 2812 ARG A CB  1 
ATOM   163  C CG  . ARG A 1 24  ? -1.334  -4.576  -13.553 1.00 19.76 ? 2812 ARG A CG  1 
ATOM   164  C CD  . ARG A 1 24  ? -0.896  -3.647  -14.712 1.00 24.45 ? 2812 ARG A CD  1 
ATOM   165  N NE  . ARG A 1 24  ? -1.374  -4.122  -16.000 1.00 28.27 ? 2812 ARG A NE  1 
ATOM   166  C CZ  . ARG A 1 24  ? -1.196  -3.521  -17.181 1.00 28.10 ? 2812 ARG A CZ  1 
ATOM   167  N NH1 . ARG A 1 24  ? -1.667  -4.119  -18.270 1.00 28.32 ? 2812 ARG A NH1 1 
ATOM   168  N NH2 . ARG A 1 24  ? -0.599  -2.330  -17.289 1.00 31.48 ? 2812 ARG A NH2 1 
ATOM   169  N N   . VAL A 1 25  ? -1.772  -2.850  -10.173 1.00 12.46 ? 2813 VAL A N   1 
ATOM   170  C CA  . VAL A 1 25  ? -0.740  -2.400  -9.222  1.00 12.16 ? 2813 VAL A CA  1 
ATOM   171  C C   . VAL A 1 25  ? -0.816  -3.218  -7.937  1.00 11.71 ? 2813 VAL A C   1 
ATOM   172  O O   . VAL A 1 25  ? 0.211   -3.709  -7.426  1.00 11.56 ? 2813 VAL A O   1 
ATOM   173  C CB  . VAL A 1 25  ? -0.830  -0.869  -8.937  1.00 12.76 ? 2813 VAL A CB  1 
ATOM   174  C CG1 . VAL A 1 25  ? 0.091   -0.454  -7.806  1.00 13.10 ? 2813 VAL A CG1 1 
ATOM   175  C CG2 . VAL A 1 25  ? -0.482  -0.065  -10.201 1.00 14.35 ? 2813 VAL A CG2 1 
ATOM   176  N N   . LEU A 1 26  ? -2.027  -3.344  -7.403  1.00 11.76 ? 2814 LEU A N   1 
ATOM   177  C CA  . LEU A 1 26  ? -2.197  -4.058  -6.144  1.00 11.78 ? 2814 LEU A CA  1 
ATOM   178  C C   . LEU A 1 26  ? -1.761  -5.537  -6.257  1.00 11.01 ? 2814 LEU A C   1 
ATOM   179  O O   . LEU A 1 26  ? -1.067  -6.050  -5.350  1.00 11.45 ? 2814 LEU A O   1 
ATOM   180  C CB  . LEU A 1 26  ? -3.640  -3.919  -5.655  1.00 13.57 ? 2814 LEU A CB  1 
ATOM   181  C CG  . LEU A 1 26  ? -3.989  -4.509  -4.303  1.00 13.90 ? 2814 LEU A CG  1 
ATOM   182  C CD1 . LEU A 1 26  ? -3.136  -3.954  -3.169  1.00 14.16 ? 2814 LEU A CD1 1 
ATOM   183  C CD2 . LEU A 1 26  ? -5.453  -4.259  -4.038  1.00 14.50 ? 2814 LEU A CD2 1 
ATOM   184  N N   A ARG A 1 27  ? -2.147  -6.208  -7.349  0.25 11.15 ? 2815 ARG A N   1 
ATOM   185  N N   B ARG A 1 27  ? -2.151  -6.207  -7.345  0.25 11.07 ? 2815 ARG A N   1 
ATOM   186  C CA  A ARG A 1 27  ? -1.757  -7.610  -7.555  0.25 11.25 ? 2815 ARG A CA  1 
ATOM   187  C CA  B ARG A 1 27  ? -1.765  -7.604  -7.549  0.25 11.09 ? 2815 ARG A CA  1 
ATOM   188  C C   A ARG A 1 27  ? -0.231  -7.772  -7.657  0.25 11.51 ? 2815 ARG A C   1 
ATOM   189  C C   B ARG A 1 27  ? -0.247  -7.752  -7.676  0.25 10.82 ? 2815 ARG A C   1 
ATOM   190  O O   A ARG A 1 27  ? 0.314   -8.762  -7.183  0.25 11.30 ? 2815 ARG A O   1 
ATOM   191  O O   B ARG A 1 27  ? 0.320   -8.740  -7.226  0.25 10.60 ? 2815 ARG A O   1 
ATOM   192  C CB  A ARG A 1 27  ? -2.452  -8.209  -8.789  0.25 11.61 ? 2815 ARG A CB  1 
ATOM   193  C CB  B ARG A 1 27  ? -2.474  -8.180  -8.773  0.25 11.90 ? 2815 ARG A CB  1 
ATOM   194  C CG  A ARG A 1 27  ? -3.940  -8.518  -8.604  0.25 11.94 ? 2815 ARG A CG  1 
ATOM   195  C CG  B ARG A 1 27  ? -3.960  -8.399  -8.540  0.25 12.67 ? 2815 ARG A CG  1 
ATOM   196  C CD  A ARG A 1 27  ? -4.513  -9.352  -9.749  0.25 12.19 ? 2815 ARG A CD  1 
ATOM   197  C CD  B ARG A 1 27  ? -4.745  -8.732  -9.798  0.25 13.45 ? 2815 ARG A CD  1 
ATOM   198  N NE  A ARG A 1 27  ? -4.138  -8.780  -11.039 0.25 12.44 ? 2815 ARG A NE  1 
ATOM   199  N NE  B ARG A 1 27  ? -6.150  -8.928  -9.454  0.25 14.10 ? 2815 ARG A NE  1 
ATOM   200  C CZ  A ARG A 1 27  ? -4.963  -8.144  -11.868 0.25 12.68 ? 2815 ARG A CZ  1 
ATOM   201  C CZ  B ARG A 1 27  ? -7.162  -8.729  -10.280 0.25 14.33 ? 2815 ARG A CZ  1 
ATOM   202  N NH1 A ARG A 1 27  ? -6.248  -8.008  -11.578 0.25 13.45 ? 2815 ARG A NH1 1 
ATOM   203  N NH1 B ARG A 1 27  ? -6.946  -8.328  -11.519 0.25 14.45 ? 2815 ARG A NH1 1 
ATOM   204  N NH2 A ARG A 1 27  ? -4.487  -7.653  -13.001 0.25 12.31 ? 2815 ARG A NH2 1 
ATOM   205  N NH2 B ARG A 1 27  ? -8.398  -8.931  -9.847  0.25 14.35 ? 2815 ARG A NH2 1 
ATOM   206  N N   A SER A 1 28  ? 0.449   -6.794  -8.256  0.38 11.90 ? 2816 SER A N   1 
ATOM   207  N N   B SER A 1 28  ? 0.396   -6.752  -8.271  0.12 10.56 ? 2816 SER A N   1 
ATOM   208  C CA  A SER A 1 28  ? 1.919   -6.827  -8.345  0.38 12.61 ? 2816 SER A CA  1 
ATOM   209  C CA  B SER A 1 28  ? 1.847   -6.766  -8.426  0.12 10.54 ? 2816 SER A CA  1 
ATOM   210  C C   A SER A 1 28  ? 2.557   -6.806  -6.956  0.38 11.95 ? 2816 SER A C   1 
ATOM   211  C C   B SER A 1 28  ? 2.543   -6.657  -7.061  0.12 10.68 ? 2816 SER A C   1 
ATOM   212  O O   A SER A 1 28  ? 3.493   -7.550  -6.672  0.38 12.06 ? 2816 SER A O   1 
ATOM   213  O O   B SER A 1 28  ? 3.583   -7.273  -6.850  0.12 10.68 ? 2816 SER A O   1 
ATOM   214  C CB  A SER A 1 28  ? 2.447   -5.638  -9.156  0.38 13.65 ? 2816 SER A CB  1 
ATOM   215  C CB  B SER A 1 28  ? 2.298   -5.654  -9.390  0.12 10.34 ? 2816 SER A CB  1 
ATOM   216  O OG  A SER A 1 28  ? 2.145   -5.773  -10.526 0.38 16.18 ? 2816 SER A OG  1 
ATOM   217  O OG  B SER A 1 28  ? 2.576   -4.433  -8.731  0.12 9.78  ? 2816 SER A OG  1 
ATOM   218  N N   A LEU A 1 29  ? 2.052   -5.945  -6.072  0.25 11.48 ? 2817 LEU A N   1 
ATOM   219  N N   B LEU A 1 29  ? 1.961   -5.890  -6.135  0.25 10.89 ? 2817 LEU A N   1 
ATOM   220  C CA  A LEU A 1 29  ? 2.578   -5.887  -4.706  0.25 11.65 ? 2817 LEU A CA  1 
ATOM   221  C CA  B LEU A 1 29  ? 2.459   -5.797  -4.755  0.25 11.59 ? 2817 LEU A CA  1 
ATOM   222  C C   A LEU A 1 29  ? 2.262   -7.169  -3.949  0.25 11.30 ? 2817 LEU A C   1 
ATOM   223  C C   B LEU A 1 29  ? 2.238   -7.109  -3.978  0.25 11.32 ? 2817 LEU A C   1 
ATOM   224  O O   A LEU A 1 29  ? 3.121   -7.703  -3.235  0.25 11.56 ? 2817 LEU A O   1 
ATOM   225  O O   B LEU A 1 29  ? 3.136   -7.593  -3.282  0.25 11.87 ? 2817 LEU A O   1 
ATOM   226  C CB  A LEU A 1 29  ? 2.040   -4.677  -3.945  0.25 12.04 ? 2817 LEU A CB  1 
ATOM   227  C CB  B LEU A 1 29  ? 1.788   -4.619  -4.027  0.25 12.41 ? 2817 LEU A CB  1 
ATOM   228  C CG  A LEU A 1 29  ? 2.936   -3.443  -3.989  0.25 12.33 ? 2817 LEU A CG  1 
ATOM   229  C CG  B LEU A 1 29  ? 2.410   -3.227  -4.201  0.25 13.22 ? 2817 LEU A CG  1 
ATOM   230  C CD1 A LEU A 1 29  ? 2.805   -2.709  -5.304  0.25 12.50 ? 2817 LEU A CD1 1 
ATOM   231  C CD1 B LEU A 1 29  ? 3.535   -3.051  -3.197  0.25 13.48 ? 2817 LEU A CD1 1 
ATOM   232  C CD2 A LEU A 1 29  ? 2.533   -2.540  -2.849  0.25 12.26 ? 2817 LEU A CD2 1 
ATOM   233  C CD2 B LEU A 1 29  ? 2.903   -2.956  -5.612  0.25 13.58 ? 2817 LEU A CD2 1 
ATOM   234  N N   . GLN A 1 30  ? 1.035   -7.683  -4.100  1.00 11.30 ? 2818 GLN A N   1 
ATOM   235  C CA  . GLN A 1 30  ? 0.662   -8.945  -3.398  1.00 11.32 ? 2818 GLN A CA  1 
ATOM   236  C C   . GLN A 1 30  ? 1.550   -10.153 -3.819  1.00 11.21 ? 2818 GLN A C   1 
ATOM   237  O O   . GLN A 1 30  ? 1.752   -11.085 -3.035  1.00 12.60 ? 2818 GLN A O   1 
ATOM   238  C CB  . GLN A 1 30  ? -0.806  -9.295  -3.590  1.00 11.01 ? 2818 GLN A CB  1 
ATOM   239  C CG  . GLN A 1 30  ? -1.755  -8.343  -2.862  1.00 11.37 ? 2818 GLN A CG  1 
ATOM   240  C CD  . GLN A 1 30  ? -3.179  -8.518  -3.294  1.00 11.43 ? 2818 GLN A CD  1 
ATOM   241  O OE1 . GLN A 1 30  ? -3.482  -8.582  -4.492  1.00 12.48 ? 2818 GLN A OE1 1 
ATOM   242  N NE2 . GLN A 1 30  ? -4.095  -8.565  -2.324  1.00 11.83 ? 2818 GLN A NE2 1 
ATOM   243  N N   . ALA A 1 31  ? 2.107   -10.113 -5.037  1.00 11.15 ? 2819 ALA A N   1 
ATOM   244  C CA  . ALA A 1 31  ? 2.962   -11.177 -5.613  1.00 11.86 ? 2819 ALA A CA  1 
ATOM   245  C C   . ALA A 1 31  ? 4.442   -10.994 -5.282  1.00 12.35 ? 2819 ALA A C   1 
ATOM   246  O O   . ALA A 1 31  ? 5.240   -11.901 -5.572  1.00 13.39 ? 2819 ALA A O   1 
ATOM   247  C CB  . ALA A 1 31  ? 2.765   -11.234 -7.135  1.00 12.58 ? 2819 ALA A CB  1 
ATOM   248  N N   . HIS A 1 32  ? 4.845   -9.867  -4.701  1.00 12.02 ? 2820 HIS A N   1 
ATOM   249  C CA  . HIS A 1 32  ? 6.268   -9.567  -4.436  1.00 12.55 ? 2820 HIS A CA  1 
ATOM   250  C C   . HIS A 1 32  ? 6.774   -10.457 -3.287  1.00 13.04 ? 2820 HIS A C   1 
ATOM   251  O O   . HIS A 1 32  ? 6.061   -10.685 -2.331  1.00 12.80 ? 2820 HIS A O   1 
ATOM   252  C CB  . HIS A 1 32  ? 6.434   -8.061  -4.094  1.00 11.80 ? 2820 HIS A CB  1 
ATOM   253  C CG  . HIS A 1 32  ? 7.859   -7.570  -4.144  1.00 12.01 ? 2820 HIS A CG  1 
ATOM   254  N ND1 . HIS A 1 32  ? 8.777   -7.826  -3.148  1.00 13.36 ? 2820 HIS A ND1 1 
ATOM   255  C CD2 . HIS A 1 32  ? 8.502   -6.800  -5.059  1.00 12.82 ? 2820 HIS A CD2 1 
ATOM   256  C CE1 . HIS A 1 32  ? 9.937   -7.271  -3.471  1.00 13.43 ? 2820 HIS A CE1 1 
ATOM   257  N NE2 . HIS A 1 32  ? 9.794   -6.633  -4.613  1.00 13.52 ? 2820 HIS A NE2 1 
ATOM   258  N N   . LYS A 1 33  ? 8.014   -10.935 -3.386  0.50 13.93 ? 2821 LYS A N   1 
ATOM   259  C CA  . LYS A 1 33  ? 8.596   -11.843 -2.386  0.50 15.43 ? 2821 LYS A CA  1 
ATOM   260  C C   . LYS A 1 33  ? 8.749   -11.233 -0.988  0.50 15.43 ? 2821 LYS A C   1 
ATOM   261  O O   . LYS A 1 33  ? 8.853   -11.962 0.003   0.50 15.70 ? 2821 LYS A O   1 
ATOM   262  C CB  . LYS A 1 33  ? 9.965   -12.318 -2.876  0.50 16.81 ? 2821 LYS A CB  1 
ATOM   263  C CG  . LYS A 1 33  ? 10.603  -13.405 -2.034  0.50 18.31 ? 2821 LYS A CG  1 
ATOM   264  C CD  . LYS A 1 33  ? 11.900  -13.880 -2.670  0.50 19.23 ? 2821 LYS A CD  1 
ATOM   265  C CE  . LYS A 1 33  ? 12.652  -14.859 -1.785  0.50 19.84 ? 2821 LYS A CE  1 
ATOM   266  N NZ  . LYS A 1 33  ? 13.992  -15.198 -2.344  0.50 20.04 ? 2821 LYS A NZ  1 
ATOM   267  N N   A MET A 1 34  ? 8.802   -9.904  -0.926  0.25 14.89 ? 2822 MET A N   1 
ATOM   268  N N   B MET A 1 34  ? 8.774   -9.928  -0.872  0.25 15.71 ? 2822 MET A N   1 
ATOM   269  C CA  A MET A 1 34  ? 8.918   -9.170  0.341   0.25 15.57 ? 2822 MET A CA  1 
ATOM   270  C CA  B MET A 1 34  ? 8.880   -9.270  0.431   0.25 16.75 ? 2822 MET A CA  1 
ATOM   271  C C   A MET A 1 34  ? 7.586   -8.580  0.842   0.25 15.06 ? 2822 MET A C   1 
ATOM   272  C C   B MET A 1 34  ? 7.555   -8.750  0.992   0.25 15.83 ? 2822 MET A C   1 
ATOM   273  O O   A MET A 1 34  ? 7.601   -7.674  1.696   0.25 15.09 ? 2822 MET A O   1 
ATOM   274  O O   B MET A 1 34  ? 7.536   -8.098  2.048   0.25 16.04 ? 2822 MET A O   1 
ATOM   275  C CB  A MET A 1 34  ? 9.949   -8.034  0.215   0.25 16.51 ? 2822 MET A CB  1 
ATOM   276  C CB  B MET A 1 34  ? 9.870   -8.118  0.359   0.25 18.35 ? 2822 MET A CB  1 
ATOM   277  C CG  A MET A 1 34  ? 11.358  -8.464  -0.184  0.25 17.24 ? 2822 MET A CG  1 
ATOM   278  C CG  B MET A 1 34  ? 11.272  -8.554  0.000   0.25 19.66 ? 2822 MET A CG  1 
ATOM   279  S SD  A MET A 1 34  ? 12.152  -9.598  0.975   0.25 18.28 ? 2822 MET A SD  1 
ATOM   280  S SD  B MET A 1 34  ? 12.435  -7.712  1.072   0.25 21.84 ? 2822 MET A SD  1 
ATOM   281  C CE  A MET A 1 34  ? 11.613  -11.163 0.289   0.25 18.55 ? 2822 MET A CE  1 
ATOM   282  C CE  B MET A 1 34  ? 12.909  -8.998  2.222   0.25 21.94 ? 2822 MET A CE  1 
ATOM   283  N N   . ALA A 1 35  ? 6.450   -9.065  0.320   1.00 14.94 ? 2823 ALA A N   1 
ATOM   284  C CA  . ALA A 1 35  ? 5.121   -8.584  0.750   1.00 13.51 ? 2823 ALA A CA  1 
ATOM   285  C C   . ALA A 1 35  ? 4.495   -9.409  1.871   1.00 13.57 ? 2823 ALA A C   1 
ATOM   286  O O   . ALA A 1 35  ? 3.482   -8.971  2.445   1.00 12.04 ? 2823 ALA A O   1 
ATOM   287  C CB  . ALA A 1 35  ? 4.191   -8.493  -0.430  1.00 14.17 ? 2823 ALA A CB  1 
ATOM   288  N N   . TRP A 1 36  ? 5.051   -10.592 2.209   1.00 14.54 ? 2824 TRP A N   1 
ATOM   289  C CA  . TRP A 1 36  ? 4.428   -11.475 3.213   1.00 15.17 ? 2824 TRP A CA  1 
ATOM   290  C C   . TRP A 1 36  ? 3.969   -10.808 4.546   1.00 14.25 ? 2824 TRP A C   1 
ATOM   291  O O   . TRP A 1 36  ? 2.902   -11.156 5.015   1.00 15.69 ? 2824 TRP A O   1 
ATOM   292  C CB  . TRP A 1 36  ? 5.254   -12.761 3.554   1.00 17.02 ? 2824 TRP A CB  1 
ATOM   293  C CG  . TRP A 1 36  ? 5.411   -13.696 2.376   1.00 20.12 ? 2824 TRP A CG  1 
ATOM   294  C CD1 . TRP A 1 36  ? 6.509   -13.792 1.624   1.00 21.71 ? 2824 TRP A CD1 1 
ATOM   295  C CD2 . TRP A 1 36  ? 4.459   -14.625 1.824   1.00 21.79 ? 2824 TRP A CD2 1 
ATOM   296  N NE1 . TRP A 1 36  ? 6.339   -14.709 0.618   1.00 23.24 ? 2824 TRP A NE1 1 
ATOM   297  C CE2 . TRP A 1 36  ? 5.090   -15.254 0.724   1.00 22.01 ? 2824 TRP A CE2 1 
ATOM   298  C CE3 . TRP A 1 36  ? 3.165   -15.014 2.164   1.00 20.80 ? 2824 TRP A CE3 1 
ATOM   299  C CZ2 . TRP A 1 36  ? 4.451   -16.220 -0.071  1.00 23.54 ? 2824 TRP A CZ2 1 
ATOM   300  C CZ3 . TRP A 1 36  ? 2.518   -15.967 1.362   1.00 23.08 ? 2824 TRP A CZ3 1 
ATOM   301  C CH2 . TRP A 1 36  ? 3.178   -16.565 0.265   1.00 23.12 ? 2824 TRP A CH2 1 
ATOM   302  N N   . PRO A 1 37  ? 4.775   -9.854  5.132   1.00 14.48 ? 2825 PRO A N   1 
ATOM   303  C CA  . PRO A 1 37  ? 4.296   -9.248  6.402   1.00 13.91 ? 2825 PRO A CA  1 
ATOM   304  C C   . PRO A 1 37  ? 3.004   -8.404  6.285   1.00 12.33 ? 2825 PRO A C   1 
ATOM   305  O O   . PRO A 1 37  ? 2.377   -8.145  7.309   1.00 12.33 ? 2825 PRO A O   1 
ATOM   306  C CB  . PRO A 1 37  ? 5.453   -8.320  6.824   1.00 15.86 ? 2825 PRO A CB  1 
ATOM   307  C CG  . PRO A 1 37  ? 6.628   -8.644  5.967   1.00 15.23 ? 2825 PRO A CG  1 
ATOM   308  C CD  . PRO A 1 37  ? 6.042   -9.227  4.707   1.00 15.42 ? 2825 PRO A CD  1 
ATOM   309  N N   . PHE A 1 38  ? 2.640   -8.013  5.060   1.00 10.68 ? 2826 PHE A N   1 
ATOM   310  C CA  . PHE A 1 38  ? 1.626   -6.982  4.799   1.00 10.67 ? 2826 PHE A CA  1 
ATOM   311  C C   . PHE A 1 38  ? 0.376   -7.517  4.115   1.00 10.49 ? 2826 PHE A C   1 
ATOM   312  O O   . PHE A 1 38  ? -0.545  -6.737  3.841   1.00 10.50 ? 2826 PHE A O   1 
ATOM   313  C CB  . PHE A 1 38  ? 2.216   -5.855  3.899   1.00 11.28 ? 2826 PHE A CB  1 
ATOM   314  C CG  . PHE A 1 38  ? 3.552   -5.335  4.365   1.00 11.68 ? 2826 PHE A CG  1 
ATOM   315  C CD1 . PHE A 1 38  ? 3.665   -4.696  5.602   1.00 11.56 ? 2826 PHE A CD1 1 
ATOM   316  C CD2 . PHE A 1 38  ? 4.714   -5.479  3.572   1.00 12.40 ? 2826 PHE A CD2 1 
ATOM   317  C CE1 . PHE A 1 38  ? 4.898   -4.247  6.070   1.00 12.51 ? 2826 PHE A CE1 1 
ATOM   318  C CE2 . PHE A 1 38  ? 5.933   -5.013  4.023   1.00 13.24 ? 2826 PHE A CE2 1 
ATOM   319  C CZ  . PHE A 1 38  ? 6.036   -4.400  5.271   1.00 12.98 ? 2826 PHE A CZ  1 
ATOM   320  N N   . LEU A 1 39  ? 0.313   -8.835  3.826   1.00 10.61 ? 2827 LEU A N   1 
ATOM   321  C CA  . LEU A 1 39  ? -0.784  -9.393  3.035   1.00 10.76 ? 2827 LEU A CA  1 
ATOM   322  C C   . LEU A 1 39  ? -2.118  -9.339  3.787   1.00 11.41 ? 2827 LEU A C   1 
ATOM   323  O O   . LEU A 1 39  ? -3.182  -9.146  3.155   1.00 13.19 ? 2827 LEU A O   1 
ATOM   324  C CB  . LEU A 1 39  ? -0.474  -10.855 2.622   1.00 11.38 ? 2827 LEU A CB  1 
ATOM   325  C CG  . LEU A 1 39  ? 0.632   -11.044 1.590   1.00 12.13 ? 2827 LEU A CG  1 
ATOM   326  C CD1 . LEU A 1 39  ? 0.834   -12.548 1.372   1.00 12.77 ? 2827 LEU A CD1 1 
ATOM   327  C CD2 . LEU A 1 39  ? 0.361   -10.336 0.269   1.00 12.89 ? 2827 LEU A CD2 1 
ATOM   328  N N   . GLU A 1 40  ? -2.067  -9.511  5.105   1.00 12.14 ? 2828 GLU A N   1 
ATOM   329  C CA  . GLU A 1 40  ? -3.270  -9.584  5.956   1.00 12.85 ? 2828 GLU A CA  1 
ATOM   330  C C   . GLU A 1 40  ? -3.063  -8.711  7.187   1.00 11.71 ? 2828 GLU A C   1 
ATOM   331  O O   . GLU A 1 40  ? -1.923  -8.364  7.515   1.00 11.30 ? 2828 GLU A O   1 
ATOM   332  C CB  . GLU A 1 40  ? -3.509  -11.052 6.384   1.00 15.41 ? 2828 GLU A CB  1 
ATOM   333  C CG  . GLU A 1 40  ? -3.734  -12.039 5.248   1.00 19.13 ? 2828 GLU A CG  1 
ATOM   334  C CD  . GLU A 1 40  ? -5.036  -11.870 4.534   1.00 22.17 ? 2828 GLU A CD  1 
ATOM   335  O OE1 . GLU A 1 40  ? -6.006  -11.390 5.144   1.00 26.62 ? 2828 GLU A OE1 1 
ATOM   336  O OE2 . GLU A 1 40  ? -5.109  -12.265 3.343   1.00 27.01 ? 2828 GLU A OE2 1 
ATOM   337  N N   . PRO A 1 41  ? -4.156  -8.369  7.909   1.00 12.41 ? 2829 PRO A N   1 
ATOM   338  C CA  . PRO A 1 41  ? -3.988  -7.581  9.136   1.00 12.77 ? 2829 PRO A CA  1 
ATOM   339  C C   . PRO A 1 41  ? -2.983  -8.186  10.123  1.00 13.23 ? 2829 PRO A C   1 
ATOM   340  O O   . PRO A 1 41  ? -2.879  -9.442  10.216  1.00 13.58 ? 2829 PRO A O   1 
ATOM   341  C CB  . PRO A 1 41  ? -5.408  -7.591  9.753   1.00 13.65 ? 2829 PRO A CB  1 
ATOM   342  C CG  . PRO A 1 41  ? -6.316  -7.755  8.613   1.00 13.94 ? 2829 PRO A CG  1 
ATOM   343  C CD  . PRO A 1 41  ? -5.588  -8.667  7.646   1.00 13.43 ? 2829 PRO A CD  1 
ATOM   344  N N   . VAL A 1 42  ? -2.248  -7.352  10.853  1.00 13.44 ? 2830 VAL A N   1 
ATOM   345  C CA  . VAL A 1 42  ? -1.299  -7.825  11.866  1.00 15.02 ? 2830 VAL A CA  1 
ATOM   346  C C   . VAL A 1 42  ? -2.046  -8.703  12.879  1.00 16.39 ? 2830 VAL A C   1 
ATOM   347  O O   . VAL A 1 42  ? -3.144  -8.357  13.320  1.00 15.88 ? 2830 VAL A O   1 
ATOM   348  C CB  . VAL A 1 42  ? -0.597  -6.645  12.585  1.00 15.68 ? 2830 VAL A CB  1 
ATOM   349  C CG1 . VAL A 1 42  ? 0.174   -7.111  13.825  1.00 16.30 ? 2830 VAL A CG1 1 
ATOM   350  C CG2 . VAL A 1 42  ? 0.303   -5.920  11.604  1.00 16.05 ? 2830 VAL A CG2 1 
ATOM   351  N N   . ASP A 1 43  ? -1.466  -9.862  13.218  1.00 18.15 ? 2831 ASP A N   1 
ATOM   352  C CA  . ASP A 1 43  ? -2.102  -10.822 14.142  1.00 20.63 ? 2831 ASP A CA  1 
ATOM   353  C C   . ASP A 1 43  ? -1.781  -10.383 15.574  1.00 21.47 ? 2831 ASP A C   1 
ATOM   354  O O   . ASP A 1 43  ? -0.616  -10.334 15.941  1.00 21.91 ? 2831 ASP A O   1 
ATOM   355  C CB  . ASP A 1 43  ? -1.552  -12.246 13.893  1.00 22.47 ? 2831 ASP A CB  1 
ATOM   356  C CG  . ASP A 1 43  ? -2.295  -13.328 14.688  1.00 24.91 ? 2831 ASP A CG  1 
ATOM   357  O OD1 . ASP A 1 43  ? -2.941  -13.031 15.719  1.00 25.88 ? 2831 ASP A OD1 1 
ATOM   358  O OD2 . ASP A 1 43  ? -2.222  -14.507 14.276  1.00 27.32 ? 2831 ASP A OD2 1 
ATOM   359  N N   . PRO A 1 44  ? -2.819  -10.039 16.381  1.00 21.52 ? 2832 PRO A N   1 
ATOM   360  C CA  . PRO A 1 44  ? -2.536  -9.571  17.739  1.00 23.68 ? 2832 PRO A CA  1 
ATOM   361  C C   . PRO A 1 44  ? -1.950  -10.643 18.672  1.00 24.93 ? 2832 PRO A C   1 
ATOM   362  O O   . PRO A 1 44  ? -1.227  -10.289 19.597  1.00 24.64 ? 2832 PRO A O   1 
ATOM   363  C CB  . PRO A 1 44  ? -3.896  -9.071  18.240  1.00 23.85 ? 2832 PRO A CB  1 
ATOM   364  C CG  . PRO A 1 44  ? -4.902  -9.709  17.386  1.00 24.15 ? 2832 PRO A CG  1 
ATOM   365  C CD  . PRO A 1 44  ? -4.256  -10.007 16.066  1.00 22.56 ? 2832 PRO A CD  1 
ATOM   366  N N   . ASN A 1 45  ? -2.239  -11.922 18.418  1.00 27.08 ? 2833 ASN A N   1 
ATOM   367  C CA  . ASN A 1 45  ? -1.562  -13.028 19.151  1.00 28.68 ? 2833 ASN A CA  1 
ATOM   368  C C   . ASN A 1 45  ? -0.022  -13.054 19.006  1.00 29.45 ? 2833 ASN A C   1 
ATOM   369  O O   . ASN A 1 45  ? 0.671   -13.515 19.930  1.00 29.75 ? 2833 ASN A O   1 
ATOM   370  C CB  . ASN A 1 45  ? -2.167  -14.416 18.803  1.00 30.76 ? 2833 ASN A CB  1 
ATOM   371  C CG  . ASN A 1 45  ? -3.354  -14.806 19.694  1.00 33.13 ? 2833 ASN A CG  1 
ATOM   372  O OD1 . ASN A 1 45  ? -3.543  -14.279 20.795  1.00 36.08 ? 2833 ASN A OD1 1 
ATOM   373  N ND2 . ASN A 1 45  ? -4.154  -15.762 19.215  1.00 35.61 ? 2833 ASN A ND2 1 
ATOM   374  N N   . ASP A 1 46  ? 0.499   -12.562 17.882  0.70 29.06 ? 2834 ASP A N   1 
ATOM   375  C CA  . ASP A 1 46  ? 1.949   -12.481 17.662  0.70 29.12 ? 2834 ASP A CA  1 
ATOM   376  C C   . ASP A 1 46  ? 2.570   -11.144 18.090  0.70 29.54 ? 2834 ASP A C   1 
ATOM   377  O O   . ASP A 1 46  ? 3.784   -11.071 18.285  0.70 29.12 ? 2834 ASP A O   1 
ATOM   378  C CB  . ASP A 1 46  ? 2.282   -12.793 16.196  0.70 29.33 ? 2834 ASP A CB  1 
ATOM   379  C CG  . ASP A 1 46  ? 1.904   -14.223 15.797  0.70 29.26 ? 2834 ASP A CG  1 
ATOM   380  O OD1 . ASP A 1 46  ? 2.006   -15.144 16.645  0.70 30.03 ? 2834 ASP A OD1 1 
ATOM   381  O OD2 . ASP A 1 46  ? 1.506   -14.434 14.633  0.70 28.25 ? 2834 ASP A OD2 1 
ATOM   382  N N   . ALA A 1 47  ? 1.757   -10.091 18.209  1.00 29.38 ? 2835 ALA A N   1 
ATOM   383  C CA  . ALA A 1 47  ? 2.216   -8.779  18.724  1.00 29.13 ? 2835 ALA A CA  1 
ATOM   384  C C   . ALA A 1 47  ? 1.132   -8.144  19.613  1.00 29.18 ? 2835 ALA A C   1 
ATOM   385  O O   . ALA A 1 47  ? 0.351   -7.301  19.137  1.00 26.83 ? 2835 ALA A O   1 
ATOM   386  C CB  . ALA A 1 47  ? 2.567   -7.861  17.564  1.00 29.21 ? 2835 ALA A CB  1 
ATOM   387  N N   . PRO A 1 48  ? 1.078   -8.540  20.912  1.00 28.97 ? 2836 PRO A N   1 
ATOM   388  C CA  . PRO A 1 48  ? -0.023  -8.084  21.779  1.00 28.75 ? 2836 PRO A CA  1 
ATOM   389  C C   . PRO A 1 48  ? -0.163  -6.576  22.063  1.00 27.95 ? 2836 PRO A C   1 
ATOM   390  O O   . PRO A 1 48  ? -1.236  -6.152  22.512  1.00 31.10 ? 2836 PRO A O   1 
ATOM   391  C CB  . PRO A 1 48  ? 0.194   -8.871  23.094  1.00 30.09 ? 2836 PRO A CB  1 
ATOM   392  C CG  . PRO A 1 48  ? 1.501   -9.570  22.955  1.00 30.35 ? 2836 PRO A CG  1 
ATOM   393  C CD  . PRO A 1 48  ? 1.749   -9.723  21.490  1.00 30.13 ? 2836 PRO A CD  1 
ATOM   394  N N   . ASP A 1 49  ? 0.884   -5.789  21.825  1.00 26.35 ? 2837 ASP A N   1 
ATOM   395  C CA  . ASP A 1 49  ? 0.806   -4.330  21.997  1.00 24.70 ? 2837 ASP A CA  1 
ATOM   396  C C   . ASP A 1 49  ? 0.509   -3.558  20.699  1.00 21.78 ? 2837 ASP A C   1 
ATOM   397  O O   . ASP A 1 49  ? 0.291   -2.352  20.756  1.00 21.78 ? 2837 ASP A O   1 
ATOM   398  C CB  . ASP A 1 49  ? 2.081   -3.773  22.639  1.00 27.29 ? 2837 ASP A CB  1 
ATOM   399  C CG  . ASP A 1 49  ? 3.309   -3.926  21.760  1.00 29.13 ? 2837 ASP A CG  1 
ATOM   400  O OD1 . ASP A 1 49  ? 3.334   -4.851  20.916  1.00 30.47 ? 2837 ASP A OD1 1 
ATOM   401  O OD2 . ASP A 1 49  ? 4.254   -3.128  21.932  1.00 32.93 ? 2837 ASP A OD2 1 
ATOM   402  N N   . TYR A 1 50  ? 0.470   -4.239  19.546  1.00 19.03 ? 2838 TYR A N   1 
ATOM   403  C CA  . TYR A 1 50  ? 0.409   -3.534  18.241  1.00 16.55 ? 2838 TYR A CA  1 
ATOM   404  C C   . TYR A 1 50  ? -0.779  -2.551  18.144  1.00 15.83 ? 2838 TYR A C   1 
ATOM   405  O O   . TYR A 1 50  ? -0.612  -1.385  17.758  1.00 15.31 ? 2838 TYR A O   1 
ATOM   406  C CB  . TYR A 1 50  ? 0.358   -4.536  17.082  1.00 15.72 ? 2838 TYR A CB  1 
ATOM   407  C CG  . TYR A 1 50  ? 0.492   -3.879  15.728  1.00 13.44 ? 2838 TYR A CG  1 
ATOM   408  C CD1 . TYR A 1 50  ? 1.757   -3.618  15.179  1.00 13.83 ? 2838 TYR A CD1 1 
ATOM   409  C CD2 . TYR A 1 50  ? -0.645  -3.495  14.997  1.00 13.62 ? 2838 TYR A CD2 1 
ATOM   410  C CE1 . TYR A 1 50  ? 1.884   -2.994  13.936  1.00 12.31 ? 2838 TYR A CE1 1 
ATOM   411  C CE2 . TYR A 1 50  ? -0.535  -2.841  13.774  1.00 12.70 ? 2838 TYR A CE2 1 
ATOM   412  C CZ  . TYR A 1 50  ? 0.726   -2.617  13.231  1.00 11.87 ? 2838 TYR A CZ  1 
ATOM   413  O OH  . TYR A 1 50  ? 0.816   -1.976  12.007  1.00 11.65 ? 2838 TYR A OH  1 
ATOM   414  N N   . TYR A 1 51  ? -1.981  -3.004  18.500  1.00 14.52 ? 2839 TYR A N   1 
ATOM   415  C CA  . TYR A 1 51  ? -3.207  -2.199  18.289  1.00 14.40 ? 2839 TYR A CA  1 
ATOM   416  C C   . TYR A 1 51  ? -3.419  -1.108  19.340  1.00 15.53 ? 2839 TYR A C   1 
ATOM   417  O O   . TYR A 1 51  ? -4.219  -0.188  19.126  1.00 15.87 ? 2839 TYR A O   1 
ATOM   418  C CB  . TYR A 1 51  ? -4.440  -3.101  18.116  1.00 14.11 ? 2839 TYR A CB  1 
ATOM   419  C CG  . TYR A 1 51  ? -4.404  -3.879  16.812  1.00 13.31 ? 2839 TYR A CG  1 
ATOM   420  C CD1 . TYR A 1 51  ? -3.755  -5.113  16.722  1.00 13.59 ? 2839 TYR A CD1 1 
ATOM   421  C CD2 . TYR A 1 51  ? -4.959  -3.361  15.659  1.00 14.07 ? 2839 TYR A CD2 1 
ATOM   422  C CE1 . TYR A 1 51  ? -3.702  -5.808  15.513  1.00 13.73 ? 2839 TYR A CE1 1 
ATOM   423  C CE2 . TYR A 1 51  ? -4.908  -4.044  14.454  1.00 13.65 ? 2839 TYR A CE2 1 
ATOM   424  C CZ  . TYR A 1 51  ? -4.287  -5.284  14.377  1.00 13.28 ? 2839 TYR A CZ  1 
ATOM   425  O OH  . TYR A 1 51  ? -4.256  -5.944  13.169  1.00 14.17 ? 2839 TYR A OH  1 
ATOM   426  N N   . GLY A 1 52  ? -2.634  -1.138  20.417  1.00 16.59 ? 2840 GLY A N   1 
ATOM   427  C CA  . GLY A 1 52  ? -2.524  0.018   21.322  1.00 18.02 ? 2840 GLY A CA  1 
ATOM   428  C C   . GLY A 1 52  ? -1.619  1.156   20.859  1.00 18.56 ? 2840 GLY A C   1 
ATOM   429  O O   . GLY A 1 52  ? -1.819  2.308   21.289  1.00 22.37 ? 2840 GLY A O   1 
ATOM   430  N N   A VAL A 1 53  ? -0.632  0.888   20.004  0.25 18.36 ? 2841 VAL A N   1 
ATOM   431  N N   B VAL A 1 53  ? -0.641  0.806   20.012  0.25 17.45 ? 2841 VAL A N   1 
ATOM   432  C CA  A VAL A 1 53  ? 0.266   1.963   19.556  0.25 17.88 ? 2841 VAL A CA  1 
ATOM   433  C CA  B VAL A 1 53  ? 0.406   1.696   19.505  0.25 16.48 ? 2841 VAL A CA  1 
ATOM   434  C C   A VAL A 1 53  ? 0.052   2.411   18.110  0.25 16.49 ? 2841 VAL A C   1 
ATOM   435  C C   B VAL A 1 53  ? 0.013   2.358   18.174  0.25 15.67 ? 2841 VAL A C   1 
ATOM   436  O O   A VAL A 1 53  ? 0.405   3.546   17.789  0.25 16.16 ? 2841 VAL A O   1 
ATOM   437  O O   B VAL A 1 53  ? 0.180   3.562   17.998  0.25 15.28 ? 2841 VAL A O   1 
ATOM   438  C CB  A VAL A 1 53  ? 1.745   1.617   19.800  0.25 18.43 ? 2841 VAL A CB  1 
ATOM   439  C CB  B VAL A 1 53  ? 1.713   0.891   19.292  0.25 15.74 ? 2841 VAL A CB  1 
ATOM   440  C CG1 A VAL A 1 53  ? 1.940   1.164   21.237  0.25 18.51 ? 2841 VAL A CG1 1 
ATOM   441  C CG1 B VAL A 1 53  ? 2.763   1.732   18.588  0.25 15.33 ? 2841 VAL A CG1 1 
ATOM   442  C CG2 A VAL A 1 53  ? 2.227   0.565   18.825  0.25 18.34 ? 2841 VAL A CG2 1 
ATOM   443  C CG2 B VAL A 1 53  ? 2.243   0.352   20.615  0.25 15.91 ? 2841 VAL A CG2 1 
ATOM   444  N N   . ILE A 1 54  ? -0.515  1.552   17.249  1.00 15.33 ? 2842 ILE A N   1 
ATOM   445  C CA  . ILE A 1 54  ? -0.856  1.958   15.856  1.00 14.82 ? 2842 ILE A CA  1 
ATOM   446  C C   . ILE A 1 54  ? -2.339  2.288   15.773  1.00 15.51 ? 2842 ILE A C   1 
ATOM   447  O O   . ILE A 1 54  ? -3.185  1.384   15.814  1.00 17.46 ? 2842 ILE A O   1 
ATOM   448  C CB  . ILE A 1 54  ? -0.512  0.811   14.868  1.00 13.69 ? 2842 ILE A CB  1 
ATOM   449  C CG1 . ILE A 1 54  ? 0.996   0.507   14.904  1.00 13.61 ? 2842 ILE A CG1 1 
ATOM   450  C CG2 . ILE A 1 54  ? -0.970  1.164   13.458  1.00 13.40 ? 2842 ILE A CG2 1 
ATOM   451  C CD1 . ILE A 1 54  ? 1.880   1.692   14.567  1.00 14.49 ? 2842 ILE A CD1 1 
ATOM   452  N N   . LYS A 1 55  ? -2.636  3.567   15.602  1.00 15.74 ? 2843 LYS A N   1 
ATOM   453  C CA  . LYS A 1 55  ? -4.050  3.974   15.676  1.00 17.66 ? 2843 LYS A CA  1 
ATOM   454  C C   . LYS A 1 55  ? -4.847  3.698   14.403  1.00 16.13 ? 2843 LYS A C   1 
ATOM   455  O O   . LYS A 1 55  ? -6.036  3.439   14.530  1.00 18.40 ? 2843 LYS A O   1 
ATOM   456  C CB  . LYS A 1 55  ? -4.204  5.426   16.114  1.00 20.09 ? 2843 LYS A CB  1 
ATOM   457  C CG  . LYS A 1 55  ? -5.609  5.793   16.577  1.00 23.16 ? 2843 LYS A CG  1 
ATOM   458  N N   . GLU A 1 56  ? -4.210  3.714   13.214  1.00 14.02 ? 2844 GLU A N   1 
ATOM   459  C CA  . GLU A 1 56  ? -4.893  3.405   11.930  1.00 13.74 ? 2844 GLU A CA  1 
ATOM   460  C C   . GLU A 1 56  ? -4.126  2.288   11.179  1.00 11.86 ? 2844 GLU A C   1 
ATOM   461  O O   . GLU A 1 56  ? -3.368  2.553   10.227  1.00 11.85 ? 2844 GLU A O   1 
ATOM   462  C CB  . GLU A 1 56  ? -4.993  4.629   11.006  1.00 16.85 ? 2844 GLU A CB  1 
ATOM   463  C CG  . GLU A 1 56  ? -5.955  5.738   11.396  1.00 20.50 ? 2844 GLU A CG  1 
ATOM   464  C CD  . GLU A 1 56  ? -5.819  6.890   10.412  1.00 24.04 ? 2844 GLU A CD  1 
ATOM   465  O OE1 . GLU A 1 56  ? -5.183  7.904   10.770  1.00 30.19 ? 2844 GLU A OE1 1 
ATOM   466  O OE2 . GLU A 1 56  ? -6.288  6.755   9.259   1.00 23.47 ? 2844 GLU A OE2 1 
ATOM   467  N N   . PRO A 1 57  ? -4.345  1.031   11.573  1.00 10.37 ? 2845 PRO A N   1 
ATOM   468  C CA  . PRO A 1 57  ? -3.744  -0.116  10.874  1.00 10.36 ? 2845 PRO A CA  1 
ATOM   469  C C   . PRO A 1 57  ? -4.193  -0.194  9.409   1.00 9.74  ? 2845 PRO A C   1 
ATOM   470  O O   . PRO A 1 57  ? -5.279  0.296   9.014   1.00 9.73  ? 2845 PRO A O   1 
ATOM   471  C CB  . PRO A 1 57  ? -4.257  -1.300  11.672  1.00 11.27 ? 2845 PRO A CB  1 
ATOM   472  C CG  . PRO A 1 57  ? -4.540  -0.739  13.033  1.00 13.84 ? 2845 PRO A CG  1 
ATOM   473  C CD  . PRO A 1 57  ? -5.138  0.598   12.744  1.00 12.04 ? 2845 PRO A CD  1 
ATOM   474  N N   . MET A 1 58  ? -3.346  -0.789  8.554   1.00 8.88  ? 2846 MET A N   1 
ATOM   475  C CA  . MET A 1 58  ? -3.696  -1.024  7.149   1.00 9.14  ? 2846 MET A CA  1 
ATOM   476  C C   . MET A 1 58  ? -2.917  -2.240  6.635   1.00 8.64  ? 2846 MET A C   1 
ATOM   477  O O   . MET A 1 58  ? -1.823  -2.504  7.123   1.00 9.24  ? 2846 MET A O   1 
ATOM   478  C CB  . MET A 1 58  ? -3.435  0.239   6.304   1.00 9.33  ? 2846 MET A CB  1 
ATOM   479  C CG  . MET A 1 58  ? -3.964  0.169   4.861   1.00 10.20 ? 2846 MET A CG  1 
ATOM   480  S SD  . MET A 1 58  ? -5.692  -0.332  4.641   1.00 10.55 ? 2846 MET A SD  1 
ATOM   481  C CE  . MET A 1 58  ? -6.558  0.878   5.682   1.00 11.73 ? 2846 MET A CE  1 
ATOM   482  N N   . ASP A 1 59  ? -3.481  -2.905  5.634   1.00 8.90  ? 2847 ASP A N   1 
ATOM   483  C CA  . ASP A 1 59  ? -2.891  -4.141  5.053   1.00 9.65  ? 2847 ASP A CA  1 
ATOM   484  C C   . ASP A 1 59  ? -3.418  -4.306  3.626   1.00 8.74  ? 2847 ASP A C   1 
ATOM   485  O O   . ASP A 1 59  ? -4.402  -3.647  3.224   1.00 9.17  ? 2847 ASP A O   1 
ATOM   486  C CB  . ASP A 1 59  ? -3.234  -5.361  5.901   1.00 10.49 ? 2847 ASP A CB  1 
ATOM   487  C CG  . ASP A 1 59  ? -4.713  -5.656  5.876   1.00 10.78 ? 2847 ASP A CG  1 
ATOM   488  O OD1 . ASP A 1 59  ? -5.459  -4.990  6.643   1.00 12.08 ? 2847 ASP A OD1 1 
ATOM   489  O OD2 . ASP A 1 59  ? -5.182  -6.452  4.996   1.00 12.41 ? 2847 ASP A OD2 1 
ATOM   490  N N   . LEU A 1 60  ? -2.729  -5.138  2.820   1.00 9.19  ? 2848 LEU A N   1 
ATOM   491  C CA  . LEU A 1 60  ? -3.106  -5.285  1.426   1.00 9.65  ? 2848 LEU A CA  1 
ATOM   492  C C   . LEU A 1 60  ? -4.468  -5.947  1.155   1.00 9.63  ? 2848 LEU A C   1 
ATOM   493  O O   . LEU A 1 60  ? -5.119  -5.657  0.149   1.00 10.42 ? 2848 LEU A O   1 
ATOM   494  C CB  . LEU A 1 60  ? -2.006  -5.999  0.637   1.00 9.99  ? 2848 LEU A CB  1 
ATOM   495  C CG  . LEU A 1 60  ? -0.653  -5.279  0.604   1.00 10.08 ? 2848 LEU A CG  1 
ATOM   496  C CD1 . LEU A 1 60  ? 0.458   -6.213  0.138   1.00 10.65 ? 2848 LEU A CD1 1 
ATOM   497  C CD2 . LEU A 1 60  ? -0.673  -4.011  -0.259  1.00 10.74 ? 2848 LEU A CD2 1 
ATOM   498  N N   . ALA A 1 61  ? -4.946  -6.801  2.071   1.00 10.05 ? 2849 ALA A N   1 
ATOM   499  C CA  . ALA A 1 61  ? -6.257  -7.445  1.885   1.00 10.77 ? 2849 ALA A CA  1 
ATOM   500  C C   . ALA A 1 61  ? -7.392  -6.437  2.121   1.00 10.38 ? 2849 ALA A C   1 
ATOM   501  O O   . ALA A 1 61  ? -8.412  -6.458  1.414   1.00 11.14 ? 2849 ALA A O   1 
ATOM   502  C CB  . ALA A 1 61  ? -6.408  -8.679  2.782   1.00 11.11 ? 2849 ALA A CB  1 
ATOM   503  N N   . THR A 1 62  ? -7.209  -5.546  3.100   1.00 10.69 ? 2850 THR A N   1 
ATOM   504  C CA  . THR A 1 62  ? -8.160  -4.429  3.320   1.00 10.49 ? 2850 THR A CA  1 
ATOM   505  C C   . THR A 1 62  ? -8.201  -3.512  2.093   1.00 10.16 ? 2850 THR A C   1 
ATOM   506  O O   . THR A 1 62  ? -9.269  -3.116  1.616   1.00 10.18 ? 2850 THR A O   1 
ATOM   507  C CB  . THR A 1 62  ? -7.809  -3.663  4.605   1.00 11.03 ? 2850 THR A CB  1 
ATOM   508  O OG1 . THR A 1 62  ? -7.917  -4.557  5.729   1.00 12.28 ? 2850 THR A OG1 1 
ATOM   509  C CG2 . THR A 1 62  ? -8.710  -2.446  4.839   1.00 11.77 ? 2850 THR A CG2 1 
ATOM   510  N N   . MET A 1 63  ? -7.028  -3.222  1.530   1.00 9.27  ? 2851 MET A N   1 
ATOM   511  C CA  . MET A 1 63  ? -6.975  -2.422  0.276   1.00 9.45  ? 2851 MET A CA  1 
ATOM   512  C C   . MET A 1 63  ? -7.681  -3.135  -0.895  1.00 9.57  ? 2851 MET A C   1 
ATOM   513  O O   . MET A 1 63  ? -8.364  -2.479  -1.699  1.00 9.60  ? 2851 MET A O   1 
ATOM   514  C CB  . MET A 1 63  ? -5.553  -2.015  -0.117  1.00 9.41  ? 2851 MET A CB  1 
ATOM   515  C CG  . MET A 1 63  ? -4.928  -1.019  0.871   1.00 9.76  ? 2851 MET A CG  1 
ATOM   516  S SD  . MET A 1 63  ? -3.422  -0.190  0.308   1.00 10.50 ? 2851 MET A SD  1 
ATOM   517  C CE  . MET A 1 63  ? -4.126  0.767   -1.063  1.00 10.69 ? 2851 MET A CE  1 
ATOM   518  N N   A GLU A 1 64  ? -7.513  -4.456  -1.001  0.25 9.91  ? 2852 GLU A N   1 
ATOM   519  N N   B GLU A 1 64  ? -7.507  -4.454  -0.991  0.25 9.93  ? 2852 GLU A N   1 
ATOM   520  C CA  A GLU A 1 64  ? -8.192  -5.202  -2.071  0.25 10.23 ? 2852 GLU A CA  1 
ATOM   521  C CA  B GLU A 1 64  ? -8.188  -5.232  -2.029  0.25 10.28 ? 2852 GLU A CA  1 
ATOM   522  C C   A GLU A 1 64  ? -9.726  -5.132  -1.930  0.25 10.11 ? 2852 GLU A C   1 
ATOM   523  C C   B GLU A 1 64  ? -9.717  -5.116  -1.921  0.25 10.13 ? 2852 GLU A C   1 
ATOM   524  O O   A GLU A 1 64  ? -10.433 -4.923  -2.920  0.25 10.19 ? 2852 GLU A O   1 
ATOM   525  O O   B GLU A 1 64  ? -10.404 -4.869  -2.918  0.25 10.21 ? 2852 GLU A O   1 
ATOM   526  C CB  A GLU A 1 64  ? -7.698  -6.658  -2.144  0.25 11.03 ? 2852 GLU A CB  1 
ATOM   527  C CB  B GLU A 1 64  ? -7.750  -6.693  -1.950  0.25 11.15 ? 2852 GLU A CB  1 
ATOM   528  C CG  A GLU A 1 64  ? -8.314  -7.461  -3.288  0.25 11.71 ? 2852 GLU A CG  1 
ATOM   529  C CG  B GLU A 1 64  ? -8.519  -7.644  -2.846  0.25 11.81 ? 2852 GLU A CG  1 
ATOM   530  C CD  A GLU A 1 64  ? -7.675  -8.833  -3.482  0.25 12.55 ? 2852 GLU A CD  1 
ATOM   531  C CD  B GLU A 1 64  ? -8.011  -9.053  -2.700  0.25 12.69 ? 2852 GLU A CD  1 
ATOM   532  O OE1 A GLU A 1 64  ? -7.090  -9.384  -2.518  0.25 12.76 ? 2852 GLU A OE1 1 
ATOM   533  O OE1 B GLU A 1 64  ? -6.918  -9.345  -3.244  0.25 12.31 ? 2852 GLU A OE1 1 
ATOM   534  O OE2 A GLU A 1 64  ? -7.767  -9.371  -4.605  0.25 14.48 ? 2852 GLU A OE2 1 
ATOM   535  O OE2 B GLU A 1 64  ? -8.693  -9.842  -2.011  0.25 15.52 ? 2852 GLU A OE2 1 
ATOM   536  N N   . GLU A 1 65  ? -10.239 -5.274  -0.710  1.00 10.00 ? 2853 GLU A N   1 
ATOM   537  C CA  . GLU A 1 65  ? -11.676 -5.119  -0.450  1.00 10.56 ? 2853 GLU A CA  1 
ATOM   538  C C   . GLU A 1 65  ? -12.163 -3.729  -0.876  1.00 10.09 ? 2853 GLU A C   1 
ATOM   539  O O   . GLU A 1 65  ? -13.197 -3.603  -1.573  1.00 10.23 ? 2853 GLU A O   1 
ATOM   540  C CB  . GLU A 1 65  ? -11.961 -5.368  1.023   1.00 11.94 ? 2853 GLU A CB  1 
ATOM   541  C CG  . GLU A 1 65  ? -13.385 -5.114  1.502   1.00 13.41 ? 2853 GLU A CG  1 
ATOM   542  C CD  . GLU A 1 65  ? -13.536 -5.174  3.014   1.00 14.64 ? 2853 GLU A CD  1 
ATOM   543  O OE1 . GLU A 1 65  ? -12.601 -5.622  3.710   1.00 16.79 ? 2853 GLU A OE1 1 
ATOM   544  O OE2 . GLU A 1 65  ? -14.600 -4.710  3.490   1.00 16.74 ? 2853 GLU A OE2 1 
ATOM   545  N N   . ARG A 1 66  ? -11.391 -2.688  -0.493  1.00 9.77  ? 2854 ARG A N   1 
ATOM   546  C CA  . ARG A 1 66  ? -11.724 -1.305  -0.848  1.00 9.58  ? 2854 ARG A CA  1 
ATOM   547  C C   . ARG A 1 66  ? -11.697 -1.065  -2.366  1.00 9.39  ? 2854 ARG A C   1 
ATOM   548  O O   . ARG A 1 66  ? -12.594 -0.410  -2.931  1.00 9.83  ? 2854 ARG A O   1 
ATOM   549  C CB  . ARG A 1 66  ? -10.789 -0.345  -0.094  1.00 9.20  ? 2854 ARG A CB  1 
ATOM   550  C CG  . ARG A 1 66  ? -11.207 -0.200  1.373   1.00 9.40  ? 2854 ARG A CG  1 
ATOM   551  C CD  . ARG A 1 66  ? -10.263 0.660   2.174   1.00 9.32  ? 2854 ARG A CD  1 
ATOM   552  N NE  . ARG A 1 66  ? -10.783 0.812   3.548   1.00 10.14 ? 2854 ARG A NE  1 
ATOM   553  C CZ  . ARG A 1 66  ? -10.309 1.646   4.470   1.00 9.76  ? 2854 ARG A CZ  1 
ATOM   554  N NH1 . ARG A 1 66  ? -9.284  2.454   4.222   1.00 9.94  ? 2854 ARG A NH1 1 
ATOM   555  N NH2 . ARG A 1 66  ? -10.911 1.675   5.678   1.00 10.88 ? 2854 ARG A NH2 1 
ATOM   556  N N   . VAL A 1 67  ? -10.695 -1.602  -3.056  1.00 9.26  ? 2855 VAL A N   1 
ATOM   557  C CA  . VAL A 1 67  ? -10.679 -1.515  -4.530  1.00 10.05 ? 2855 VAL A CA  1 
ATOM   558  C C   . VAL A 1 67  ? -11.911 -2.185  -5.180  1.00 10.33 ? 2855 VAL A C   1 
ATOM   559  O O   . VAL A 1 67  ? -12.577 -1.608  -6.067  1.00 10.79 ? 2855 VAL A O   1 
ATOM   560  C CB  . VAL A 1 67  ? -9.338  -2.074  -5.115  1.00 10.93 ? 2855 VAL A CB  1 
ATOM   561  C CG1 . VAL A 1 67  ? -9.393  -2.260  -6.624  1.00 12.05 ? 2855 VAL A CG1 1 
ATOM   562  C CG2 . VAL A 1 67  ? -8.153  -1.169  -4.730  1.00 11.28 ? 2855 VAL A CG2 1 
ATOM   563  N N   . GLN A 1 68  ? -12.232 -3.410  -4.729  1.00 9.99  ? 2856 GLN A N   1 
ATOM   564  C CA  . GLN A 1 68  ? -13.384 -4.142  -5.289  1.00 10.82 ? 2856 GLN A CA  1 
ATOM   565  C C   . GLN A 1 68  ? -14.695 -3.366  -5.086  1.00 11.13 ? 2856 GLN A C   1 
ATOM   566  O O   . GLN A 1 68  ? -15.542 -3.344  -6.009  1.00 12.42 ? 2856 GLN A O   1 
ATOM   567  C CB  . GLN A 1 68  ? -13.489 -5.567  -4.699  1.00 11.89 ? 2856 GLN A CB  1 
ATOM   568  C CG  . GLN A 1 68  ? -12.353 -6.497  -5.142  1.00 12.40 ? 2856 GLN A CG  1 
ATOM   569  C CD  . GLN A 1 68  ? -12.475 -7.894  -4.562  1.00 13.88 ? 2856 GLN A CD  1 
ATOM   570  O OE1 . GLN A 1 68  ? -12.368 -8.083  -3.364  1.00 15.56 ? 2856 GLN A OE1 1 
ATOM   571  N NE2 . GLN A 1 68  ? -12.762 -8.874  -5.424  1.00 14.96 ? 2856 GLN A NE2 1 
ATOM   572  N N   . ARG A 1 69  ? -14.850 -2.725  -3.931  1.00 11.45 ? 2857 ARG A N   1 
ATOM   573  C CA  . ARG A 1 69  ? -16.060 -1.929  -3.627  1.00 12.31 ? 2857 ARG A CA  1 
ATOM   574  C C   . ARG A 1 69  ? -16.040 -0.491  -4.153  1.00 11.82 ? 2857 ARG A C   1 
ATOM   575  O O   . ARG A 1 69  ? -16.977 0.266   -3.897  1.00 12.98 ? 2857 ARG A O   1 
ATOM   576  C CB  . ARG A 1 69  ? -16.311 -1.941  -2.116  1.00 14.01 ? 2857 ARG A CB  1 
ATOM   577  C CG  . ARG A 1 69  ? -16.487 -3.369  -1.581  1.00 17.70 ? 2857 ARG A CG  1 
ATOM   578  C CD  . ARG A 1 69  ? -17.883 -3.728  -1.176  1.00 21.34 ? 2857 ARG A CD  1 
ATOM   579  N NE  . ARG A 1 69  ? -17.924 -4.861  -0.239  1.00 22.60 ? 2857 ARG A NE  1 
ATOM   580  C CZ  . ARG A 1 69  ? -18.428 -6.072  -0.495  1.00 22.16 ? 2857 ARG A CZ  1 
ATOM   581  N NH1 . ARG A 1 69  ? -18.900 -6.428  -1.732  1.00 18.02 ? 2857 ARG A NH1 1 
ATOM   582  N NH2 . ARG A 1 69  ? -18.429 -6.953  0.524   1.00 24.11 ? 2857 ARG A NH2 1 
ATOM   583  N N   . ARG A 1 70  ? -14.993 -0.111  -4.886  1.00 11.35 ? 2858 ARG A N   1 
ATOM   584  C CA  . ARG A 1 70  ? -14.865 1.256   -5.444  1.00 11.73 ? 2858 ARG A CA  1 
ATOM   585  C C   . ARG A 1 70  ? -14.873 2.348   -4.342  1.00 11.53 ? 2858 ARG A C   1 
ATOM   586  O O   . ARG A 1 70  ? -15.403 3.456   -4.516  1.00 12.48 ? 2858 ARG A O   1 
ATOM   587  C CB  . ARG A 1 70  ? -15.886 1.536   -6.568  1.00 13.95 ? 2858 ARG A CB  1 
ATOM   588  C CG  . ARG A 1 70  ? -15.890 0.534   -7.709  1.00 16.98 ? 2858 ARG A CG  1 
ATOM   589  C CD  . ARG A 1 70  ? -14.554 0.285   -8.375  1.00 19.51 ? 2858 ARG A CD  1 
ATOM   590  N NE  . ARG A 1 70  ? -14.649 -0.511  -9.605  1.00 20.29 ? 2858 ARG A NE  1 
ATOM   591  C CZ  . ARG A 1 70  ? -14.469 -1.831  -9.739  1.00 21.95 ? 2858 ARG A CZ  1 
ATOM   592  N NH1 . ARG A 1 70  ? -14.180 -2.641  -8.711  1.00 23.32 ? 2858 ARG A NH1 1 
ATOM   593  N NH2 . ARG A 1 70  ? -14.595 -2.356  -10.954 1.00 24.91 ? 2858 ARG A NH2 1 
ATOM   594  N N   . TYR A 1 71  ? -14.192 2.056   -3.240  1.00 10.55 ? 2859 TYR A N   1 
ATOM   595  C CA  . TYR A 1 71  ? -14.067 2.973   -2.110  1.00 10.77 ? 2859 TYR A CA  1 
ATOM   596  C C   . TYR A 1 71  ? -13.350 4.284   -2.492  1.00 10.47 ? 2859 TYR A C   1 
ATOM   597  O O   . TYR A 1 71  ? -13.728 5.386   -2.044  1.00 11.51 ? 2859 TYR A O   1 
ATOM   598  C CB  . TYR A 1 71  ? -13.299 2.272   -1.000  1.00 10.62 ? 2859 TYR A CB  1 
ATOM   599  C CG  . TYR A 1 71  ? -12.809 3.093   0.189   1.00 10.66 ? 2859 TYR A CG  1 
ATOM   600  C CD1 . TYR A 1 71  ? -13.613 3.308   1.314   1.00 11.98 ? 2859 TYR A CD1 1 
ATOM   601  C CD2 . TYR A 1 71  ? -11.506 3.609   0.213   1.00 11.55 ? 2859 TYR A CD2 1 
ATOM   602  C CE1 . TYR A 1 71  ? -13.151 4.024   2.425   1.00 12.43 ? 2859 TYR A CE1 1 
ATOM   603  C CE2 . TYR A 1 71  ? -11.035 4.328   1.310   1.00 11.80 ? 2859 TYR A CE2 1 
ATOM   604  C CZ  . TYR A 1 71  ? -11.849 4.523   2.427   1.00 11.91 ? 2859 TYR A CZ  1 
ATOM   605  O OH  . TYR A 1 71  ? -11.362 5.194   3.542   1.00 13.41 ? 2859 TYR A OH  1 
ATOM   606  N N   . TYR A 1 72  ? -12.284 4.176   -3.277  1.00 10.50 ? 2860 TYR A N   1 
ATOM   607  C CA  . TYR A 1 72  ? -11.426 5.317   -3.616  1.00 11.24 ? 2860 TYR A CA  1 
ATOM   608  C C   . TYR A 1 72  ? -12.059 6.176   -4.726  1.00 12.23 ? 2860 TYR A C   1 
ATOM   609  O O   . TYR A 1 72  ? -12.535 5.651   -5.739  1.00 12.65 ? 2860 TYR A O   1 
ATOM   610  C CB  . TYR A 1 72  ? -10.016 4.855   -4.064  1.00 10.84 ? 2860 TYR A CB  1 
ATOM   611  C CG  . TYR A 1 72  ? -9.320  3.961   -3.041  1.00 10.15 ? 2860 TYR A CG  1 
ATOM   612  C CD1 . TYR A 1 72  ? -8.763  4.476   -1.864  1.00 10.37 ? 2860 TYR A CD1 1 
ATOM   613  C CD2 . TYR A 1 72  ? -9.291  2.581   -3.193  1.00 10.17 ? 2860 TYR A CD2 1 
ATOM   614  C CE1 . TYR A 1 72  ? -8.163  3.659   -0.918  1.00 9.85  ? 2860 TYR A CE1 1 
ATOM   615  C CE2 . TYR A 1 72  ? -8.709  1.765   -2.230  1.00 9.92  ? 2860 TYR A CE2 1 
ATOM   616  C CZ  . TYR A 1 72  ? -8.164  2.299   -1.086  1.00 9.70  ? 2860 TYR A CZ  1 
ATOM   617  O OH  . TYR A 1 72  ? -7.605  1.443   -0.145  1.00 10.39 ? 2860 TYR A OH  1 
ATOM   618  N N   . GLU A 1 73  ? -12.072 7.496   -4.521  1.00 12.97 ? 2861 GLU A N   1 
ATOM   619  C CA  . GLU A 1 73  ? -12.562 8.459   -5.533  1.00 14.84 ? 2861 GLU A CA  1 
ATOM   620  C C   . GLU A 1 73  ? -11.443 9.163   -6.292  1.00 13.44 ? 2861 GLU A C   1 
ATOM   621  O O   . GLU A 1 73  ? -11.627 9.579   -7.443  1.00 15.21 ? 2861 GLU A O   1 
ATOM   622  C CB  . GLU A 1 73  ? -13.463 9.500   -4.877  1.00 17.90 ? 2861 GLU A CB  1 
ATOM   623  C CG  . GLU A 1 73  ? -14.754 8.881   -4.374  1.00 21.05 ? 2861 GLU A CG  1 
ATOM   624  C CD  . GLU A 1 73  ? -15.755 9.904   -3.885  1.00 24.87 ? 2861 GLU A CD  1 
ATOM   625  O OE1 . GLU A 1 73  ? -15.356 11.027  -3.511  1.00 29.34 ? 2861 GLU A OE1 1 
ATOM   626  O OE2 . GLU A 1 73  ? -16.959 9.574   -3.892  1.00 29.82 ? 2861 GLU A OE2 1 
ATOM   627  N N   . LYS A 1 74  ? -10.282 9.293   -5.650  1.00 12.01 ? 2862 LYS A N   1 
ATOM   628  C CA  . LYS A 1 74  ? -9.113  9.990   -6.203  1.00 12.26 ? 2862 LYS A CA  1 
ATOM   629  C C   . LYS A 1 74  ? -7.858  9.159   -5.959  1.00 11.67 ? 2862 LYS A C   1 
ATOM   630  O O   . LYS A 1 74  ? -7.751  8.459   -4.939  1.00 11.03 ? 2862 LYS A O   1 
ATOM   631  C CB  . LYS A 1 74  ? -8.894  11.360  -5.527  1.00 14.06 ? 2862 LYS A CB  1 
ATOM   632  C CG  . LYS A 1 74  ? -10.104 12.297  -5.536  1.00 16.23 ? 2862 LYS A CG  1 
ATOM   633  C CD  . LYS A 1 74  ? -10.470 12.774  -6.935  1.00 19.07 ? 2862 LYS A CD  1 
ATOM   634  C CE  . LYS A 1 74  ? -11.527 13.882  -6.933  1.00 21.93 ? 2862 LYS A CE  1 
ATOM   635  N NZ  . LYS A 1 74  ? -12.839 13.417  -6.403  1.00 24.24 ? 2862 LYS A NZ  1 
ATOM   636  N N   . LEU A 1 75  ? -6.885  9.280   -6.856  1.00 11.39 ? 2863 LEU A N   1 
ATOM   637  C CA  . LEU A 1 75  ? -5.612  8.515   -6.703  1.00 11.09 ? 2863 LEU A CA  1 
ATOM   638  C C   . LEU A 1 75  ? -4.924  8.825   -5.376  1.00 10.79 ? 2863 LEU A C   1 
ATOM   639  O O   . LEU A 1 75  ? -4.348  7.926   -4.730  1.00 10.85 ? 2863 LEU A O   1 
ATOM   640  C CB  . LEU A 1 75  ? -4.672  8.793   -7.879  1.00 11.52 ? 2863 LEU A CB  1 
ATOM   641  C CG  . LEU A 1 75  ? -3.334  8.024   -7.915  1.00 11.71 ? 2863 LEU A CG  1 
ATOM   642  C CD1 . LEU A 1 75  ? -3.564  6.508   -7.862  1.00 12.14 ? 2863 LEU A CD1 1 
ATOM   643  C CD2 . LEU A 1 75  ? -2.481  8.449   -9.124  1.00 12.76 ? 2863 LEU A CD2 1 
ATOM   644  N N   . THR A 1 76  ? -4.971  10.087  -4.934  1.00 11.18 ? 2864 THR A N   1 
ATOM   645  C CA  . THR A 1 76  ? -4.335  10.453  -3.666  1.00 12.05 ? 2864 THR A CA  1 
ATOM   646  C C   . THR A 1 76  ? -4.820  9.589   -2.477  1.00 11.48 ? 2864 THR A C   1 
ATOM   647  O O   . THR A 1 76  ? -4.033  9.307   -1.567  1.00 11.24 ? 2864 THR A O   1 
ATOM   648  C CB  . THR A 1 76  ? -4.516  11.960  -3.404  1.00 14.09 ? 2864 THR A CB  1 
ATOM   649  O OG1 . THR A 1 76  ? -3.663  12.395  -2.340  1.00 18.70 ? 2864 THR A OG1 1 
ATOM   650  C CG2 . THR A 1 76  ? -5.960  12.285  -3.201  1.00 14.99 ? 2864 THR A CG2 1 
ATOM   651  N N   . GLU A 1 77  ? -6.090  9.185   -2.488  1.00 11.57 ? 2865 GLU A N   1 
ATOM   652  C CA  . GLU A 1 77  ? -6.652  8.398   -1.391  1.00 11.91 ? 2865 GLU A CA  1 
ATOM   653  C C   . GLU A 1 77  ? -6.096  6.940   -1.363  1.00 10.53 ? 2865 GLU A C   1 
ATOM   654  O O   . GLU A 1 77  ? -5.839  6.361   -0.287  1.00 10.63 ? 2865 GLU A O   1 
ATOM   655  C CB  . GLU A 1 77  ? -8.178  8.370   -1.471  1.00 13.65 ? 2865 GLU A CB  1 
ATOM   656  C CG  . GLU A 1 77  ? -8.847  9.755   -1.387  1.00 15.75 ? 2865 GLU A CG  1 
ATOM   657  C CD  . GLU A 1 77  ? -10.306 9.812   -1.863  1.00 19.43 ? 2865 GLU A CD  1 
ATOM   658  O OE1 . GLU A 1 77  ? -10.935 8.762   -2.188  1.00 21.05 ? 2865 GLU A OE1 1 
ATOM   659  O OE2 . GLU A 1 77  ? -10.826 10.969  -1.942  1.00 22.60 ? 2865 GLU A OE2 1 
ATOM   660  N N   . PHE A 1 78  ? -5.901  6.376   -2.562  1.00 9.87  ? 2866 PHE A N   1 
ATOM   661  C CA  . PHE A 1 78  ? -5.281  5.049   -2.722  1.00 9.30  ? 2866 PHE A CA  1 
ATOM   662  C C   . PHE A 1 78  ? -3.823  5.111   -2.254  1.00 9.01  ? 2866 PHE A C   1 
ATOM   663  O O   . PHE A 1 78  ? -3.347  4.245   -1.508  1.00 9.14  ? 2866 PHE A O   1 
ATOM   664  C CB  . PHE A 1 78  ? -5.410  4.597   -4.180  1.00 9.67  ? 2866 PHE A CB  1 
ATOM   665  C CG  . PHE A 1 78  ? -4.724  3.299   -4.511  1.00 10.28 ? 2866 PHE A CG  1 
ATOM   666  C CD1 . PHE A 1 78  ? -3.424  3.291   -5.023  1.00 10.87 ? 2866 PHE A CD1 1 
ATOM   667  C CD2 . PHE A 1 78  ? -5.382  2.075   -4.381  1.00 10.99 ? 2866 PHE A CD2 1 
ATOM   668  C CE1 . PHE A 1 78  ? -2.792  2.096   -5.353  1.00 11.98 ? 2866 PHE A CE1 1 
ATOM   669  C CE2 . PHE A 1 78  ? -4.777  0.887   -4.754  1.00 11.57 ? 2866 PHE A CE2 1 
ATOM   670  C CZ  . PHE A 1 78  ? -3.468  0.893   -5.219  1.00 11.76 ? 2866 PHE A CZ  1 
ATOM   671  N N   . VAL A 1 79  ? -3.084  6.130   -2.717  1.00 9.20  ? 2867 VAL A N   1 
ATOM   672  C CA  . VAL A 1 79  ? -1.686  6.313   -2.282  1.00 9.22  ? 2867 VAL A CA  1 
ATOM   673  C C   . VAL A 1 79  ? -1.563  6.497   -0.764  1.00 9.44  ? 2867 VAL A C   1 
ATOM   674  O O   . VAL A 1 79  ? -0.648  5.946   -0.112  1.00 9.79  ? 2867 VAL A O   1 
ATOM   675  C CB  . VAL A 1 79  ? -1.005  7.488   -3.054  1.00 9.83  ? 2867 VAL A CB  1 
ATOM   676  C CG1 . VAL A 1 79  ? 0.409   7.778   -2.528  1.00 10.72 ? 2867 VAL A CG1 1 
ATOM   677  C CG2 . VAL A 1 79  ? -0.981  7.179   -4.540  1.00 10.40 ? 2867 VAL A CG2 1 
ATOM   678  N N   . ALA A 1 80  ? -2.511  7.212   -0.145  1.00 9.78  ? 2868 ALA A N   1 
ATOM   679  C CA  . ALA A 1 80  ? -2.478  7.431   1.307   1.00 10.31 ? 2868 ALA A CA  1 
ATOM   680  C C   . ALA A 1 80  ? -2.644  6.100   2.076   1.00 9.27  ? 2868 ALA A C   1 
ATOM   681  O O   . ALA A 1 80  ? -1.933  5.881   3.067   1.00 9.67  ? 2868 ALA A O   1 
ATOM   682  C CB  . ALA A 1 80  ? -3.553  8.441   1.735   1.00 11.27 ? 2868 ALA A CB  1 
ATOM   683  N N   . ASP A 1 81  ? -3.571  5.232   1.665   1.00 9.49  ? 2869 ASP A N   1 
ATOM   684  C CA  . ASP A 1 81  ? -3.696  3.903   2.325   1.00 9.48  ? 2869 ASP A CA  1 
ATOM   685  C C   . ASP A 1 81  ? -2.423  3.069   2.179   1.00 9.15  ? 2869 ASP A C   1 
ATOM   686  O O   . ASP A 1 81  ? -1.957  2.446   3.152   1.00 8.95  ? 2869 ASP A O   1 
ATOM   687  C CB  . ASP A 1 81  ? -4.916  3.121   1.805   1.00 9.94  ? 2869 ASP A CB  1 
ATOM   688  C CG  . ASP A 1 81  ? -6.248  3.410   2.536   1.00 10.51 ? 2869 ASP A CG  1 
ATOM   689  O OD1 . ASP A 1 81  ? -6.284  4.216   3.509   1.00 11.92 ? 2869 ASP A OD1 1 
ATOM   690  O OD2 . ASP A 1 81  ? -7.271  2.786   2.116   1.00 10.89 ? 2869 ASP A OD2 1 
ATOM   691  N N   . MET A 1 82  ? -1.852  3.060   0.970   1.00 9.19  ? 2870 MET A N   1 
ATOM   692  C CA  . MET A 1 82  ? -0.615  2.286   0.744   1.00 9.78  ? 2870 MET A CA  1 
ATOM   693  C C   . MET A 1 82  ? 0.527   2.794   1.625   1.00 9.67  ? 2870 MET A C   1 
ATOM   694  O O   . MET A 1 82  ? 1.280   2.017   2.253   1.00 9.86  ? 2870 MET A O   1 
ATOM   695  C CB  . MET A 1 82  ? -0.210  2.307   -0.735  1.00 10.34 ? 2870 MET A CB  1 
ATOM   696  C CG  . MET A 1 82  ? 0.921   1.333   -1.059  1.00 11.06 ? 2870 MET A CG  1 
ATOM   697  S SD  . MET A 1 82  ? 0.559   -0.429  -0.912  1.00 13.00 ? 2870 MET A SD  1 
ATOM   698  C CE  . MET A 1 82  ? -0.607  -0.640  -2.244  1.00 13.38 ? 2870 MET A CE  1 
ATOM   699  N N   . THR A 1 83  ? 0.659   4.121   1.669   1.00 9.81  ? 2871 THR A N   1 
ATOM   700  C CA  . THR A 1 83  ? 1.716   4.753   2.444   1.00 10.80 ? 2871 THR A CA  1 
ATOM   701  C C   . THR A 1 83  ? 1.580   4.436   3.946   1.00 10.76 ? 2871 THR A C   1 
ATOM   702  O O   . THR A 1 83  ? 2.605   4.270   4.669   1.00 10.90 ? 2871 THR A O   1 
ATOM   703  C CB  . THR A 1 83  ? 1.767   6.280   2.157   1.00 12.34 ? 2871 THR A CB  1 
ATOM   704  O OG1 . THR A 1 83  ? 2.023   6.457   0.756   1.00 13.62 ? 2871 THR A OG1 1 
ATOM   705  C CG2 . THR A 1 83  ? 2.857   6.976   2.971   1.00 13.74 ? 2871 THR A CG2 1 
ATOM   706  N N   . LYS A 1 84  ? 0.346   4.356   4.443   1.00 10.27 ? 2872 LYS A N   1 
ATOM   707  C CA  . LYS A 1 84  ? 0.070   3.972   5.831   1.00 11.18 ? 2872 LYS A CA  1 
ATOM   708  C C   . LYS A 1 84  ? 0.653   2.588   6.185   1.00 9.59  ? 2872 LYS A C   1 
ATOM   709  O O   . LYS A 1 84  ? 1.182   2.392   7.272   1.00 9.51  ? 2872 LYS A O   1 
ATOM   710  C CB  . LYS A 1 84  ? -1.457  4.018   6.081   1.00 13.82 ? 2872 LYS A CB  1 
ATOM   711  C CG  . LYS A 1 84  ? -1.899  4.057   7.517   1.00 15.96 ? 2872 LYS A CG  1 
ATOM   712  C CD  . LYS A 1 84  ? -3.233  4.796   7.677   1.00 17.54 ? 2872 LYS A CD  1 
ATOM   713  C CE  . LYS A 1 84  ? -4.404  4.088   7.012   1.00 18.49 ? 2872 LYS A CE  1 
ATOM   714  N NZ  . LYS A 1 84  ? -5.663  4.912   7.068   1.00 19.20 ? 2872 LYS A NZ  1 
ATOM   715  N N   . ILE A 1 85  ? 0.570   1.633   5.241   1.00 9.21  ? 2873 ILE A N   1 
ATOM   716  C CA  . ILE A 1 85  ? 1.167   0.316   5.479   1.00 8.99  ? 2873 ILE A CA  1 
ATOM   717  C C   . ILE A 1 85  ? 2.645   0.474   5.869   1.00 9.58  ? 2873 ILE A C   1 
ATOM   718  O O   . ILE A 1 85  ? 3.142   -0.129  6.834   1.00 9.61  ? 2873 ILE A O   1 
ATOM   719  C CB  . ILE A 1 85  ? 0.976   -0.629  4.255   1.00 8.98  ? 2873 ILE A CB  1 
ATOM   720  C CG1 . ILE A 1 85  ? -0.527  -0.910  4.006   1.00 9.02  ? 2873 ILE A CG1 1 
ATOM   721  C CG2 . ILE A 1 85  ? 1.738   -1.929  4.445   1.00 9.64  ? 2873 ILE A CG2 1 
ATOM   722  C CD1 . ILE A 1 85  ? -0.866  -1.727  2.779   1.00 9.18  ? 2873 ILE A CD1 1 
ATOM   723  N N   . PHE A 1 86  ? 3.370   1.209   5.045   1.00 9.13  ? 2874 PHE A N   1 
ATOM   724  C CA  . PHE A 1 86  ? 4.835   1.328   5.206   1.00 9.56  ? 2874 PHE A CA  1 
ATOM   725  C C   . PHE A 1 86  ? 5.207   2.218   6.413   1.00 9.18  ? 2874 PHE A C   1 
ATOM   726  O O   . PHE A 1 86  ? 6.132   1.884   7.180   1.00 9.75  ? 2874 PHE A O   1 
ATOM   727  C CB  . PHE A 1 86  ? 5.521   1.822   3.919   1.00 10.44 ? 2874 PHE A CB  1 
ATOM   728  C CG  . PHE A 1 86  ? 5.120   1.020   2.690   1.00 11.37 ? 2874 PHE A CG  1 
ATOM   729  C CD1 . PHE A 1 86  ? 5.187   -0.368  2.715   1.00 13.41 ? 2874 PHE A CD1 1 
ATOM   730  C CD2 . PHE A 1 86  ? 4.671   1.633   1.528   1.00 12.51 ? 2874 PHE A CD2 1 
ATOM   731  C CE1 . PHE A 1 86  ? 4.823   -1.130  1.596   1.00 15.12 ? 2874 PHE A CE1 1 
ATOM   732  C CE2 . PHE A 1 86  ? 4.322   0.863   0.410   1.00 14.01 ? 2874 PHE A CE2 1 
ATOM   733  C CZ  . PHE A 1 86  ? 4.385   -0.486  0.478   1.00 14.43 ? 2874 PHE A CZ  1 
ATOM   734  N N   . ASP A 1 87  ? 4.499   3.325   6.581   1.00 9.11  ? 2875 ASP A N   1 
ATOM   735  C CA  . ASP A 1 87  ? 4.776   4.207   7.718   1.00 9.65  ? 2875 ASP A CA  1 
ATOM   736  C C   . ASP A 1 87  ? 4.442   3.554   9.077   1.00 9.15  ? 2875 ASP A C   1 
ATOM   737  O O   . ASP A 1 87  ? 5.226   3.734   10.060  1.00 9.35  ? 2875 ASP A O   1 
ATOM   738  C CB  . ASP A 1 87  ? 3.995   5.514   7.581   1.00 11.27 ? 2875 ASP A CB  1 
ATOM   739  C CG  . ASP A 1 87  ? 4.537   6.448   6.492   1.00 12.98 ? 2875 ASP A CG  1 
ATOM   740  O OD1 . ASP A 1 87  ? 5.571   6.165   5.842   1.00 15.40 ? 2875 ASP A OD1 1 
ATOM   741  O OD2 . ASP A 1 87  ? 3.890   7.516   6.314   1.00 15.35 ? 2875 ASP A OD2 1 
ATOM   742  N N   . ASN A 1 88  ? 3.348   2.794   9.154   1.00 9.08  ? 2876 ASN A N   1 
ATOM   743  C CA  . ASN A 1 88  ? 3.021   2.064   10.386  1.00 9.47  ? 2876 ASN A CA  1 
ATOM   744  C C   . ASN A 1 88  ? 4.176   1.099   10.727  1.00 9.64  ? 2876 ASN A C   1 
ATOM   745  O O   . ASN A 1 88  ? 4.616   0.990   11.892  1.00 9.71  ? 2876 ASN A O   1 
ATOM   746  C CB  . ASN A 1 88  ? 1.721   1.255   10.223  1.00 9.35  ? 2876 ASN A CB  1 
ATOM   747  C CG  . ASN A 1 88  ? 0.465   2.101   10.214  1.00 9.39  ? 2876 ASN A CG  1 
ATOM   748  O OD1 . ASN A 1 88  ? 0.489   3.317   10.491  1.00 10.29 ? 2876 ASN A OD1 1 
ATOM   749  N ND2 . ASN A 1 88  ? -0.678  1.448   9.856   1.00 9.88  ? 2876 ASN A ND2 1 
ATOM   750  N N   . CYS A 1 89  ? 4.695   0.422   9.693   1.00 9.22  ? 2877 CYS A N   1 
ATOM   751  C CA  . CYS A 1 89  ? 5.749   -0.582  9.905   1.00 9.91  ? 2877 CYS A CA  1 
ATOM   752  C C   . CYS A 1 89  ? 7.074   0.043   10.409  1.00 9.86  ? 2877 CYS A C   1 
ATOM   753  O O   . CYS A 1 89  ? 7.722   -0.501  11.338  1.00 10.86 ? 2877 CYS A O   1 
ATOM   754  C CB  . CYS A 1 89  ? 5.951   -1.401  8.608   1.00 9.65  ? 2877 CYS A CB  1 
ATOM   755  S SG  . CYS A 1 89  ? 7.184   -2.722  8.678   1.00 11.71 ? 2877 CYS A SG  1 
ATOM   756  N N   . ARG A 1 90  ? 7.463   1.144   9.799   1.00 9.94  ? 2878 ARG A N   1 
ATOM   757  C CA  . ARG A 1 90  ? 8.681   1.832   10.223  1.00 11.34 ? 2878 ARG A CA  1 
ATOM   758  C C   . ARG A 1 90  ? 8.587   2.533   11.581  1.00 11.05 ? 2878 ARG A C   1 
ATOM   759  O O   . ARG A 1 90  ? 9.631   2.744   12.227  1.00 12.98 ? 2878 ARG A O   1 
ATOM   760  C CB  . ARG A 1 90  ? 9.138   2.795   9.147   1.00 11.97 ? 2878 ARG A CB  1 
ATOM   761  C CG  . ARG A 1 90  ? 9.674   2.094   7.894   1.00 13.10 ? 2878 ARG A CG  1 
ATOM   762  C CD  . ARG A 1 90  ? 10.365  3.067   6.952   1.00 15.26 ? 2878 ARG A CD  1 
ATOM   763  N NE  . ARG A 1 90  ? 9.318   3.899   6.349   1.00 15.40 ? 2878 ARG A NE  1 
ATOM   764  C CZ  . ARG A 1 90  ? 8.820   3.803   5.111   1.00 15.32 ? 2878 ARG A CZ  1 
ATOM   765  N NH1 . ARG A 1 90  ? 9.334   2.971   4.200   1.00 16.49 ? 2878 ARG A NH1 1 
ATOM   766  N NH2 . ARG A 1 90  ? 7.810   4.591   4.759   1.00 15.64 ? 2878 ARG A NH2 1 
ATOM   767  N N   . TYR A 1 91  ? 7.381   2.846   12.064  1.00 10.62 ? 2879 TYR A N   1 
ATOM   768  C CA  . TYR A 1 91  ? 7.160   3.411   13.415  1.00 11.14 ? 2879 TYR A CA  1 
ATOM   769  C C   . TYR A 1 91  ? 7.119   2.307   14.462  1.00 11.77 ? 2879 TYR A C   1 
ATOM   770  O O   . TYR A 1 91  ? 7.671   2.479   15.567  1.00 12.70 ? 2879 TYR A O   1 
ATOM   771  C CB  . TYR A 1 91  ? 5.850   4.209   13.402  1.00 11.49 ? 2879 TYR A CB  1 
ATOM   772  C CG  . TYR A 1 91  ? 5.420   4.802   14.734  1.00 11.13 ? 2879 TYR A CG  1 
ATOM   773  C CD1 . TYR A 1 91  ? 6.156   5.812   15.382  1.00 11.30 ? 2879 TYR A CD1 1 
ATOM   774  C CD2 . TYR A 1 91  ? 4.235   4.392   15.337  1.00 11.80 ? 2879 TYR A CD2 1 
ATOM   775  C CE1 . TYR A 1 91  ? 5.722   6.359   16.598  1.00 12.13 ? 2879 TYR A CE1 1 
ATOM   776  C CE2 . TYR A 1 91  ? 3.770   4.948   16.514  1.00 12.55 ? 2879 TYR A CE2 1 
ATOM   777  C CZ  . TYR A 1 91  ? 4.524   5.923   17.152  1.00 12.20 ? 2879 TYR A CZ  1 
ATOM   778  O OH  . TYR A 1 91  ? 4.045   6.506   18.322  1.00 14.46 ? 2879 TYR A OH  1 
ATOM   779  N N   . TYR A 1 92  ? 6.487   1.192   14.158  1.00 11.64 ? 2880 TYR A N   1 
ATOM   780  C CA  . TYR A 1 92  ? 6.370   0.106   15.156  1.00 11.83 ? 2880 TYR A CA  1 
ATOM   781  C C   . TYR A 1 92  ? 7.661   -0.671  15.377  1.00 12.27 ? 2880 TYR A C   1 
ATOM   782  O O   . TYR A 1 92  ? 7.999   -1.023  16.530  1.00 13.59 ? 2880 TYR A O   1 
ATOM   783  C CB  . TYR A 1 92  ? 5.204   -0.849  14.807  1.00 12.87 ? 2880 TYR A CB  1 
ATOM   784  C CG  . TYR A 1 92  ? 5.021   -1.971  15.834  1.00 14.09 ? 2880 TYR A CG  1 
ATOM   785  C CD1 . TYR A 1 92  ? 4.350   -1.756  17.044  1.00 15.45 ? 2880 TYR A CD1 1 
ATOM   786  C CD2 . TYR A 1 92  ? 5.540   -3.253  15.600  1.00 15.55 ? 2880 TYR A CD2 1 
ATOM   787  C CE1 . TYR A 1 92  ? 4.232   -2.790  17.985  1.00 16.55 ? 2880 TYR A CE1 1 
ATOM   788  C CE2 . TYR A 1 92  ? 5.421   -4.276  16.536  1.00 17.23 ? 2880 TYR A CE2 1 
ATOM   789  C CZ  . TYR A 1 92  ? 4.766   -4.034  17.718  1.00 16.71 ? 2880 TYR A CZ  1 
ATOM   790  O OH  . TYR A 1 92  ? 4.619   -5.057  18.667  1.00 21.23 ? 2880 TYR A OH  1 
ATOM   791  N N   . ASN A 1 93  ? 8.394   -0.941  14.301  1.00 11.74 ? 2881 ASN A N   1 
ATOM   792  C CA  . ASN A 1 93  ? 9.561   -1.854  14.335  1.00 12.58 ? 2881 ASN A CA  1 
ATOM   793  C C   . ASN A 1 93  ? 10.877  -1.062  14.297  1.00 13.35 ? 2881 ASN A C   1 
ATOM   794  O O   . ASN A 1 93  ? 10.929  0.012   13.716  1.00 13.48 ? 2881 ASN A O   1 
ATOM   795  C CB  . ASN A 1 93  ? 9.530   -2.795  13.127  1.00 12.28 ? 2881 ASN A CB  1 
ATOM   796  C CG  . ASN A 1 93  ? 8.309   -3.681  13.092  1.00 12.04 ? 2881 ASN A CG  1 
ATOM   797  O OD1 . ASN A 1 93  ? 8.215   -4.645  13.834  1.00 14.08 ? 2881 ASN A OD1 1 
ATOM   798  N ND2 . ASN A 1 93  ? 7.347   -3.377  12.203  1.00 12.38 ? 2881 ASN A ND2 1 
ATOM   799  N N   . PRO A 1 94  ? 11.949  -1.599  14.933  1.00 15.30 ? 2882 PRO A N   1 
ATOM   800  C CA  . PRO A 1 94  ? 13.247  -0.909  14.838  1.00 16.04 ? 2882 PRO A CA  1 
ATOM   801  C C   . PRO A 1 94  ? 13.877  -1.008  13.461  1.00 16.11 ? 2882 PRO A C   1 
ATOM   802  O O   . PRO A 1 94  ? 13.536  -1.930  12.673  1.00 15.09 ? 2882 PRO A O   1 
ATOM   803  C CB  . PRO A 1 94  ? 14.106  -1.601  15.913  1.00 18.19 ? 2882 PRO A CB  1 
ATOM   804  C CG  . PRO A 1 94  ? 13.498  -2.944  16.092  1.00 17.54 ? 2882 PRO A CG  1 
ATOM   805  C CD  . PRO A 1 94  ? 12.035  -2.841  15.722  1.00 16.74 ? 2882 PRO A CD  1 
ATOM   806  N N   . SER A 1 95  ? 14.781  -0.079  13.168  1.00 16.71 ? 2883 SER A N   1 
ATOM   807  C CA  . SER A 1 95  ? 15.383  0.030   11.852  1.00 18.04 ? 2883 SER A CA  1 
ATOM   808  C C   . SER A 1 95  ? 16.196  -1.199  11.443  1.00 18.81 ? 2883 SER A C   1 
ATOM   809  O O   . SER A 1 95  ? 16.393  -1.392  10.257  1.00 20.74 ? 2883 SER A O   1 
ATOM   810  C CB  . SER A 1 95  ? 16.240  1.301   11.724  1.00 18.83 ? 2883 SER A CB  1 
ATOM   811  O OG  . SER A 1 95  ? 17.305  1.306   12.652  1.00 21.38 ? 2883 SER A OG  1 
ATOM   812  N N   . ASP A 1 96  ? 16.657  -2.013  12.398  1.00 19.20 ? 2884 ASP A N   1 
ATOM   813  C CA  . ASP A 1 96  ? 17.368  -3.268  12.045  1.00 19.35 ? 2884 ASP A CA  1 
ATOM   814  C C   . ASP A 1 96  ? 16.516  -4.564  11.924  1.00 18.90 ? 2884 ASP A C   1 
ATOM   815  O O   . ASP A 1 96  ? 17.074  -5.649  11.723  1.00 20.94 ? 2884 ASP A O   1 
ATOM   816  C CB  . ASP A 1 96  ? 18.597  -3.465  12.969  1.00 22.66 ? 2884 ASP A CB  1 
ATOM   817  C CG  . ASP A 1 96  ? 18.226  -3.751  14.408  1.00 25.31 ? 2884 ASP A CG  1 
ATOM   818  O OD1 . ASP A 1 96  ? 17.045  -3.631  14.795  1.00 26.81 ? 2884 ASP A OD1 1 
ATOM   819  O OD2 . ASP A 1 96  ? 19.158  -4.089  15.189  1.00 28.15 ? 2884 ASP A OD2 1 
ATOM   820  N N   A SER A 1 97  ? 15.198  -4.455  12.046  0.25 18.04 ? 2885 SER A N   1 
ATOM   821  N N   B SER A 1 97  ? 15.190  -4.423  12.028  0.25 17.61 ? 2885 SER A N   1 
ATOM   822  C CA  A SER A 1 97  ? 14.342  -5.628  11.967  0.25 17.22 ? 2885 SER A CA  1 
ATOM   823  C CA  B SER A 1 97  ? 14.243  -5.534  11.924  0.25 16.53 ? 2885 SER A CA  1 
ATOM   824  C C   A SER A 1 97  ? 14.048  -5.995  10.512  0.25 16.36 ? 2885 SER A C   1 
ATOM   825  C C   B SER A 1 97  ? 14.039  -5.978  10.470  0.25 15.98 ? 2885 SER A C   1 
ATOM   826  O O   A SER A 1 97  ? 13.994  -5.118  9.645   0.25 15.76 ? 2885 SER A O   1 
ATOM   827  O O   B SER A 1 97  ? 14.041  -5.138  9.563   0.25 15.33 ? 2885 SER A O   1 
ATOM   828  C CB  A SER A 1 97  ? 13.039  -5.362  12.694  0.25 17.47 ? 2885 SER A CB  1 
ATOM   829  C CB  B SER A 1 97  ? 12.892  -5.096  12.509  0.25 16.40 ? 2885 SER A CB  1 
ATOM   830  O OG  A SER A 1 97  ? 12.293  -4.406  11.979  0.25 17.18 ? 2885 SER A OG  1 
ATOM   831  O OG  B SER A 1 97  ? 11.876  -6.064  12.296  0.25 15.32 ? 2885 SER A OG  1 
ATOM   832  N N   . PRO A 1 98  ? 13.828  -7.294  10.234  1.00 15.74 ? 2886 PRO A N   1 
ATOM   833  C CA  . PRO A 1 98  ? 13.444  -7.704  8.864   1.00 15.24 ? 2886 PRO A CA  1 
ATOM   834  C C   . PRO A 1 98  ? 12.101  -7.071  8.378   1.00 13.30 ? 2886 PRO A C   1 
ATOM   835  O O   . PRO A 1 98  ? 11.913  -6.889  7.194   1.00 13.14 ? 2886 PRO A O   1 
ATOM   836  C CB  . PRO A 1 98  ? 13.345  -9.242  8.951   1.00 16.75 ? 2886 PRO A CB  1 
ATOM   837  C CG  . PRO A 1 98  ? 13.261  -9.544  10.390  1.00 17.82 ? 2886 PRO A CG  1 
ATOM   838  C CD  . PRO A 1 98  ? 14.000  -8.476  11.121  1.00 16.88 ? 2886 PRO A CD  1 
ATOM   839  N N   . PHE A 1 99  ? 11.189  -6.791  9.311   1.00 12.24 ? 2887 PHE A N   1 
ATOM   840  C CA  . PHE A 1 99  ? 9.934   -6.130  8.922   1.00 12.46 ? 2887 PHE A CA  1 
ATOM   841  C C   . PHE A 1 99  ? 10.203  -4.734  8.313   1.00 11.25 ? 2887 PHE A C   1 
ATOM   842  O O   . PHE A 1 99  ? 9.625   -4.390  7.297   1.00 11.16 ? 2887 PHE A O   1 
ATOM   843  C CB  . PHE A 1 99  ? 9.004   -5.943  10.134  1.00 13.52 ? 2887 PHE A CB  1 
ATOM   844  C CG  . PHE A 1 99  ? 8.413   -7.230  10.706  1.00 15.26 ? 2887 PHE A CG  1 
ATOM   845  C CD1 . PHE A 1 99  ? 7.347   -7.846  10.065  1.00 17.77 ? 2887 PHE A CD1 1 
ATOM   846  C CD2 . PHE A 1 99  ? 8.833   -7.750  11.936  1.00 18.84 ? 2887 PHE A CD2 1 
ATOM   847  C CE1 . PHE A 1 99  ? 6.735   -8.984  10.589  1.00 19.52 ? 2887 PHE A CE1 1 
ATOM   848  C CE2 . PHE A 1 99  ? 8.239   -8.911  12.455  1.00 20.25 ? 2887 PHE A CE2 1 
ATOM   849  C CZ  . PHE A 1 99  ? 7.188   -9.523  11.782  1.00 20.47 ? 2887 PHE A CZ  1 
ATOM   850  N N   . TYR A 1 100 ? 11.072  -3.963  8.973   1.00 12.25 ? 2888 TYR A N   1 
ATOM   851  C CA  . TYR A 1 100 ? 11.475  -2.628  8.512   1.00 12.16 ? 2888 TYR A CA  1 
ATOM   852  C C   . TYR A 1 100 ? 12.115  -2.703  7.114   1.00 12.84 ? 2888 TYR A C   1 
ATOM   853  O O   . TYR A 1 100 ? 11.762  -1.918  6.228   1.00 12.44 ? 2888 TYR A O   1 
ATOM   854  C CB  . TYR A 1 100 ? 12.382  -2.002  9.577   1.00 12.29 ? 2888 TYR A CB  1 
ATOM   855  C CG  . TYR A 1 100 ? 12.627  -0.500  9.436   1.00 12.84 ? 2888 TYR A CG  1 
ATOM   856  C CD1 . TYR A 1 100 ? 13.430  0.018   8.406   1.00 13.76 ? 2888 TYR A CD1 1 
ATOM   857  C CD2 . TYR A 1 100 ? 12.122  0.401   10.382  1.00 13.81 ? 2888 TYR A CD2 1 
ATOM   858  C CE1 . TYR A 1 100 ? 13.688  1.385   8.302   1.00 15.20 ? 2888 TYR A CE1 1 
ATOM   859  C CE2 . TYR A 1 100 ? 12.385  1.764   10.285  1.00 14.61 ? 2888 TYR A CE2 1 
ATOM   860  C CZ  . TYR A 1 100 ? 13.161  2.252   9.246   1.00 14.39 ? 2888 TYR A CZ  1 
ATOM   861  O OH  . TYR A 1 100 ? 13.418  3.618   9.149   1.00 18.89 ? 2888 TYR A OH  1 
ATOM   862  N N   A GLN A 1 101 ? 13.027  -3.657  6.925   0.38 13.73 ? 2889 GLN A N   1 
ATOM   863  N N   B GLN A 1 101 ? 13.021  -3.667  6.938   0.12 12.53 ? 2889 GLN A N   1 
ATOM   864  C CA  A GLN A 1 101 ? 13.673  -3.914  5.624   0.38 14.68 ? 2889 GLN A CA  1 
ATOM   865  C CA  B GLN A 1 101 ? 13.668  -3.943  5.651   0.12 12.54 ? 2889 GLN A CA  1 
ATOM   866  C C   A GLN A 1 101 ? 12.647  -4.204  4.520   0.38 13.56 ? 2889 GLN A C   1 
ATOM   867  C C   B GLN A 1 101 ? 12.656  -4.209  4.534   0.12 12.40 ? 2889 GLN A C   1 
ATOM   868  O O   A GLN A 1 101 ? 12.761  -3.682  3.404   0.38 13.53 ? 2889 GLN A O   1 
ATOM   869  O O   B GLN A 1 101 ? 12.788  -3.665  3.434   0.12 12.44 ? 2889 GLN A O   1 
ATOM   870  C CB  A GLN A 1 101 ? 14.664  -5.097  5.720   0.38 17.22 ? 2889 GLN A CB  1 
ATOM   871  C CB  B GLN A 1 101 ? 14.605  -5.154  5.769   0.12 12.79 ? 2889 GLN A CB  1 
ATOM   872  C CG  A GLN A 1 101 ? 15.197  -5.618  4.380   0.38 19.41 ? 2889 GLN A CG  1 
ATOM   873  C CG  B GLN A 1 101 ? 15.449  -5.407  4.529   0.12 12.86 ? 2889 GLN A CG  1 
ATOM   874  C CD  A GLN A 1 101 ? 15.881  -6.978  4.481   0.38 21.67 ? 2889 GLN A CD  1 
ATOM   875  C CD  B GLN A 1 101 ? 16.070  -6.794  4.497   0.12 12.89 ? 2889 GLN A CD  1 
ATOM   876  O OE1 A GLN A 1 101 ? 16.323  -7.394  5.556   0.38 24.45 ? 2889 GLN A OE1 1 
ATOM   877  O OE1 B GLN A 1 101 ? 15.388  -7.815  4.672   0.12 11.97 ? 2889 GLN A OE1 1 
ATOM   878  N NE2 A GLN A 1 101 ? 15.957  -7.684  3.357   0.38 20.28 ? 2889 GLN A NE2 1 
ATOM   879  N NE2 B GLN A 1 101 ? 17.363  -6.841  4.248   0.12 13.10 ? 2889 GLN A NE2 1 
ATOM   880  N N   . CYS A 1 102 ? 11.654  -5.044  4.818   1.00 12.06 ? 2890 CYS A N   1 
ATOM   881  C CA  . CYS A 1 102 ? 10.599  -5.370  3.829   1.00 12.18 ? 2890 CYS A CA  1 
ATOM   882  C C   . CYS A 1 102 ? 9.818   -4.113  3.421   1.00 11.27 ? 2890 CYS A C   1 
ATOM   883  O O   . CYS A 1 102 ? 9.484   -3.935  2.249   1.00 11.31 ? 2890 CYS A O   1 
ATOM   884  C CB  . CYS A 1 102 ? 9.642   -6.442  4.345   1.00 12.69 ? 2890 CYS A CB  1 
ATOM   885  S SG  . CYS A 1 102 ? 10.283  -8.129  4.484   1.00 15.09 ? 2890 CYS A SG  1 
ATOM   886  N N   . ALA A 1 103 ? 9.541   -3.239  4.398   1.00 11.04 ? 2891 ALA A N   1 
ATOM   887  C CA  . ALA A 1 103 ? 8.885   -1.967  4.080   1.00 11.19 ? 2891 ALA A CA  1 
ATOM   888  C C   . ALA A 1 103 ? 9.702   -1.074  3.117   1.00 11.56 ? 2891 ALA A C   1 
ATOM   889  O O   . ALA A 1 103 ? 9.129   -0.468  2.186   1.00 11.69 ? 2891 ALA A O   1 
ATOM   890  C CB  . ALA A 1 103 ? 8.512   -1.183  5.359   1.00 11.37 ? 2891 ALA A CB  1 
ATOM   891  N N   A GLU A 1 104 ? 11.014  -0.981  3.359   0.25 11.73 ? 2892 GLU A N   1 
ATOM   892  N N   B GLU A 1 104 ? 11.014  -0.969  3.332   0.25 11.21 ? 2892 GLU A N   1 
ATOM   893  C CA  A GLU A 1 104 ? 11.940  -0.247  2.479   0.25 12.56 ? 2892 GLU A CA  1 
ATOM   894  C CA  B GLU A 1 104 ? 11.864  -0.168  2.437   0.25 11.66 ? 2892 GLU A CA  1 
ATOM   895  C C   A GLU A 1 104 ? 11.870  -0.750  1.036   0.25 12.12 ? 2892 GLU A C   1 
ATOM   896  C C   B GLU A 1 104 ? 11.897  -0.739  1.009   0.25 11.63 ? 2892 GLU A C   1 
ATOM   897  O O   A GLU A 1 104 ? 11.702  0.028   0.089   0.25 12.21 ? 2892 GLU A O   1 
ATOM   898  O O   B GLU A 1 104 ? 11.833  0.018   0.035   0.25 11.78 ? 2892 GLU A O   1 
ATOM   899  C CB  A GLU A 1 104 ? 13.385  -0.391  2.992   0.25 13.67 ? 2892 GLU A CB  1 
ATOM   900  C CB  B GLU A 1 104 ? 13.285  -0.034  3.004   0.25 11.95 ? 2892 GLU A CB  1 
ATOM   901  C CG  A GLU A 1 104 ? 13.703  0.337   4.293   0.25 14.86 ? 2892 GLU A CG  1 
ATOM   902  C CG  B GLU A 1 104 ? 13.385  0.606   4.385   0.25 12.49 ? 2892 GLU A CG  1 
ATOM   903  C CD  A GLU A 1 104 ? 15.124  0.089   4.791   0.25 16.00 ? 2892 GLU A CD  1 
ATOM   904  C CD  B GLU A 1 104 ? 13.336  2.120   4.366   0.25 12.78 ? 2892 GLU A CD  1 
ATOM   905  O OE1 A GLU A 1 104 ? 15.636  -1.041  4.640   0.25 18.05 ? 2892 GLU A OE1 1 
ATOM   906  O OE1 B GLU A 1 104 ? 14.362  2.747   4.730   0.25 14.04 ? 2892 GLU A OE1 1 
ATOM   907  O OE2 A GLU A 1 104 ? 15.733  1.026   5.347   0.25 17.85 ? 2892 GLU A OE2 1 
ATOM   908  O OE2 B GLU A 1 104 ? 12.281  2.674   4.001   0.25 13.28 ? 2892 GLU A OE2 1 
ATOM   909  N N   . VAL A 1 105 ? 11.997  -2.062  0.882   1.00 11.60 ? 2893 VAL A N   1 
ATOM   910  C CA  . VAL A 1 105 ? 11.983  -2.703  -0.450  1.00 11.54 ? 2893 VAL A CA  1 
ATOM   911  C C   . VAL A 1 105 ? 10.643  -2.535  -1.162  1.00 10.68 ? 2893 VAL A C   1 
ATOM   912  O O   . VAL A 1 105 ? 10.569  -2.091  -2.337  1.00 10.86 ? 2893 VAL A O   1 
ATOM   913  C CB  . VAL A 1 105 ? 12.362  -4.224  -0.394  1.00 12.88 ? 2893 VAL A CB  1 
ATOM   914  C CG1 . VAL A 1 105 ? 12.375  -4.809  -1.820  1.00 14.53 ? 2893 VAL A CG1 1 
ATOM   915  C CG2 . VAL A 1 105 ? 13.702  -4.454  0.318   1.00 14.03 ? 2893 VAL A CG2 1 
ATOM   916  N N   . LEU A 1 106 ? 9.565   -2.837  -0.441  1.00 10.26 ? 2894 LEU A N   1 
ATOM   917  C CA  . LEU A 1 106 ? 8.257   -2.840  -1.084  1.00 10.77 ? 2894 LEU A CA  1 
ATOM   918  C C   . LEU A 1 106 ? 7.802   -1.424  -1.400  1.00 10.77 ? 2894 LEU A C   1 
ATOM   919  O O   . LEU A 1 106 ? 7.166   -1.210  -2.442  1.00 10.86 ? 2894 LEU A O   1 
ATOM   920  C CB  . LEU A 1 106 ? 7.205   -3.586  -0.254  1.00 11.44 ? 2894 LEU A CB  1 
ATOM   921  C CG  . LEU A 1 106 ? 5.986   -4.084  -1.040  1.00 12.49 ? 2894 LEU A CG  1 
ATOM   922  C CD1 . LEU A 1 106 ? 6.316   -5.072  -2.159  1.00 12.79 ? 2894 LEU A CD1 1 
ATOM   923  C CD2 . LEU A 1 106 ? 4.945   -4.664  -0.097  1.00 13.30 ? 2894 LEU A CD2 1 
ATOM   924  N N   . GLU A 1 107 ? 8.140   -0.429  -0.567  1.00 10.92 ? 2895 GLU A N   1 
ATOM   925  C CA  . GLU A 1 107 ? 7.769   0.950   -0.924  1.00 11.82 ? 2895 GLU A CA  1 
ATOM   926  C C   . GLU A 1 107 ? 8.473   1.444   -2.201  1.00 11.33 ? 2895 GLU A C   1 
ATOM   927  O O   . GLU A 1 107 ? 7.841   2.103   -3.028  1.00 10.74 ? 2895 GLU A O   1 
ATOM   928  C CB  . GLU A 1 107 ? 7.980   1.932   0.221   1.00 12.65 ? 2895 GLU A CB  1 
ATOM   929  C CG  . GLU A 1 107 ? 7.385   3.307   -0.088  1.00 14.40 ? 2895 GLU A CG  1 
ATOM   930  C CD  . GLU A 1 107 ? 7.255   4.238   1.102   1.00 16.24 ? 2895 GLU A CD  1 
ATOM   931  O OE1 . GLU A 1 107 ? 8.051   4.131   2.040   1.00 19.73 ? 2895 GLU A OE1 1 
ATOM   932  O OE2 . GLU A 1 107 ? 6.372   5.114   1.092   1.00 20.07 ? 2895 GLU A OE2 1 
ATOM   933  N N   . SER A 1 108 ? 9.758   1.076   -2.367  1.00 11.79 ? 2896 SER A N   1 
ATOM   934  C CA  . SER A 1 108 ? 10.514  1.403   -3.596  1.00 12.34 ? 2896 SER A CA  1 
ATOM   935  C C   . SER A 1 108 ? 9.829   0.789   -4.846  1.00 11.19 ? 2896 SER A C   1 
ATOM   936  O O   . SER A 1 108 ? 9.717   1.452   -5.898  1.00 10.96 ? 2896 SER A O   1 
ATOM   937  C CB  . SER A 1 108 ? 12.021  0.952   -3.493  1.00 12.84 ? 2896 SER A CB  1 
ATOM   938  O OG  . SER A 1 108 ? 12.197  -0.447  -3.778  1.00 17.50 ? 2896 SER A OG  1 
ATOM   939  N N   . PHE A 1 109 ? 9.379   -0.454  -4.714  1.00 10.67 ? 2897 PHE A N   1 
ATOM   940  C CA  . PHE A 1 109 ? 8.678   -1.163  -5.788  1.00 10.63 ? 2897 PHE A CA  1 
ATOM   941  C C   . PHE A 1 109 ? 7.341   -0.464  -6.086  1.00 9.98  ? 2897 PHE A C   1 
ATOM   942  O O   . PHE A 1 109 ? 6.979   -0.262  -7.260  1.00 10.07 ? 2897 PHE A O   1 
ATOM   943  C CB  . PHE A 1 109 ? 8.493   -2.627  -5.388  1.00 11.53 ? 2897 PHE A CB  1 
ATOM   944  C CG  . PHE A 1 109 ? 7.819   -3.469  -6.415  1.00 11.72 ? 2897 PHE A CG  1 
ATOM   945  C CD1 . PHE A 1 109 ? 8.479   -3.884  -7.581  1.00 12.89 ? 2897 PHE A CD1 1 
ATOM   946  C CD2 . PHE A 1 109 ? 6.548   -3.962  -6.180  1.00 13.07 ? 2897 PHE A CD2 1 
ATOM   947  C CE1 . PHE A 1 109 ? 7.833   -4.710  -8.489  1.00 13.84 ? 2897 PHE A CE1 1 
ATOM   948  C CE2 . PHE A 1 109 ? 5.918   -4.795  -7.083  1.00 13.42 ? 2897 PHE A CE2 1 
ATOM   949  C CZ  . PHE A 1 109 ? 6.566   -5.183  -8.214  1.00 13.67 ? 2897 PHE A CZ  1 
ATOM   950  N N   . PHE A 1 110 ? 6.587   -0.124  -5.032  1.00 9.89  ? 2898 PHE A N   1 
ATOM   951  C CA  . PHE A 1 110 ? 5.340   0.620   -5.207  1.00 9.87  ? 2898 PHE A CA  1 
ATOM   952  C C   . PHE A 1 110 ? 5.555   1.932   -5.992  1.00 9.63  ? 2898 PHE A C   1 
ATOM   953  O O   . PHE A 1 110 ? 4.780   2.226   -6.907  1.00 10.47 ? 2898 PHE A O   1 
ATOM   954  C CB  . PHE A 1 110 ? 4.662   0.903   -3.855  1.00 9.97  ? 2898 PHE A CB  1 
ATOM   955  C CG  . PHE A 1 110 ? 3.422   1.748   -3.968  1.00 10.08 ? 2898 PHE A CG  1 
ATOM   956  C CD1 . PHE A 1 110 ? 2.297   1.311   -4.669  1.00 10.24 ? 2898 PHE A CD1 1 
ATOM   957  C CD2 . PHE A 1 110 ? 3.382   3.022   -3.415  1.00 10.96 ? 2898 PHE A CD2 1 
ATOM   958  C CE1 . PHE A 1 110 ? 1.153   2.128   -4.782  1.00 11.25 ? 2898 PHE A CE1 1 
ATOM   959  C CE2 . PHE A 1 110 ? 2.233   3.814   -3.497  1.00 11.68 ? 2898 PHE A CE2 1 
ATOM   960  C CZ  . PHE A 1 110 ? 1.139   3.371   -4.196  1.00 11.33 ? 2898 PHE A CZ  1 
ATOM   961  N N   . VAL A 1 111 ? 6.570   2.702   -5.621  1.00 10.33 ? 2899 VAL A N   1 
ATOM   962  C CA  . VAL A 1 111 ? 6.829   3.954   -6.342  1.00 11.08 ? 2899 VAL A CA  1 
ATOM   963  C C   . VAL A 1 111 ? 7.096   3.691   -7.836  1.00 10.71 ? 2899 VAL A C   1 
ATOM   964  O O   . VAL A 1 111 ? 6.592   4.434   -8.698  1.00 11.48 ? 2899 VAL A O   1 
ATOM   965  C CB  . VAL A 1 111 ? 7.946   4.747   -5.657  1.00 11.90 ? 2899 VAL A CB  1 
ATOM   966  C CG1 . VAL A 1 111 ? 8.459   5.896   -6.539  1.00 13.09 ? 2899 VAL A CG1 1 
ATOM   967  C CG2 . VAL A 1 111 ? 7.429   5.314   -4.355  1.00 13.61 ? 2899 VAL A CG2 1 
ATOM   968  N N   . GLN A 1 112 ? 7.895   2.653   -8.145  1.00 10.69 ? 2900 GLN A N   1 
ATOM   969  C CA  . GLN A 1 112 ? 8.126   2.300   -9.573  1.00 10.78 ? 2900 GLN A CA  1 
ATOM   970  C C   . GLN A 1 112 ? 6.813   2.010   -10.311 1.00 10.88 ? 2900 GLN A C   1 
ATOM   971  O O   . GLN A 1 112 ? 6.558   2.526   -11.417 1.00 11.65 ? 2900 GLN A O   1 
ATOM   972  C CB  . GLN A 1 112 ? 9.082   1.090   -9.698  1.00 10.90 ? 2900 GLN A CB  1 
ATOM   973  C CG  . GLN A 1 112 ? 10.520  1.340   -9.275  1.00 10.95 ? 2900 GLN A CG  1 
ATOM   974  C CD  . GLN A 1 112 ? 11.353  0.081   -9.207  1.00 11.33 ? 2900 GLN A CD  1 
ATOM   975  O OE1 . GLN A 1 112 ? 10.878  -1.004  -8.838  1.00 12.36 ? 2900 GLN A OE1 1 
ATOM   976  N NE2 . GLN A 1 112 ? 12.648  0.219   -9.527  1.00 12.12 ? 2900 GLN A NE2 1 
ATOM   977  N N   . LYS A 1 113 ? 5.942   1.199   -9.700  1.00 9.96  ? 2901 LYS A N   1 
ATOM   978  C CA  . LYS A 1 113 ? 4.676   0.826   -10.323 1.00 10.42 ? 2901 LYS A CA  1 
ATOM   979  C C   . LYS A 1 113 ? 3.715   2.021   -10.405 1.00 10.34 ? 2901 LYS A C   1 
ATOM   980  O O   . LYS A 1 113 ? 2.975   2.166   -11.384 1.00 10.74 ? 2901 LYS A O   1 
ATOM   981  C CB  . LYS A 1 113 ? 4.032   -0.344  -9.546  1.00 10.87 ? 2901 LYS A CB  1 
ATOM   982  C CG  . LYS A 1 113 ? 4.762   -1.680  -9.695  1.00 12.29 ? 2901 LYS A CG  1 
ATOM   983  C CD  . LYS A 1 113 ? 4.577   -2.296  -11.077 1.00 13.24 ? 2901 LYS A CD  1 
ATOM   984  C CE  . LYS A 1 113 ? 5.322   -3.621  -11.197 1.00 14.06 ? 2901 LYS A CE  1 
ATOM   985  N NZ  . LYS A 1 113 ? 5.056   -4.250  -12.533 1.00 15.53 ? 2901 LYS A NZ  1 
ATOM   986  N N   . LEU A 1 114 ? 3.694   2.850   -9.371  1.00 11.13 ? 2902 LEU A N   1 
ATOM   987  C CA  . LEU A 1 114 ? 2.830   4.054   -9.336  1.00 11.42 ? 2902 LEU A CA  1 
ATOM   988  C C   . LEU A 1 114 ? 3.209   5.051   -10.452 1.00 11.45 ? 2902 LEU A C   1 
ATOM   989  O O   . LEU A 1 114 ? 2.322   5.633   -11.117 1.00 11.61 ? 2902 LEU A O   1 
ATOM   990  C CB  . LEU A 1 114 ? 2.916   4.695   -7.939  1.00 12.20 ? 2902 LEU A CB  1 
ATOM   991  C CG  . LEU A 1 114 ? 2.124   5.990   -7.737  1.00 13.28 ? 2902 LEU A CG  1 
ATOM   992  C CD1 . LEU A 1 114 ? 0.631   5.697   -7.890  1.00 13.45 ? 2902 LEU A CD1 1 
ATOM   993  C CD2 . LEU A 1 114 ? 2.441   6.649   -6.401  1.00 13.59 ? 2902 LEU A CD2 1 
ATOM   994  N N   . LYS A 1 115 ? 4.514   5.274   -10.651 1.00 11.91 ? 2903 LYS A N   1 
ATOM   995  C CA  . LYS A 1 115 ? 4.975   6.112   -11.805 1.00 12.23 ? 2903 LYS A CA  1 
ATOM   996  C C   . LYS A 1 115 ? 4.489   5.549   -13.142 1.00 11.83 ? 2903 LYS A C   1 
ATOM   997  O O   . LYS A 1 115 ? 4.043   6.299   -14.028 1.00 12.65 ? 2903 LYS A O   1 
ATOM   998  C CB  . LYS A 1 115 ? 6.497   6.267   -11.829 1.00 13.30 ? 2903 LYS A CB  1 
ATOM   999  C CG  . LYS A 1 115 ? 7.031   7.140   -10.720 1.00 15.06 ? 2903 LYS A CG  1 
ATOM   1000 C CD  . LYS A 1 115 ? 8.550   7.171   -10.773 1.00 17.57 ? 2903 LYS A CD  1 
ATOM   1001 C CE  . LYS A 1 115 ? 9.223   7.976   -9.674  1.00 19.07 ? 2903 LYS A CE  1 
ATOM   1002 N NZ  . LYS A 1 115 ? 10.686  8.036   -9.975  1.00 21.04 ? 2903 LYS A NZ  1 
ATOM   1003 N N   . GLY A 1 116 ? 4.558   4.235   -13.303 1.00 11.93 ? 2904 GLY A N   1 
ATOM   1004 C CA  . GLY A 1 116 ? 4.046   3.587   -14.521 1.00 12.57 ? 2904 GLY A CA  1 
ATOM   1005 C C   . GLY A 1 116 ? 2.537   3.827   -14.716 1.00 12.67 ? 2904 GLY A C   1 
ATOM   1006 O O   . GLY A 1 116 ? 2.059   4.147   -15.831 1.00 13.37 ? 2904 GLY A O   1 
ATOM   1007 N N   . PHE A 1 117 ? 1.755   3.666   -13.628 1.00 11.97 ? 2905 PHE A N   1 
ATOM   1008 C CA  . PHE A 1 117 ? 0.303   3.930   -13.662 1.00 12.53 ? 2905 PHE A CA  1 
ATOM   1009 C C   . PHE A 1 117 ? 0.012   5.393   -14.054 1.00 12.67 ? 2905 PHE A C   1 
ATOM   1010 O O   . PHE A 1 117 ? -0.848  5.653   -14.918 1.00 13.20 ? 2905 PHE A O   1 
ATOM   1011 C CB  . PHE A 1 117 ? -0.326  3.603   -12.293 1.00 12.82 ? 2905 PHE A CB  1 
ATOM   1012 C CG  . PHE A 1 117 ? -1.781  3.969   -12.205 1.00 14.29 ? 2905 PHE A CG  1 
ATOM   1013 C CD1 . PHE A 1 117 ? -2.735  3.171   -12.800 1.00 15.49 ? 2905 PHE A CD1 1 
ATOM   1014 C CD2 . PHE A 1 117 ? -2.190  5.157   -11.600 1.00 14.94 ? 2905 PHE A CD2 1 
ATOM   1015 C CE1 . PHE A 1 117 ? -4.092  3.504   -12.736 1.00 16.29 ? 2905 PHE A CE1 1 
ATOM   1016 C CE2 . PHE A 1 117 ? -3.544  5.489   -11.551 1.00 16.19 ? 2905 PHE A CE2 1 
ATOM   1017 C CZ  . PHE A 1 117 ? -4.492  4.652   -12.120 1.00 15.89 ? 2905 PHE A CZ  1 
ATOM   1018 N N   . LYS A 1 118 ? 0.709   6.338   -13.426 1.00 12.60 ? 2906 LYS A N   1 
ATOM   1019 C CA  . LYS A 1 118 ? 0.473   7.757   -13.717 1.00 14.42 ? 2906 LYS A CA  1 
ATOM   1020 C C   . LYS A 1 118 ? 0.755   8.085   -15.194 1.00 15.49 ? 2906 LYS A C   1 
ATOM   1021 O O   . LYS A 1 118 ? -0.012  8.831   -15.832 1.00 16.81 ? 2906 LYS A O   1 
ATOM   1022 C CB  . LYS A 1 118 ? 1.277   8.657   -12.784 1.00 14.80 ? 2906 LYS A CB  1 
ATOM   1023 C CG  . LYS A 1 118 ? 0.792   8.650   -11.322 1.00 15.19 ? 2906 LYS A CG  1 
ATOM   1024 C CD  . LYS A 1 118 ? 1.687   9.496   -10.432 1.00 16.71 ? 2906 LYS A CD  1 
ATOM   1025 C CE  . LYS A 1 118 ? 1.238   9.557   -8.972  1.00 17.48 ? 2906 LYS A CE  1 
ATOM   1026 N NZ  . LYS A 1 118 ? 2.141   10.408  -8.146  1.00 18.94 ? 2906 LYS A NZ  1 
ATOM   1027 N N   . ALA A 1 119 ? 1.838   7.543   -15.739 1.00 15.40 ? 2907 ALA A N   1 
ATOM   1028 C CA  . ALA A 1 119 ? 2.206   7.760   -17.143 1.00 16.64 ? 2907 ALA A CA  1 
ATOM   1029 C C   . ALA A 1 119 ? 1.125   7.252   -18.096 1.00 19.19 ? 2907 ALA A C   1 
ATOM   1030 O O   . ALA A 1 119 ? 0.779   7.926   -19.069 1.00 20.52 ? 2907 ALA A O   1 
ATOM   1031 C CB  . ALA A 1 119 ? 3.559   7.110   -17.436 1.00 16.70 ? 2907 ALA A CB  1 
ATOM   1032 N N   . SER A 1 120 ? 0.592   6.066   -17.825 1.00 20.15 ? 2908 SER A N   1 
ATOM   1033 C CA  . SER A 1 120 ? -0.449  5.452   -18.648 1.00 22.27 ? 2908 SER A CA  1 
ATOM   1034 C C   . SER A 1 120 ? -1.809  6.175   -18.572 1.00 22.25 ? 2908 SER A C   1 
ATOM   1035 O O   . SER A 1 120 ? -2.632  6.000   -19.481 1.00 24.54 ? 2908 SER A O   1 
ATOM   1036 C CB  . SER A 1 120 ? -0.661  3.990   -18.228 1.00 23.06 ? 2908 SER A CB  1 
ATOM   1037 O OG  . SER A 1 120 ? -1.289  3.908   -16.951 1.00 27.18 ? 2908 SER A OG  1 
ATOM   1038 N N   . ARG A 1 121 ? -2.068  6.925   -17.497 1.00 22.51 ? 2909 ARG A N   1 
ATOM   1039 C CA  . ARG A 1 121 ? -3.297  7.730   -17.383 1.00 25.33 ? 2909 ARG A CA  1 
ATOM   1040 C C   . ARG A 1 121 ? -3.258  8.875   -18.382 1.00 30.72 ? 2909 ARG A C   1 
ATOM   1041 O O   . ARG A 1 121 ? -4.285  9.213   -18.943 1.00 31.00 ? 2909 ARG A O   1 
ATOM   1042 C CB  . ARG A 1 121 ? -3.444  8.416   -16.022 1.00 24.79 ? 2909 ARG A CB  1 
ATOM   1043 C CG  . ARG A 1 121 ? -3.862  7.612   -14.812 1.00 23.17 ? 2909 ARG A CG  1 
ATOM   1044 C CD  . ARG A 1 121 ? -4.198  8.578   -13.667 1.00 20.69 ? 2909 ARG A CD  1 
ATOM   1045 N NE  . ARG A 1 121 ? -5.627  8.769   -13.393 1.00 17.75 ? 2909 ARG A NE  1 
ATOM   1046 C CZ  . ARG A 1 121 ? -6.111  9.544   -12.412 1.00 15.44 ? 2909 ARG A CZ  1 
ATOM   1047 N NH1 . ARG A 1 121 ? -5.288  10.248  -11.650 1.00 15.54 ? 2909 ARG A NH1 1 
ATOM   1048 N NH2 . ARG A 1 121 ? -7.409  9.599   -12.178 1.00 15.66 ? 2909 ARG A NH2 1 
ATOM   1049 N N   . SER A 1 122 ? -2.085  9.501   -18.529 1.00 36.00 ? 2910 SER A N   1 
ATOM   1050 C CA  . SER A 1 122 ? -1.928  10.736  -19.315 1.00 41.35 ? 2910 SER A CA  1 
ATOM   1051 C C   . SER A 1 122 ? -1.598  10.507  -20.795 1.00 45.03 ? 2910 SER A C   1 
ATOM   1052 O O   . SER A 1 122 ? -1.687  11.445  -21.594 1.00 48.51 ? 2910 SER A O   1 
ATOM   1053 C CB  . SER A 1 122 ? -0.869  11.641  -18.672 1.00 42.27 ? 2910 SER A CB  1 
ATOM   1054 O OG  . SER A 1 122 ? 0.324   10.936  -18.376 1.00 43.11 ? 2910 SER A OG  1 
ATOM   1055 N N   . HIS A 1 123 ? -1.212  9.282   -21.159 1.00 47.53 ? 2911 HIS A N   1 
ATOM   1056 C CA  . HIS A 1 123 ? -0.925  8.940   -22.558 1.00 48.70 ? 2911 HIS A CA  1 
ATOM   1057 C C   . HIS A 1 123 ? -1.168  7.455   -22.839 1.00 48.74 ? 2911 HIS A C   1 
ATOM   1058 O O   . HIS A 1 123 ? -2.302  7.037   -23.067 1.00 48.26 ? 2911 HIS A O   1 
ATOM   1059 C CB  . HIS A 1 123 ? 0.514   9.340   -22.928 1.00 48.51 ? 2911 HIS A CB  1 
ATOM   1060 C CG  . HIS A 1 123 ? 1.577   8.597   -22.173 1.00 48.78 ? 2911 HIS A CG  1 
ATOM   1061 N ND1 . HIS A 1 123 ? 1.835   7.257   -22.372 1.00 49.28 ? 2911 HIS A ND1 1 
ATOM   1062 C CD2 . HIS A 1 123 ? 2.473   9.016   -21.245 1.00 49.65 ? 2911 HIS A CD2 1 
ATOM   1063 C CE1 . HIS A 1 123 ? 2.827   6.880   -21.586 1.00 47.21 ? 2911 HIS A CE1 1 
ATOM   1064 N NE2 . HIS A 1 123 ? 3.237   7.929   -20.896 1.00 47.66 ? 2911 HIS A NE2 1 
HETATM 1065 S S   . DMS B 2 .   ? 4.267   -14.171 -3.267  1.00 60.35 ? 3001 DMS A S   1 
HETATM 1066 O O   . DMS B 2 .   ? 3.642   -15.483 -2.987  1.00 59.28 ? 3001 DMS A O   1 
HETATM 1067 C C1  . DMS B 2 .   ? 4.032   -13.104 -1.944  1.00 57.46 ? 3001 DMS A C1  1 
HETATM 1068 C C2  . DMS B 2 .   ? 5.965   -14.369 -3.309  1.00 58.76 ? 3001 DMS A C2  1 
HETATM 1069 C C   . TRS C 3 .   ? 5.915   -8.140  -11.609 1.00 52.11 ? 3002 TRS A C   1 
HETATM 1070 C C1  . TRS C 3 .   ? 4.635   -8.761  -12.208 1.00 49.86 ? 3002 TRS A C1  1 
HETATM 1071 C C2  . TRS C 3 .   ? 5.464   -6.910  -10.899 1.00 51.23 ? 3002 TRS A C2  1 
HETATM 1072 C C3  . TRS C 3 .   ? 6.977   -7.756  -12.644 1.00 53.93 ? 3002 TRS A C3  1 
HETATM 1073 N N   . TRS C 3 .   ? 6.550   -8.972  -10.531 1.00 53.85 ? 3002 TRS A N   1 
HETATM 1074 O O1  . TRS C 3 .   ? 3.469   -8.613  -11.371 1.00 40.19 ? 3002 TRS A O1  1 
HETATM 1075 O O2  . TRS C 3 .   ? 5.046   -7.378  -9.617  1.00 53.37 ? 3002 TRS A O2  1 
HETATM 1076 O O3  . TRS C 3 .   ? 8.276   -7.592  -12.048 1.00 54.36 ? 3002 TRS A O3  1 
HETATM 1077 N N1  . HWH D 4 .   ? 4.374   -6.452  11.882  0.70 21.02 ? 3003 HWH A N1  1 
HETATM 1078 C C4  . HWH D 4 .   ? 4.084   -7.035  14.270  0.70 23.94 ? 3003 HWH A C4  1 
HETATM 1079 C C5  . HWH D 4 .   ? 4.291   -8.518  14.241  0.70 25.16 ? 3003 HWH A C5  1 
HETATM 1080 C C6  . HWH D 4 .   ? 3.612   -9.438  13.498  0.70 25.51 ? 3003 HWH A C6  1 
HETATM 1081 C C7  . HWH D 4 .   ? 5.107   -10.619 14.660  0.70 26.45 ? 3003 HWH A C7  1 
HETATM 1082 C C8  . HWH D 4 .   ? 5.266   -9.257  14.998  0.70 26.18 ? 3003 HWH A C8  1 
HETATM 1083 C C10 . HWH D 4 .   ? 7.010   -9.906  16.453  0.70 27.39 ? 3003 HWH A C10 1 
HETATM 1084 C C1  . HWH D 4 .   ? 3.661   -5.785  9.670   0.70 18.46 ? 3003 HWH A C1  1 
HETATM 1085 C C11 . HWH D 4 .   ? 6.866   -11.249 16.126  0.70 27.46 ? 3003 HWH A C11 1 
HETATM 1086 C C12 . HWH D 4 .   ? 5.899   -11.623 15.215  0.70 26.82 ? 3003 HWH A C12 1 
HETATM 1087 C C2  . HWH D 4 .   ? 4.320   -5.464  10.976  0.70 19.09 ? 3003 HWH A C2  1 
HETATM 1088 C C3  . HWH D 4 .   ? 4.906   -6.300  13.230  0.70 22.45 ? 3003 HWH A C3  1 
HETATM 1089 C C9  . HWH D 4 .   ? 6.250   -8.894  15.930  0.70 27.04 ? 3003 HWH A C9  1 
HETATM 1090 F F1  . HWH D 4 .   ? 7.974   -9.578  17.362  0.70 29.33 ? 3003 HWH A F1  1 
HETATM 1091 N N2  . HWH D 4 .   ? 4.094   -10.696 13.743  0.70 26.14 ? 3003 HWH A N2  1 
HETATM 1092 O O1  . HWH D 4 .   ? 4.806   -4.352  11.186  0.70 15.82 ? 3003 HWH A O1  1 
HETATM 1093 O O   . HOH E 5 .   ? 5.598   -8.746  -8.077  1.00 18.00 ? 3101 HOH A O   1 
HETATM 1094 O O   . HOH E 5 .   ? -7.942  -10.399 5.660   1.00 29.02 ? 3102 HOH A O   1 
HETATM 1095 O O   . HOH E 5 .   ? -5.959  -8.343  -5.621  1.00 22.48 ? 3103 HOH A O   1 
HETATM 1096 O O   . HOH E 5 .   ? 1.913   13.128  -9.419  1.00 27.15 ? 3104 HOH A O   1 
HETATM 1097 O O   . HOH E 5 .   ? -15.323 -4.809  -11.159 1.00 40.08 ? 3105 HOH A O   1 
HETATM 1098 O O   . HOH E 5 .   ? -12.800 -1.215  -13.587 1.00 28.01 ? 3106 HOH A O   1 
HETATM 1099 O O   . HOH E 5 .   ? -0.618  5.529   16.470  1.00 21.82 ? 3107 HOH A O   1 
HETATM 1100 O O   . HOH E 5 .   ? 10.831  5.036   12.011  1.00 35.57 ? 3108 HOH A O   1 
HETATM 1101 O O   . HOH E 5 .   ? 3.080   -2.272  10.767  1.00 11.16 ? 3109 HOH A O   1 
HETATM 1102 O O   . HOH E 5 .   ? -6.942  10.999  -9.175  1.00 12.67 ? 3110 HOH A O   1 
HETATM 1103 O O   . HOH E 5 .   ? 10.933  2.501   14.543  1.00 18.71 ? 3111 HOH A O   1 
HETATM 1104 O O   . HOH E 5 .   ? 9.671   -5.771  15.717  1.00 32.61 ? 3112 HOH A O   1 
HETATM 1105 O O   . HOH E 5 .   ? -16.579 2.841   -10.223 1.00 62.52 ? 3113 HOH A O   1 
HETATM 1106 O O   . HOH E 5 .   ? 9.405   4.415   16.192  1.00 16.28 ? 3114 HOH A O   1 
HETATM 1107 O O   . HOH E 5 .   ? -5.510  1.839   20.318  1.00 50.37 ? 3115 HOH A O   1 
HETATM 1108 O O   . HOH E 5 .   ? -5.561  -7.640  -15.467 1.00 24.33 ? 3116 HOH A O   1 
HETATM 1109 O O   . HOH E 5 .   ? -8.675  3.743   14.095  1.00 19.47 ? 3117 HOH A O   1 
HETATM 1110 O O   . HOH E 5 .   ? -8.727  5.734   3.674   1.00 15.44 ? 3118 HOH A O   1 
HETATM 1111 O O   . HOH E 5 .   ? 4.438   15.938  -6.800  1.00 50.33 ? 3119 HOH A O   1 
HETATM 1112 O O   . HOH E 5 .   ? -8.541  15.395  -3.631  1.00 42.35 ? 3120 HOH A O   1 
HETATM 1113 O O   . HOH E 5 .   ? -7.367  14.716  -15.804 1.00 53.96 ? 3121 HOH A O   1 
HETATM 1114 O O   . HOH E 5 .   ? 4.818   16.586  -4.228  1.00 49.66 ? 3122 HOH A O   1 
HETATM 1115 O O   . HOH E 5 .   ? 6.192   7.004   3.027   1.00 26.63 ? 3123 HOH A O   1 
HETATM 1116 O O   . HOH E 5 .   ? -5.165  6.366   4.820   1.00 24.04 ? 3124 HOH A O   1 
HETATM 1117 O O   . HOH E 5 .   ? 2.776   6.699   -24.867 1.00 54.21 ? 3125 HOH A O   1 
HETATM 1118 O O   . HOH E 5 .   ? 16.205  -3.472  8.507   1.00 31.64 ? 3126 HOH A O   1 
HETATM 1119 O O   . HOH E 5 .   ? -0.205  -12.902 -2.490  1.00 18.63 ? 3127 HOH A O   1 
HETATM 1120 O O   . HOH E 5 .   ? 21.127  -5.523  13.967  1.00 53.38 ? 3128 HOH A O   1 
HETATM 1121 O O   . HOH E 5 .   ? -17.764 2.151   -2.093  1.00 24.33 ? 3129 HOH A O   1 
HETATM 1122 O O   . HOH E 5 .   ? -0.710  -1.566  9.783   1.00 12.57 ? 3130 HOH A O   1 
HETATM 1123 O O   . HOH E 5 .   ? 2.190   -12.881 12.490  0.70 21.21 ? 3131 HOH A O   1 
HETATM 1124 O O   . HOH E 5 .   ? -4.799  -11.387 10.358  1.00 32.84 ? 3132 HOH A O   1 
HETATM 1125 O O   . HOH E 5 .   ? -9.593  -8.998  -6.613  1.00 23.75 ? 3133 HOH A O   1 
HETATM 1126 O O   . HOH E 5 .   ? -8.450  -7.295  -13.565 1.00 48.09 ? 3134 HOH A O   1 
HETATM 1127 O O   . HOH E 5 .   ? -0.823  15.505  -1.634  1.00 45.82 ? 3135 HOH A O   1 
HETATM 1128 O O   . HOH E 5 .   ? -14.790 11.849  -7.530  1.00 48.69 ? 3136 HOH A O   1 
HETATM 1129 O O   . HOH E 5 .   ? 12.225  2.734   -0.087  1.00 21.96 ? 3137 HOH A O   1 
HETATM 1130 O O   . HOH E 5 .   ? -5.504  0.202   16.723  1.00 19.02 ? 3138 HOH A O   1 
HETATM 1131 O O   . HOH E 5 .   ? 5.800   7.128   20.351  1.00 14.80 ? 3139 HOH A O   1 
HETATM 1132 O O   . HOH E 5 .   ? -5.242  -3.671  9.060   1.00 14.22 ? 3140 HOH A O   1 
HETATM 1133 O O   . HOH E 5 .   ? -14.046 7.324   -8.728  1.00 31.89 ? 3141 HOH A O   1 
HETATM 1134 O O   . HOH E 5 .   ? -9.580  6.972   -17.921 1.00 33.18 ? 3142 HOH A O   1 
HETATM 1135 O O   . HOH E 5 .   ? 7.568   -12.629 -6.875  1.00 38.07 ? 3143 HOH A O   1 
HETATM 1136 O O   . HOH E 5 .   ? -5.461  2.010   -16.261 1.00 45.94 ? 3144 HOH A O   1 
HETATM 1137 O O   . HOH E 5 .   ? -8.010  4.931   5.602   1.00 32.58 ? 3145 HOH A O   1 
HETATM 1138 O O   . HOH E 5 .   ? -12.700 7.517   4.228   1.00 25.75 ? 3146 HOH A O   1 
HETATM 1139 O O   . HOH E 5 .   ? 0.158   -6.660  8.195   1.00 12.57 ? 3147 HOH A O   1 
HETATM 1140 O O   . HOH E 5 .   ? 4.173   5.190   -0.603  1.00 19.53 ? 3148 HOH A O   1 
HETATM 1141 O O   . HOH E 5 .   ? -7.238  2.090   9.863   1.00 13.88 ? 3149 HOH A O   1 
HETATM 1142 O O   . HOH E 5 .   ? 0.423   -4.156  7.108   1.00 14.04 ? 3150 HOH A O   1 
HETATM 1143 O O   . HOH E 5 .   ? 1.122   7.473   6.693   1.00 17.13 ? 3151 HOH A O   1 
HETATM 1144 O O   . HOH E 5 .   ? 4.605   9.146   -8.532  1.00 27.35 ? 3152 HOH A O   1 
HETATM 1145 O O   . HOH E 5 .   ? -0.934  7.891   4.733   1.00 15.00 ? 3153 HOH A O   1 
HETATM 1146 O O   . HOH E 5 .   ? -12.311 17.292  -8.817  1.00 24.58 ? 3154 HOH A O   1 
HETATM 1147 O O   . HOH E 5 .   ? -5.873  4.699   -16.442 1.00 30.56 ? 3155 HOH A O   1 
HETATM 1148 O O   . HOH E 5 .   ? -10.083 -4.612  7.503   1.00 15.37 ? 3156 HOH A O   1 
HETATM 1149 O O   . HOH E 5 .   ? -6.813  -5.262  -13.824 1.00 32.42 ? 3157 HOH A O   1 
HETATM 1150 O O   . HOH E 5 .   ? 2.227   -4.835  -13.168 1.00 17.52 ? 3158 HOH A O   1 
HETATM 1151 O O   . HOH E 5 .   ? -10.512 -7.498  3.654   1.00 24.11 ? 3159 HOH A O   1 
HETATM 1152 O O   . HOH E 5 .   ? -17.247 -4.789  2.551   1.00 26.69 ? 3160 HOH A O   1 
HETATM 1153 O O   . HOH E 5 .   ? -12.061 11.417  -14.370 1.00 26.22 ? 3161 HOH A O   1 
HETATM 1154 O O   . HOH E 5 .   ? 8.361   6.092   7.856   1.00 21.66 ? 3162 HOH A O   1 
HETATM 1155 O O   . HOH E 5 .   ? -7.362  7.249   1.927   1.00 25.79 ? 3163 HOH A O   1 
HETATM 1156 O O   . HOH E 5 .   ? 6.661   6.172   10.177  1.00 14.03 ? 3164 HOH A O   1 
HETATM 1157 O O   . HOH E 5 .   ? -1.227  10.953  -14.400 1.00 24.23 ? 3165 HOH A O   1 
HETATM 1158 O O   . HOH E 5 .   ? 2.674   0.218   -13.420 1.00 16.10 ? 3166 HOH A O   1 
HETATM 1159 O O   . HOH E 5 .   ? 1.874   -2.196  8.301   1.00 13.82 ? 3167 HOH A O   1 
HETATM 1160 O O   . HOH E 5 .   ? -3.314  -12.212 22.721  1.00 33.60 ? 3168 HOH A O   1 
HETATM 1161 O O   . HOH E 5 .   ? 4.327   -14.526 -6.181  1.00 19.24 ? 3169 HOH A O   1 
HETATM 1162 O O   . HOH E 5 .   ? 6.971   0.046   18.959  1.00 30.68 ? 3170 HOH A O   1 
HETATM 1163 O O   . HOH E 5 .   ? -18.093 -2.284  -6.696  1.00 16.16 ? 3171 HOH A O   1 
HETATM 1164 O O   . HOH E 5 .   ? 11.416  9.252   -12.443 1.00 27.45 ? 3172 HOH A O   1 
HETATM 1165 O O   . HOH E 5 .   ? 1.295   10.139  -5.441  1.00 23.75 ? 3173 HOH A O   1 
HETATM 1166 O O   . HOH E 5 .   ? 4.828   9.037   -14.051 1.00 20.95 ? 3174 HOH A O   1 
HETATM 1167 O O   . HOH E 5 .   ? -3.452  -9.406  0.329   1.00 15.84 ? 3175 HOH A O   1 
HETATM 1168 O O   . HOH E 5 .   ? -8.847  13.011  -2.154  1.00 41.13 ? 3176 HOH A O   1 
HETATM 1169 O O   . HOH E 5 .   ? 5.805   -9.392  19.422  0.70 31.07 ? 3177 HOH A O   1 
HETATM 1170 O O   . HOH E 5 .   ? -17.713 -5.857  -4.274  1.00 14.84 ? 3178 HOH A O   1 
HETATM 1171 O O   . HOH E 5 .   ? -8.517  9.320   -15.742 1.00 28.82 ? 3179 HOH A O   1 
HETATM 1172 O O   . HOH E 5 .   ? 3.490   3.313   -18.178 1.00 19.19 ? 3180 HOH A O   1 
HETATM 1173 O O   . HOH E 5 .   ? -15.629 5.310   -15.864 1.00 32.85 ? 3181 HOH A O   1 
HETATM 1174 O O   . HOH E 5 .   ? 11.525  3.647   -6.340  1.00 14.80 ? 3182 HOH A O   1 
HETATM 1175 O O   . HOH E 5 .   ? -12.708 12.626  -3.357  1.00 28.63 ? 3183 HOH A O   1 
HETATM 1176 O O   . HOH E 5 .   ? -15.133 -1.877  3.628   1.00 20.09 ? 3184 HOH A O   1 
HETATM 1177 O O   . HOH E 5 .   ? -0.549  -10.809 9.201   1.00 20.60 ? 3185 HOH A O   1 
HETATM 1178 O O   . HOH E 5 .   ? -7.649  -11.899 -0.275  1.00 44.92 ? 3186 HOH A O   1 
HETATM 1179 O O   . HOH E 5 .   ? -1.402  -0.421  -13.618 1.00 46.31 ? 3187 HOH A O   1 
HETATM 1180 O O   . HOH E 5 .   ? -1.476  10.601  -1.013  1.00 16.11 ? 3188 HOH A O   1 
HETATM 1181 O O   . HOH E 5 .   ? 17.227  3.787   14.140  1.00 24.97 ? 3189 HOH A O   1 
HETATM 1182 O O   . HOH E 5 .   ? 0.701   5.865   9.126   1.00 18.32 ? 3190 HOH A O   1 
HETATM 1183 O O   . HOH E 5 .   ? 8.437   -10.980 -9.611  1.00 35.89 ? 3191 HOH A O   1 
HETATM 1184 O O   . HOH E 5 .   ? 11.826  -5.319  -6.225  1.00 19.71 ? 3192 HOH A O   1 
HETATM 1185 O O   . HOH E 5 .   ? -6.425  -14.265 20.393  1.00 83.75 ? 3193 HOH A O   1 
HETATM 1186 O O   . HOH E 5 .   ? 0.353   -10.920 6.412   1.00 17.41 ? 3194 HOH A O   1 
HETATM 1187 O O   . HOH E 5 .   ? -2.417  10.826  -11.829 1.00 23.82 ? 3195 HOH A O   1 
HETATM 1188 O O   . HOH E 5 .   ? 15.050  2.287   14.868  1.00 24.97 ? 3196 HOH A O   1 
HETATM 1189 O O   . HOH E 5 .   ? -12.253 -3.705  5.901   1.00 17.32 ? 3197 HOH A O   1 
HETATM 1190 O O   . HOH E 5 .   ? -12.638 -1.106  4.804   1.00 17.78 ? 3198 HOH A O   1 
HETATM 1191 O O   . HOH E 5 .   ? -12.999 7.542   -0.163  1.00 32.68 ? 3199 HOH A O   1 
HETATM 1192 O O   . HOH E 5 .   ? -15.006 4.547   -11.468 1.00 32.53 ? 3200 HOH A O   1 
HETATM 1193 O O   . HOH E 5 .   ? -18.178 0.101   -10.960 1.00 36.67 ? 3201 HOH A O   1 
HETATM 1194 O O   . HOH E 5 .   ? 2.995   -9.257  9.998   0.70 15.18 ? 3202 HOH A O   1 
HETATM 1195 O O   . HOH E 5 .   ? 8.043   -16.348 -1.191  1.00 48.13 ? 3203 HOH A O   1 
HETATM 1196 O O   . HOH E 5 .   ? -2.201  -5.751  19.661  1.00 28.80 ? 3204 HOH A O   1 
HETATM 1197 O O   . HOH E 5 .   ? 9.413   -10.449 -5.989  1.00 20.77 ? 3205 HOH A O   1 
HETATM 1198 O O   . HOH E 5 .   ? 6.391   8.813   4.657   1.00 32.19 ? 3206 HOH A O   1 
HETATM 1199 O O   . HOH E 5 .   ? 3.193   9.083   -0.190  1.00 26.81 ? 3207 HOH A O   1 
HETATM 1200 O O   . HOH E 5 .   ? -15.455 8.568   -12.192 1.00 39.74 ? 3208 HOH A O   1 
HETATM 1201 O O   . HOH E 5 .   ? -15.231 5.410   -7.172  1.00 26.21 ? 3209 HOH A O   1 
HETATM 1202 O O   . HOH E 5 .   ? -1.832  1.115   -15.795 1.00 25.51 ? 3210 HOH A O   1 
HETATM 1203 O O   . HOH E 5 .   ? -2.599  -4.429  9.961   1.00 14.99 ? 3211 HOH A O   1 
HETATM 1204 O O   . HOH E 5 .   ? 1.051   -10.437 11.519  0.70 19.46 ? 3212 HOH A O   1 
HETATM 1205 O O   . HOH E 5 .   ? 10.281  -5.643  -10.723 1.00 24.32 ? 3213 HOH A O   1 
HETATM 1206 O O   . HOH E 5 .   ? -12.901 4.583   -18.198 1.00 26.83 ? 3214 HOH A O   1 
HETATM 1207 O O   . HOH E 5 .   ? 3.304   18.747  -4.273  1.00 50.04 ? 3215 HOH A O   1 
HETATM 1208 O O   . HOH E 5 .   ? -6.565  -6.142  -7.230  1.00 21.20 ? 3216 HOH A O   1 
HETATM 1209 O O   . HOH E 5 .   ? -8.361  -7.694  5.574   1.00 19.76 ? 3217 HOH A O   1 
HETATM 1210 O O   . HOH E 5 .   ? -2.962  12.495  0.762   1.00 35.11 ? 3218 HOH A O   1 
HETATM 1211 O O   . HOH E 5 .   ? -3.652  -1.909  -16.233 1.00 32.98 ? 3219 HOH A O   1 
HETATM 1212 O O   . HOH E 5 .   ? 11.661  5.172   -11.057 1.00 6.85  ? 3220 HOH A O   1 
HETATM 1213 O O   . HOH E 5 .   ? 6.518   3.103   18.530  1.00 29.48 ? 3221 HOH A O   1 
HETATM 1214 O O   . HOH E 5 .   ? -6.375  -8.689  13.382  1.00 23.96 ? 3222 HOH A O   1 
HETATM 1215 O O   . HOH E 5 .   ? 15.129  -6.190  15.496  1.00 46.50 ? 3223 HOH A O   1 
HETATM 1216 O O   . HOH E 5 .   ? 2.602   11.460  -2.183  1.00 34.90 ? 3224 HOH A O   1 
HETATM 1217 O O   . HOH E 5 .   ? 8.393   -8.735  -7.836  1.00 18.45 ? 3225 HOH A O   1 
HETATM 1218 O O   . HOH E 5 .   ? -0.914  19.112  -4.180  1.00 33.53 ? 3226 HOH A O   1 
HETATM 1219 O O   . HOH E 5 .   ? 0.416   9.514   0.792   1.00 19.33 ? 3227 HOH A O   1 
HETATM 1220 O O   . HOH E 5 .   ? 0.748   0.870   -17.427 1.00 29.20 ? 3228 HOH A O   1 
HETATM 1221 O O   . HOH E 5 .   ? 11.671  1.394   16.853  1.00 67.12 ? 3229 HOH A O   1 
HETATM 1222 O O   . HOH E 5 .   ? -6.050  11.461  0.350   1.00 37.18 ? 3230 HOH A O   1 
HETATM 1223 O O   . HOH E 5 .   ? 2.909   -14.156 6.867   1.00 34.78 ? 3231 HOH A O   1 
HETATM 1224 O O   . HOH E 5 .   ? 10.386  4.530   -1.810  1.00 25.97 ? 3232 HOH A O   1 
HETATM 1225 O O   . HOH E 5 .   ? 17.758  -0.136  15.901  1.00 29.22 ? 3233 HOH A O   1 
HETATM 1226 O O   . HOH E 5 .   ? -8.538  12.553  0.484   1.00 55.08 ? 3234 HOH A O   1 
HETATM 1227 O O   . HOH E 5 .   ? -6.129  -15.615 4.557   1.00 50.30 ? 3235 HOH A O   1 
HETATM 1228 O O   . HOH E 5 .   ? 10.794  -7.042  -8.210  1.00 20.42 ? 3236 HOH A O   1 
HETATM 1229 O O   . HOH E 5 .   ? -1.552  7.005   10.359  1.00 27.75 ? 3237 HOH A O   1 
HETATM 1230 O O   . HOH E 5 .   ? 3.488   10.923  -15.652 1.00 28.82 ? 3238 HOH A O   1 
HETATM 1231 O O   . HOH E 5 .   ? -8.006  2.193   -24.818 1.00 36.33 ? 3239 HOH A O   1 
HETATM 1232 O O   . HOH E 5 .   ? 1.108   -2.006  -12.509 1.00 28.17 ? 3240 HOH A O   1 
HETATM 1233 O O   . HOH E 5 .   ? -2.702  -11.902 -1.070  1.00 26.11 ? 3241 HOH A O   1 
HETATM 1234 O O   . HOH E 5 .   ? -0.367  -13.320 -5.336  1.00 18.73 ? 3242 HOH A O   1 
HETATM 1235 O O   . HOH E 5 .   ? -3.386  8.422   5.788   1.00 28.59 ? 3243 HOH A O   1 
HETATM 1236 O O   . HOH E 5 .   ? 4.481   7.373   -2.331  1.00 27.52 ? 3244 HOH A O   1 
HETATM 1237 O O   . HOH E 5 .   ? -15.626 9.390   -8.059  1.00 38.06 ? 3245 HOH A O   1 
HETATM 1238 O O   . HOH E 5 .   ? 4.497   -11.776 9.841   1.00 20.28 ? 3246 HOH A O   1 
HETATM 1239 O O   . HOH E 5 .   ? -1.757  -14.569 3.199   1.00 31.96 ? 3247 HOH A O   1 
HETATM 1240 O O   . HOH E 5 .   ? -11.515 6.663   -19.715 1.00 59.05 ? 3248 HOH A O   1 
HETATM 1241 O O   . HOH E 5 .   ? -0.499  -13.571 5.442   1.00 28.67 ? 3249 HOH A O   1 
HETATM 1242 O O   . HOH E 5 .   ? 7.054   -18.741 -0.289  1.00 27.18 ? 3250 HOH A O   1 
HETATM 1243 O O   . HOH E 5 .   ? 5.192   10.348  -11.391 1.00 29.51 ? 3251 HOH A O   1 
HETATM 1244 O O   . HOH E 5 .   ? -14.815 10.445  -14.287 1.00 38.70 ? 3252 HOH A O   1 
HETATM 1245 O O   . HOH E 5 .   ? -14.953 -0.555  1.267   1.00 14.35 ? 3253 HOH A O   1 
HETATM 1246 O O   . HOH E 5 .   ? -0.090  10.084  3.369   1.00 26.83 ? 3254 HOH A O   1 
HETATM 1247 O O   . HOH E 5 .   ? 5.592   8.243   -4.875  1.00 33.77 ? 3255 HOH A O   1 
# 
